data_1AD6
# 
_entry.id   1AD6 
# 
_audit_conform.dict_name       mmcif_pdbx.dic 
_audit_conform.dict_version    5.385 
_audit_conform.dict_location   http://mmcif.pdb.org/dictionaries/ascii/mmcif_pdbx.dic 
# 
loop_
_database_2.database_id 
_database_2.database_code 
_database_2.pdbx_database_accession 
_database_2.pdbx_DOI 
PDB   1AD6         pdb_00001ad6 10.2210/pdb1ad6/pdb 
WWPDB D_1000170672 ?            ?                   
# 
loop_
_pdbx_audit_revision_history.ordinal 
_pdbx_audit_revision_history.data_content_type 
_pdbx_audit_revision_history.major_revision 
_pdbx_audit_revision_history.minor_revision 
_pdbx_audit_revision_history.revision_date 
1 'Structure model' 1 0 1998-08-26 
2 'Structure model' 1 1 2008-03-24 
3 'Structure model' 1 2 2011-07-13 
4 'Structure model' 1 3 2024-02-07 
# 
_pdbx_audit_revision_details.ordinal             1 
_pdbx_audit_revision_details.revision_ordinal    1 
_pdbx_audit_revision_details.data_content_type   'Structure model' 
_pdbx_audit_revision_details.provider            repository 
_pdbx_audit_revision_details.type                'Initial release' 
_pdbx_audit_revision_details.description         ? 
_pdbx_audit_revision_details.details             ? 
# 
loop_
_pdbx_audit_revision_group.ordinal 
_pdbx_audit_revision_group.revision_ordinal 
_pdbx_audit_revision_group.data_content_type 
_pdbx_audit_revision_group.group 
1 2 'Structure model' 'Version format compliance' 
2 3 'Structure model' 'Version format compliance' 
3 4 'Structure model' 'Data collection'           
4 4 'Structure model' 'Database references'       
# 
loop_
_pdbx_audit_revision_category.ordinal 
_pdbx_audit_revision_category.revision_ordinal 
_pdbx_audit_revision_category.data_content_type 
_pdbx_audit_revision_category.category 
1 4 'Structure model' chem_comp_atom 
2 4 'Structure model' chem_comp_bond 
3 4 'Structure model' database_2     
# 
loop_
_pdbx_audit_revision_item.ordinal 
_pdbx_audit_revision_item.revision_ordinal 
_pdbx_audit_revision_item.data_content_type 
_pdbx_audit_revision_item.item 
1 4 'Structure model' '_database_2.pdbx_DOI'                
2 4 'Structure model' '_database_2.pdbx_database_accession' 
# 
_pdbx_database_status.status_code                     REL 
_pdbx_database_status.entry_id                        1AD6 
_pdbx_database_status.recvd_initial_deposition_date   1997-02-21 
_pdbx_database_status.deposit_site                    ? 
_pdbx_database_status.process_site                    BNL 
_pdbx_database_status.status_code_sf                  REL 
_pdbx_database_status.status_code_mr                  ? 
_pdbx_database_status.SG_entry                        ? 
_pdbx_database_status.pdb_format_compatible           Y 
_pdbx_database_status.status_code_cs                  ? 
_pdbx_database_status.status_code_nmr_data            ? 
_pdbx_database_status.methods_development_category    ? 
# 
loop_
_audit_author.name 
_audit_author.pdbx_ordinal 
'Kim, H.Y.' 1 
'Cho, Y.'   2 
# 
_citation.id                        primary 
_citation.title                     
'Structural similarity between the pocket region of retinoblastoma tumour suppressor and the cyclin-box.' 
_citation.journal_abbrev            Nat.Struct.Biol. 
_citation.journal_volume            4 
_citation.page_first                390 
_citation.page_last                 395 
_citation.year                      1997 
_citation.journal_id_ASTM           NSBIEW 
_citation.country                   US 
_citation.journal_id_ISSN           1072-8368 
_citation.journal_id_CSD            2024 
_citation.book_publisher            ? 
_citation.pdbx_database_id_PubMed   9145110 
_citation.pdbx_database_id_DOI      10.1038/nsb0597-390 
# 
loop_
_citation_author.citation_id 
_citation_author.name 
_citation_author.ordinal 
_citation_author.identifier_ORCID 
primary 'Kim, H.Y.' 1 ? 
primary 'Cho, Y.'   2 ? 
# 
loop_
_entity.id 
_entity.type 
_entity.src_method 
_entity.pdbx_description 
_entity.formula_weight 
_entity.pdbx_number_of_molecules 
_entity.pdbx_ec 
_entity.pdbx_mutation 
_entity.pdbx_fragment 
_entity.details 
1 polymer man 'RETINOBLASTOMA TUMOR SUPPRESSOR' 21335.744 1  ? ? 'DOMAIN A' ? 
2 water   nat water                             18.015    76 ? ? ?          ? 
# 
_entity_poly.entity_id                      1 
_entity_poly.type                           'polypeptide(L)' 
_entity_poly.nstd_linkage                   no 
_entity_poly.nstd_monomer                   no 
_entity_poly.pdbx_seq_one_letter_code       
;VMNTIQQLMMILNSASDQPSENLISYFNNCTVNPKESILKRVKDIGYIFKEKFAKAVGQGCVEIGSQRYKLGVRLYYRVM
ESMLKSEEERLSIQNFSKLLNDNIFHMSLLACALEVVMATYSRSTSQNLDSGTDLSFPWILNVLNLKAFDFYKVIESFIK
AEGNLTREMIKHLERCEHRIMESLA
;
_entity_poly.pdbx_seq_one_letter_code_can   
;VMNTIQQLMMILNSASDQPSENLISYFNNCTVNPKESILKRVKDIGYIFKEKFAKAVGQGCVEIGSQRYKLGVRLYYRVM
ESMLKSEEERLSIQNFSKLLNDNIFHMSLLACALEVVMATYSRSTSQNLDSGTDLSFPWILNVLNLKAFDFYKVIESFIK
AEGNLTREMIKHLERCEHRIMESLA
;
_entity_poly.pdbx_strand_id                 A 
_entity_poly.pdbx_target_identifier         ? 
# 
_pdbx_entity_nonpoly.entity_id   2 
_pdbx_entity_nonpoly.name        water 
_pdbx_entity_nonpoly.comp_id     HOH 
# 
loop_
_entity_poly_seq.entity_id 
_entity_poly_seq.num 
_entity_poly_seq.mon_id 
_entity_poly_seq.hetero 
1 1   VAL n 
1 2   MET n 
1 3   ASN n 
1 4   THR n 
1 5   ILE n 
1 6   GLN n 
1 7   GLN n 
1 8   LEU n 
1 9   MET n 
1 10  MET n 
1 11  ILE n 
1 12  LEU n 
1 13  ASN n 
1 14  SER n 
1 15  ALA n 
1 16  SER n 
1 17  ASP n 
1 18  GLN n 
1 19  PRO n 
1 20  SER n 
1 21  GLU n 
1 22  ASN n 
1 23  LEU n 
1 24  ILE n 
1 25  SER n 
1 26  TYR n 
1 27  PHE n 
1 28  ASN n 
1 29  ASN n 
1 30  CYS n 
1 31  THR n 
1 32  VAL n 
1 33  ASN n 
1 34  PRO n 
1 35  LYS n 
1 36  GLU n 
1 37  SER n 
1 38  ILE n 
1 39  LEU n 
1 40  LYS n 
1 41  ARG n 
1 42  VAL n 
1 43  LYS n 
1 44  ASP n 
1 45  ILE n 
1 46  GLY n 
1 47  TYR n 
1 48  ILE n 
1 49  PHE n 
1 50  LYS n 
1 51  GLU n 
1 52  LYS n 
1 53  PHE n 
1 54  ALA n 
1 55  LYS n 
1 56  ALA n 
1 57  VAL n 
1 58  GLY n 
1 59  GLN n 
1 60  GLY n 
1 61  CYS n 
1 62  VAL n 
1 63  GLU n 
1 64  ILE n 
1 65  GLY n 
1 66  SER n 
1 67  GLN n 
1 68  ARG n 
1 69  TYR n 
1 70  LYS n 
1 71  LEU n 
1 72  GLY n 
1 73  VAL n 
1 74  ARG n 
1 75  LEU n 
1 76  TYR n 
1 77  TYR n 
1 78  ARG n 
1 79  VAL n 
1 80  MET n 
1 81  GLU n 
1 82  SER n 
1 83  MET n 
1 84  LEU n 
1 85  LYS n 
1 86  SER n 
1 87  GLU n 
1 88  GLU n 
1 89  GLU n 
1 90  ARG n 
1 91  LEU n 
1 92  SER n 
1 93  ILE n 
1 94  GLN n 
1 95  ASN n 
1 96  PHE n 
1 97  SER n 
1 98  LYS n 
1 99  LEU n 
1 100 LEU n 
1 101 ASN n 
1 102 ASP n 
1 103 ASN n 
1 104 ILE n 
1 105 PHE n 
1 106 HIS n 
1 107 MET n 
1 108 SER n 
1 109 LEU n 
1 110 LEU n 
1 111 ALA n 
1 112 CYS n 
1 113 ALA n 
1 114 LEU n 
1 115 GLU n 
1 116 VAL n 
1 117 VAL n 
1 118 MET n 
1 119 ALA n 
1 120 THR n 
1 121 TYR n 
1 122 SER n 
1 123 ARG n 
1 124 SER n 
1 125 THR n 
1 126 SER n 
1 127 GLN n 
1 128 ASN n 
1 129 LEU n 
1 130 ASP n 
1 131 SER n 
1 132 GLY n 
1 133 THR n 
1 134 ASP n 
1 135 LEU n 
1 136 SER n 
1 137 PHE n 
1 138 PRO n 
1 139 TRP n 
1 140 ILE n 
1 141 LEU n 
1 142 ASN n 
1 143 VAL n 
1 144 LEU n 
1 145 ASN n 
1 146 LEU n 
1 147 LYS n 
1 148 ALA n 
1 149 PHE n 
1 150 ASP n 
1 151 PHE n 
1 152 TYR n 
1 153 LYS n 
1 154 VAL n 
1 155 ILE n 
1 156 GLU n 
1 157 SER n 
1 158 PHE n 
1 159 ILE n 
1 160 LYS n 
1 161 ALA n 
1 162 GLU n 
1 163 GLY n 
1 164 ASN n 
1 165 LEU n 
1 166 THR n 
1 167 ARG n 
1 168 GLU n 
1 169 MET n 
1 170 ILE n 
1 171 LYS n 
1 172 HIS n 
1 173 LEU n 
1 174 GLU n 
1 175 ARG n 
1 176 CYS n 
1 177 GLU n 
1 178 HIS n 
1 179 ARG n 
1 180 ILE n 
1 181 MET n 
1 182 GLU n 
1 183 SER n 
1 184 LEU n 
1 185 ALA n 
# 
_entity_src_gen.entity_id                          1 
_entity_src_gen.pdbx_src_id                        1 
_entity_src_gen.pdbx_alt_source_flag               sample 
_entity_src_gen.pdbx_seq_type                      ? 
_entity_src_gen.pdbx_beg_seq_num                   ? 
_entity_src_gen.pdbx_end_seq_num                   ? 
_entity_src_gen.gene_src_common_name               human 
_entity_src_gen.gene_src_genus                     Homo 
_entity_src_gen.pdbx_gene_src_gene                 ? 
_entity_src_gen.gene_src_species                   ? 
_entity_src_gen.gene_src_strain                    ? 
_entity_src_gen.gene_src_tissue                    ? 
_entity_src_gen.gene_src_tissue_fraction           ? 
_entity_src_gen.gene_src_details                   ? 
_entity_src_gen.pdbx_gene_src_fragment             ? 
_entity_src_gen.pdbx_gene_src_scientific_name      'Homo sapiens' 
_entity_src_gen.pdbx_gene_src_ncbi_taxonomy_id     9606 
_entity_src_gen.pdbx_gene_src_variant              ? 
_entity_src_gen.pdbx_gene_src_cell_line            BL21 
_entity_src_gen.pdbx_gene_src_atcc                 ? 
_entity_src_gen.pdbx_gene_src_organ                ? 
_entity_src_gen.pdbx_gene_src_organelle            ? 
_entity_src_gen.pdbx_gene_src_cell                 ? 
_entity_src_gen.pdbx_gene_src_cellular_location    ? 
_entity_src_gen.host_org_common_name               ? 
_entity_src_gen.pdbx_host_org_scientific_name      'Escherichia coli BL21(DE3)' 
_entity_src_gen.pdbx_host_org_ncbi_taxonomy_id     469008 
_entity_src_gen.host_org_genus                     Escherichia 
_entity_src_gen.pdbx_host_org_gene                 ? 
_entity_src_gen.pdbx_host_org_organ                ? 
_entity_src_gen.host_org_species                   'Escherichia coli' 
_entity_src_gen.pdbx_host_org_tissue               ? 
_entity_src_gen.pdbx_host_org_tissue_fraction      ? 
_entity_src_gen.pdbx_host_org_strain               'BL21 (DE3)' 
_entity_src_gen.pdbx_host_org_variant              ? 
_entity_src_gen.pdbx_host_org_cell_line            ? 
_entity_src_gen.pdbx_host_org_atcc                 ? 
_entity_src_gen.pdbx_host_org_culture_collection   ? 
_entity_src_gen.pdbx_host_org_cell                 ? 
_entity_src_gen.pdbx_host_org_organelle            ? 
_entity_src_gen.pdbx_host_org_cellular_location    ? 
_entity_src_gen.pdbx_host_org_vector_type          ? 
_entity_src_gen.pdbx_host_org_vector               ? 
_entity_src_gen.host_org_details                   ? 
_entity_src_gen.expression_system_id               ? 
_entity_src_gen.plasmid_name                       PET15B 
_entity_src_gen.plasmid_details                    ? 
_entity_src_gen.pdbx_description                   ? 
# 
loop_
_chem_comp.id 
_chem_comp.type 
_chem_comp.mon_nstd_flag 
_chem_comp.name 
_chem_comp.pdbx_synonyms 
_chem_comp.formula 
_chem_comp.formula_weight 
ALA 'L-peptide linking' y ALANINE         ? 'C3 H7 N O2'     89.093  
ARG 'L-peptide linking' y ARGININE        ? 'C6 H15 N4 O2 1' 175.209 
ASN 'L-peptide linking' y ASPARAGINE      ? 'C4 H8 N2 O3'    132.118 
ASP 'L-peptide linking' y 'ASPARTIC ACID' ? 'C4 H7 N O4'     133.103 
CYS 'L-peptide linking' y CYSTEINE        ? 'C3 H7 N O2 S'   121.158 
GLN 'L-peptide linking' y GLUTAMINE       ? 'C5 H10 N2 O3'   146.144 
GLU 'L-peptide linking' y 'GLUTAMIC ACID' ? 'C5 H9 N O4'     147.129 
GLY 'peptide linking'   y GLYCINE         ? 'C2 H5 N O2'     75.067  
HIS 'L-peptide linking' y HISTIDINE       ? 'C6 H10 N3 O2 1' 156.162 
HOH non-polymer         . WATER           ? 'H2 O'           18.015  
ILE 'L-peptide linking' y ISOLEUCINE      ? 'C6 H13 N O2'    131.173 
LEU 'L-peptide linking' y LEUCINE         ? 'C6 H13 N O2'    131.173 
LYS 'L-peptide linking' y LYSINE          ? 'C6 H15 N2 O2 1' 147.195 
MET 'L-peptide linking' y METHIONINE      ? 'C5 H11 N O2 S'  149.211 
PHE 'L-peptide linking' y PHENYLALANINE   ? 'C9 H11 N O2'    165.189 
PRO 'L-peptide linking' y PROLINE         ? 'C5 H9 N O2'     115.130 
SER 'L-peptide linking' y SERINE          ? 'C3 H7 N O3'     105.093 
THR 'L-peptide linking' y THREONINE       ? 'C4 H9 N O3'     119.119 
TRP 'L-peptide linking' y TRYPTOPHAN      ? 'C11 H12 N2 O2'  204.225 
TYR 'L-peptide linking' y TYROSINE        ? 'C9 H11 N O3'    181.189 
VAL 'L-peptide linking' y VALINE          ? 'C5 H11 N O2'    117.146 
# 
loop_
_pdbx_poly_seq_scheme.asym_id 
_pdbx_poly_seq_scheme.entity_id 
_pdbx_poly_seq_scheme.seq_id 
_pdbx_poly_seq_scheme.mon_id 
_pdbx_poly_seq_scheme.ndb_seq_num 
_pdbx_poly_seq_scheme.pdb_seq_num 
_pdbx_poly_seq_scheme.auth_seq_num 
_pdbx_poly_seq_scheme.pdb_mon_id 
_pdbx_poly_seq_scheme.auth_mon_id 
_pdbx_poly_seq_scheme.pdb_strand_id 
_pdbx_poly_seq_scheme.pdb_ins_code 
_pdbx_poly_seq_scheme.hetero 
A 1 1   VAL 1   378 378 VAL VAL A . n 
A 1 2   MET 2   379 379 MET MET A . n 
A 1 3   ASN 3   380 380 ASN ASN A . n 
A 1 4   THR 4   381 381 THR THR A . n 
A 1 5   ILE 5   382 382 ILE ILE A . n 
A 1 6   GLN 6   383 383 GLN GLN A . n 
A 1 7   GLN 7   384 384 GLN GLN A . n 
A 1 8   LEU 8   385 385 LEU LEU A . n 
A 1 9   MET 9   386 386 MET MET A . n 
A 1 10  MET 10  387 387 MET MET A . n 
A 1 11  ILE 11  388 388 ILE ILE A . n 
A 1 12  LEU 12  389 389 LEU LEU A . n 
A 1 13  ASN 13  390 390 ASN ASN A . n 
A 1 14  SER 14  391 391 SER SER A . n 
A 1 15  ALA 15  392 392 ALA ALA A . n 
A 1 16  SER 16  393 393 SER SER A . n 
A 1 17  ASP 17  394 394 ASP ASP A . n 
A 1 18  GLN 18  395 395 GLN GLN A . n 
A 1 19  PRO 19  396 396 PRO PRO A . n 
A 1 20  SER 20  397 397 SER SER A . n 
A 1 21  GLU 21  398 398 GLU GLU A . n 
A 1 22  ASN 22  399 399 ASN ASN A . n 
A 1 23  LEU 23  400 400 LEU LEU A . n 
A 1 24  ILE 24  401 401 ILE ILE A . n 
A 1 25  SER 25  402 402 SER SER A . n 
A 1 26  TYR 26  403 403 TYR TYR A . n 
A 1 27  PHE 27  404 404 PHE PHE A . n 
A 1 28  ASN 28  405 405 ASN ASN A . n 
A 1 29  ASN 29  406 406 ASN ASN A . n 
A 1 30  CYS 30  407 407 CYS CYS A . n 
A 1 31  THR 31  408 408 THR THR A . n 
A 1 32  VAL 32  409 409 VAL VAL A . n 
A 1 33  ASN 33  410 410 ASN ASN A . n 
A 1 34  PRO 34  411 411 PRO PRO A . n 
A 1 35  LYS 35  412 412 LYS LYS A . n 
A 1 36  GLU 36  413 413 GLU GLU A . n 
A 1 37  SER 37  414 414 SER SER A . n 
A 1 38  ILE 38  415 415 ILE ILE A . n 
A 1 39  LEU 39  416 416 LEU LEU A . n 
A 1 40  LYS 40  417 417 LYS LYS A . n 
A 1 41  ARG 41  418 418 ARG ARG A . n 
A 1 42  VAL 42  419 419 VAL VAL A . n 
A 1 43  LYS 43  420 420 LYS LYS A . n 
A 1 44  ASP 44  421 421 ASP ASP A . n 
A 1 45  ILE 45  422 422 ILE ILE A . n 
A 1 46  GLY 46  423 423 GLY GLY A . n 
A 1 47  TYR 47  424 424 TYR TYR A . n 
A 1 48  ILE 48  425 425 ILE ILE A . n 
A 1 49  PHE 49  426 426 PHE PHE A . n 
A 1 50  LYS 50  427 427 LYS LYS A . n 
A 1 51  GLU 51  428 428 GLU GLU A . n 
A 1 52  LYS 52  429 429 LYS LYS A . n 
A 1 53  PHE 53  430 430 PHE PHE A . n 
A 1 54  ALA 54  431 431 ALA ALA A . n 
A 1 55  LYS 55  432 432 LYS LYS A . n 
A 1 56  ALA 56  433 433 ALA ALA A . n 
A 1 57  VAL 57  434 434 VAL VAL A . n 
A 1 58  GLY 58  435 435 GLY GLY A . n 
A 1 59  GLN 59  436 436 GLN GLN A . n 
A 1 60  GLY 60  437 437 GLY GLY A . n 
A 1 61  CYS 61  438 438 CYS CYS A . n 
A 1 62  VAL 62  439 439 VAL VAL A . n 
A 1 63  GLU 63  440 440 GLU GLU A . n 
A 1 64  ILE 64  441 441 ILE ILE A . n 
A 1 65  GLY 65  442 442 GLY GLY A . n 
A 1 66  SER 66  443 443 SER SER A . n 
A 1 67  GLN 67  444 444 GLN GLN A . n 
A 1 68  ARG 68  445 445 ARG ARG A . n 
A 1 69  TYR 69  446 446 TYR TYR A . n 
A 1 70  LYS 70  447 447 LYS LYS A . n 
A 1 71  LEU 71  448 448 LEU LEU A . n 
A 1 72  GLY 72  449 449 GLY GLY A . n 
A 1 73  VAL 73  450 450 VAL VAL A . n 
A 1 74  ARG 74  451 451 ARG ARG A . n 
A 1 75  LEU 75  452 452 LEU LEU A . n 
A 1 76  TYR 76  453 453 TYR TYR A . n 
A 1 77  TYR 77  454 454 TYR TYR A . n 
A 1 78  ARG 78  455 455 ARG ARG A . n 
A 1 79  VAL 79  456 456 VAL VAL A . n 
A 1 80  MET 80  457 457 MET MET A . n 
A 1 81  GLU 81  458 458 GLU GLU A . n 
A 1 82  SER 82  459 459 SER SER A . n 
A 1 83  MET 83  460 460 MET MET A . n 
A 1 84  LEU 84  461 461 LEU LEU A . n 
A 1 85  LYS 85  462 462 LYS LYS A . n 
A 1 86  SER 86  463 463 SER SER A . n 
A 1 87  GLU 87  464 464 GLU GLU A . n 
A 1 88  GLU 88  465 465 GLU GLU A . n 
A 1 89  GLU 89  466 466 GLU GLU A . n 
A 1 90  ARG 90  467 467 ARG ARG A . n 
A 1 91  LEU 91  468 468 LEU LEU A . n 
A 1 92  SER 92  469 469 SER SER A . n 
A 1 93  ILE 93  470 470 ILE ILE A . n 
A 1 94  GLN 94  471 471 GLN GLN A . n 
A 1 95  ASN 95  472 472 ASN ASN A . n 
A 1 96  PHE 96  473 473 PHE PHE A . n 
A 1 97  SER 97  474 474 SER SER A . n 
A 1 98  LYS 98  475 475 LYS LYS A . n 
A 1 99  LEU 99  476 476 LEU LEU A . n 
A 1 100 LEU 100 477 477 LEU LEU A . n 
A 1 101 ASN 101 478 478 ASN ASN A . n 
A 1 102 ASP 102 479 479 ASP ASP A . n 
A 1 103 ASN 103 480 480 ASN ASN A . n 
A 1 104 ILE 104 481 481 ILE ILE A . n 
A 1 105 PHE 105 482 482 PHE PHE A . n 
A 1 106 HIS 106 483 483 HIS HIS A . n 
A 1 107 MET 107 484 484 MET MET A . n 
A 1 108 SER 108 485 485 SER SER A . n 
A 1 109 LEU 109 486 486 LEU LEU A . n 
A 1 110 LEU 110 487 487 LEU LEU A . n 
A 1 111 ALA 111 488 488 ALA ALA A . n 
A 1 112 CYS 112 489 489 CYS CYS A . n 
A 1 113 ALA 113 490 490 ALA ALA A . n 
A 1 114 LEU 114 491 491 LEU LEU A . n 
A 1 115 GLU 115 492 492 GLU GLU A . n 
A 1 116 VAL 116 493 493 VAL VAL A . n 
A 1 117 VAL 117 494 494 VAL VAL A . n 
A 1 118 MET 118 495 495 MET MET A . n 
A 1 119 ALA 119 496 496 ALA ALA A . n 
A 1 120 THR 120 497 497 THR THR A . n 
A 1 121 TYR 121 498 498 TYR TYR A . n 
A 1 122 SER 122 499 499 SER SER A . n 
A 1 123 ARG 123 500 500 ARG ARG A . n 
A 1 124 SER 124 501 501 SER SER A . n 
A 1 125 THR 125 502 502 THR THR A . n 
A 1 126 SER 126 503 503 SER SER A . n 
A 1 127 GLN 127 504 504 GLN GLN A . n 
A 1 128 ASN 128 505 505 ASN ASN A . n 
A 1 129 LEU 129 506 506 LEU LEU A . n 
A 1 130 ASP 130 507 507 ASP ASP A . n 
A 1 131 SER 131 508 508 SER SER A . n 
A 1 132 GLY 132 509 509 GLY GLY A . n 
A 1 133 THR 133 510 510 THR THR A . n 
A 1 134 ASP 134 511 511 ASP ASP A . n 
A 1 135 LEU 135 512 512 LEU LEU A . n 
A 1 136 SER 136 513 513 SER SER A . n 
A 1 137 PHE 137 514 514 PHE PHE A . n 
A 1 138 PRO 138 515 515 PRO PRO A . n 
A 1 139 TRP 139 516 516 TRP TRP A . n 
A 1 140 ILE 140 517 517 ILE ILE A . n 
A 1 141 LEU 141 518 518 LEU LEU A . n 
A 1 142 ASN 142 519 519 ASN ASN A . n 
A 1 143 VAL 143 520 520 VAL VAL A . n 
A 1 144 LEU 144 521 521 LEU LEU A . n 
A 1 145 ASN 145 522 522 ASN ASN A . n 
A 1 146 LEU 146 523 523 LEU LEU A . n 
A 1 147 LYS 147 524 524 LYS LYS A . n 
A 1 148 ALA 148 525 525 ALA ALA A . n 
A 1 149 PHE 149 526 526 PHE PHE A . n 
A 1 150 ASP 150 527 527 ASP ASP A . n 
A 1 151 PHE 151 528 528 PHE PHE A . n 
A 1 152 TYR 152 529 529 TYR TYR A . n 
A 1 153 LYS 153 530 530 LYS LYS A . n 
A 1 154 VAL 154 531 531 VAL VAL A . n 
A 1 155 ILE 155 532 532 ILE ILE A . n 
A 1 156 GLU 156 533 533 GLU GLU A . n 
A 1 157 SER 157 534 534 SER SER A . n 
A 1 158 PHE 158 535 535 PHE PHE A . n 
A 1 159 ILE 159 536 536 ILE ILE A . n 
A 1 160 LYS 160 537 537 LYS LYS A . n 
A 1 161 ALA 161 538 538 ALA ALA A . n 
A 1 162 GLU 162 539 539 GLU GLU A . n 
A 1 163 GLY 163 540 540 GLY GLY A . n 
A 1 164 ASN 164 541 541 ASN ASN A . n 
A 1 165 LEU 165 542 542 LEU LEU A . n 
A 1 166 THR 166 543 543 THR THR A . n 
A 1 167 ARG 167 544 544 ARG ARG A . n 
A 1 168 GLU 168 545 545 GLU GLU A . n 
A 1 169 MET 169 546 546 MET MET A . n 
A 1 170 ILE 170 547 547 ILE ILE A . n 
A 1 171 LYS 171 548 548 LYS LYS A . n 
A 1 172 HIS 172 549 549 HIS HIS A . n 
A 1 173 LEU 173 550 550 LEU LEU A . n 
A 1 174 GLU 174 551 551 GLU GLU A . n 
A 1 175 ARG 175 552 552 ARG ARG A . n 
A 1 176 CYS 176 553 553 CYS CYS A . n 
A 1 177 GLU 177 554 554 GLU GLU A . n 
A 1 178 HIS 178 555 555 HIS HIS A . n 
A 1 179 ARG 179 556 556 ARG ARG A . n 
A 1 180 ILE 180 557 557 ILE ILE A . n 
A 1 181 MET 181 558 558 MET MET A . n 
A 1 182 GLU 182 559 559 GLU GLU A . n 
A 1 183 SER 183 560 560 SER SER A . n 
A 1 184 LEU 184 561 561 LEU LEU A . n 
A 1 185 ALA 185 562 562 ALA ALA A . n 
# 
loop_
_pdbx_nonpoly_scheme.asym_id 
_pdbx_nonpoly_scheme.entity_id 
_pdbx_nonpoly_scheme.mon_id 
_pdbx_nonpoly_scheme.ndb_seq_num 
_pdbx_nonpoly_scheme.pdb_seq_num 
_pdbx_nonpoly_scheme.auth_seq_num 
_pdbx_nonpoly_scheme.pdb_mon_id 
_pdbx_nonpoly_scheme.auth_mon_id 
_pdbx_nonpoly_scheme.pdb_strand_id 
_pdbx_nonpoly_scheme.pdb_ins_code 
B 2 HOH 1  1  1  HOH HOH A . 
B 2 HOH 2  2  2  HOH HOH A . 
B 2 HOH 3  3  3  HOH HOH A . 
B 2 HOH 4  4  4  HOH HOH A . 
B 2 HOH 5  5  5  HOH HOH A . 
B 2 HOH 6  6  6  HOH HOH A . 
B 2 HOH 7  7  7  HOH HOH A . 
B 2 HOH 8  8  8  HOH HOH A . 
B 2 HOH 9  9  9  HOH HOH A . 
B 2 HOH 10 10 10 HOH HOH A . 
B 2 HOH 11 11 11 HOH HOH A . 
B 2 HOH 12 12 12 HOH HOH A . 
B 2 HOH 13 13 13 HOH HOH A . 
B 2 HOH 14 14 14 HOH HOH A . 
B 2 HOH 15 15 15 HOH HOH A . 
B 2 HOH 16 16 16 HOH HOH A . 
B 2 HOH 17 17 17 HOH HOH A . 
B 2 HOH 18 18 18 HOH HOH A . 
B 2 HOH 19 19 19 HOH HOH A . 
B 2 HOH 20 20 20 HOH HOH A . 
B 2 HOH 21 21 21 HOH HOH A . 
B 2 HOH 22 22 22 HOH HOH A . 
B 2 HOH 23 23 23 HOH HOH A . 
B 2 HOH 24 24 24 HOH HOH A . 
B 2 HOH 25 25 25 HOH HOH A . 
B 2 HOH 26 26 26 HOH HOH A . 
B 2 HOH 27 27 27 HOH HOH A . 
B 2 HOH 28 28 28 HOH HOH A . 
B 2 HOH 29 29 29 HOH HOH A . 
B 2 HOH 30 30 30 HOH HOH A . 
B 2 HOH 31 31 31 HOH HOH A . 
B 2 HOH 32 32 32 HOH HOH A . 
B 2 HOH 33 33 33 HOH HOH A . 
B 2 HOH 34 34 34 HOH HOH A . 
B 2 HOH 35 35 35 HOH HOH A . 
B 2 HOH 36 36 36 HOH HOH A . 
B 2 HOH 37 37 37 HOH HOH A . 
B 2 HOH 38 38 38 HOH HOH A . 
B 2 HOH 39 39 39 HOH HOH A . 
B 2 HOH 40 40 40 HOH HOH A . 
B 2 HOH 41 41 41 HOH HOH A . 
B 2 HOH 42 43 43 HOH HOH A . 
B 2 HOH 43 44 44 HOH HOH A . 
B 2 HOH 44 45 45 HOH HOH A . 
B 2 HOH 45 46 46 HOH HOH A . 
B 2 HOH 46 47 47 HOH HOH A . 
B 2 HOH 47 48 48 HOH HOH A . 
B 2 HOH 48 49 49 HOH HOH A . 
B 2 HOH 49 50 50 HOH HOH A . 
B 2 HOH 50 51 51 HOH HOH A . 
B 2 HOH 51 52 52 HOH HOH A . 
B 2 HOH 52 53 53 HOH HOH A . 
B 2 HOH 53 54 54 HOH HOH A . 
B 2 HOH 54 55 55 HOH HOH A . 
B 2 HOH 55 56 56 HOH HOH A . 
B 2 HOH 56 57 57 HOH HOH A . 
B 2 HOH 57 58 58 HOH HOH A . 
B 2 HOH 58 59 59 HOH HOH A . 
B 2 HOH 59 60 60 HOH HOH A . 
B 2 HOH 60 61 61 HOH HOH A . 
B 2 HOH 61 62 62 HOH HOH A . 
B 2 HOH 62 63 63 HOH HOH A . 
B 2 HOH 63 64 64 HOH HOH A . 
B 2 HOH 64 65 65 HOH HOH A . 
B 2 HOH 65 66 66 HOH HOH A . 
B 2 HOH 66 67 67 HOH HOH A . 
B 2 HOH 67 68 68 HOH HOH A . 
B 2 HOH 68 69 69 HOH HOH A . 
B 2 HOH 69 70 70 HOH HOH A . 
B 2 HOH 70 71 71 HOH HOH A . 
B 2 HOH 71 72 72 HOH HOH A . 
B 2 HOH 72 73 73 HOH HOH A . 
B 2 HOH 73 74 74 HOH HOH A . 
B 2 HOH 74 75 75 HOH HOH A . 
B 2 HOH 75 76 76 HOH HOH A . 
B 2 HOH 76 77 77 HOH HOH A . 
# 
loop_
_software.name 
_software.classification 
_software.version 
_software.citation_id 
_software.pdbx_ordinal 
MLPHARE   phasing          .  ? 1 
TNT       refinement       5D ? 2 
DENZO     'data reduction' .  ? 3 
SCALEPACK 'data scaling'   .  ? 4 
# 
_cell.entry_id           1AD6 
_cell.length_a           38.600 
_cell.length_b           68.040 
_cell.length_c           80.830 
_cell.angle_alpha        90.00 
_cell.angle_beta         90.00 
_cell.angle_gamma        90.00 
_cell.Z_PDB              4 
_cell.pdbx_unique_axis   ? 
# 
_symmetry.entry_id                         1AD6 
_symmetry.space_group_name_H-M             'P 21 21 21' 
_symmetry.pdbx_full_space_group_name_H-M   ? 
_symmetry.cell_setting                     ? 
_symmetry.Int_Tables_number                19 
# 
_exptl.entry_id          1AD6 
_exptl.method            'X-RAY DIFFRACTION' 
_exptl.crystals_number   1 
# 
_exptl_crystal.id                    1 
_exptl_crystal.density_meas          ? 
_exptl_crystal.density_Matthews      2.5 
_exptl_crystal.density_percent_sol   49. 
_exptl_crystal.description           ? 
# 
_exptl_crystal_grow.crystal_id      1 
_exptl_crystal_grow.method          ? 
_exptl_crystal_grow.temp            ? 
_exptl_crystal_grow.temp_details    ? 
_exptl_crystal_grow.pH              6.0 
_exptl_crystal_grow.pdbx_pH_range   ? 
_exptl_crystal_grow.pdbx_details    'pH 6.0' 
# 
_diffrn.id                     1 
_diffrn.ambient_temp           100 
_diffrn.ambient_temp_details   ? 
_diffrn.crystal_id             1 
# 
_diffrn_detector.diffrn_id              1 
_diffrn_detector.detector               'IMAGE PLATE' 
_diffrn_detector.type                   MARRESEARCH 
_diffrn_detector.pdbx_collection_date   1996-07 
_diffrn_detector.details                MIRRORS 
# 
_diffrn_radiation.diffrn_id                        1 
_diffrn_radiation.wavelength_id                    1 
_diffrn_radiation.pdbx_monochromatic_or_laue_m_l   M 
_diffrn_radiation.monochromator                    'NI FILTER' 
_diffrn_radiation.pdbx_diffrn_protocol             ? 
_diffrn_radiation.pdbx_scattering_type             x-ray 
# 
_diffrn_radiation_wavelength.id           1 
_diffrn_radiation_wavelength.wavelength   1.5418 
_diffrn_radiation_wavelength.wt           1.0 
# 
_diffrn_source.diffrn_id                   1 
_diffrn_source.source                      'ROTATING ANODE' 
_diffrn_source.type                        'RIGAKU RUH2R' 
_diffrn_source.pdbx_synchrotron_site       ? 
_diffrn_source.pdbx_synchrotron_beamline   ? 
_diffrn_source.pdbx_wavelength             1.5418 
_diffrn_source.pdbx_wavelength_list        ? 
# 
_reflns.entry_id                     1AD6 
_reflns.observed_criterion_sigma_I   1. 
_reflns.observed_criterion_sigma_F   ? 
_reflns.d_resolution_low             50. 
_reflns.d_resolution_high            2.3 
_reflns.number_obs                   9925 
_reflns.number_all                   ? 
_reflns.percent_possible_obs         99.1 
_reflns.pdbx_Rmerge_I_obs            0.0620000 
_reflns.pdbx_Rsym_value              ? 
_reflns.pdbx_netI_over_sigmaI        15. 
_reflns.B_iso_Wilson_estimate        ? 
_reflns.pdbx_redundancy              4.3 
_reflns.pdbx_diffrn_id               1 
_reflns.pdbx_ordinal                 1 
# 
_reflns_shell.d_res_high             2.3 
_reflns_shell.d_res_low              2.38 
_reflns_shell.percent_possible_all   96.8 
_reflns_shell.Rmerge_I_obs           0.1380000 
_reflns_shell.pdbx_Rsym_value        ? 
_reflns_shell.meanI_over_sigI_obs    9. 
_reflns_shell.pdbx_redundancy        4. 
_reflns_shell.pdbx_diffrn_id         ? 
_reflns_shell.pdbx_ordinal           1 
# 
_refine.entry_id                                 1AD6 
_refine.ls_number_reflns_obs                     8744 
_refine.ls_number_reflns_all                     ? 
_refine.pdbx_ls_sigma_I                          ? 
_refine.pdbx_ls_sigma_F                          2. 
_refine.pdbx_data_cutoff_high_absF               ? 
_refine.pdbx_data_cutoff_low_absF                ? 
_refine.pdbx_data_cutoff_high_rms_absF           ? 
_refine.ls_d_res_low                             6.0 
_refine.ls_d_res_high                            2.3 
_refine.ls_percent_reflns_obs                    94. 
_refine.ls_R_factor_obs                          ? 
_refine.ls_R_factor_all                          ? 
_refine.ls_R_factor_R_work                       0.2010000 
_refine.ls_R_factor_R_free                       0.2400000 
_refine.ls_R_factor_R_free_error                 ? 
_refine.ls_R_factor_R_free_error_details         ? 
_refine.ls_percent_reflns_R_free                 10. 
_refine.ls_number_reflns_R_free                  ? 
_refine.ls_number_parameters                     ? 
_refine.ls_number_restraints                     ? 
_refine.occupancy_min                            ? 
_refine.occupancy_max                            ? 
_refine.B_iso_mean                               ? 
_refine.aniso_B[1][1]                            ? 
_refine.aniso_B[2][2]                            ? 
_refine.aniso_B[3][3]                            ? 
_refine.aniso_B[1][2]                            ? 
_refine.aniso_B[1][3]                            ? 
_refine.aniso_B[2][3]                            ? 
_refine.solvent_model_details                    ? 
_refine.solvent_model_param_ksol                 ? 
_refine.solvent_model_param_bsol                 ? 
_refine.pdbx_ls_cross_valid_method               ? 
_refine.details                                  'INITIALLY X-PLOR, FINAL FEW CYCLES TNT REFINEMENT' 
_refine.pdbx_starting_model                      ? 
_refine.pdbx_method_to_determine_struct          'MULTIPLE ISOMORPHOUS REPLACEMENT' 
_refine.pdbx_isotropic_thermal_model             'TNT BCORREL V1.0' 
_refine.pdbx_stereochemistry_target_values       'TNT PROTGEO' 
_refine.pdbx_stereochem_target_val_spec_case     ? 
_refine.pdbx_R_Free_selection_details            'EVERY 10TH REFLECTION' 
_refine.pdbx_overall_ESU_R                       ? 
_refine.pdbx_overall_ESU_R_Free                  ? 
_refine.overall_SU_ML                            ? 
_refine.overall_SU_B                             ? 
_refine.pdbx_refine_id                           'X-RAY DIFFRACTION' 
_refine.pdbx_diffrn_id                           1 
_refine.pdbx_TLS_residual_ADP_flag               ? 
_refine.correlation_coeff_Fo_to_Fc               ? 
_refine.correlation_coeff_Fo_to_Fc_free          ? 
_refine.pdbx_solvent_vdw_probe_radii             ? 
_refine.pdbx_solvent_ion_probe_radii             ? 
_refine.pdbx_solvent_shrinkage_radii             ? 
_refine.pdbx_overall_phase_error                 ? 
_refine.overall_SU_R_Cruickshank_DPI             ? 
_refine.pdbx_overall_SU_R_free_Cruickshank_DPI   ? 
_refine.pdbx_overall_SU_R_Blow_DPI               ? 
_refine.pdbx_overall_SU_R_free_Blow_DPI          ? 
# 
_refine_hist.pdbx_refine_id                   'X-RAY DIFFRACTION' 
_refine_hist.cycle_id                         LAST 
_refine_hist.pdbx_number_atoms_protein        1491 
_refine_hist.pdbx_number_atoms_nucleic_acid   0 
_refine_hist.pdbx_number_atoms_ligand         0 
_refine_hist.number_atoms_solvent             76 
_refine_hist.number_atoms_total               1567 
_refine_hist.d_res_high                       2.3 
_refine_hist.d_res_low                        6.0 
# 
loop_
_refine_ls_restr.type 
_refine_ls_restr.dev_ideal 
_refine_ls_restr.dev_ideal_target 
_refine_ls_restr.weight 
_refine_ls_restr.number 
_refine_ls_restr.pdbx_refine_id 
_refine_ls_restr.pdbx_restraint_function 
t_bond_d           0.012 ? 1.0  1514 'X-RAY DIFFRACTION' ? 
t_angle_deg        1.77  ? 1.0  2030 'X-RAY DIFFRACTION' ? 
t_dihedral_angle_d 22.9  ? 0.0  929  'X-RAY DIFFRACTION' ? 
t_incorr_chiral_ct 0     ? ?    ?    'X-RAY DIFFRACTION' ? 
t_pseud_angle      ?     ? ?    ?    'X-RAY DIFFRACTION' ? 
t_trig_c_planes    0.012 ? 1.00 42   'X-RAY DIFFRACTION' ? 
t_gen_planes       0.011 ? 5.0  213  'X-RAY DIFFRACTION' ? 
t_it               2.6   ? 1.00 1206 'X-RAY DIFFRACTION' ? 
t_nbd              0.068 ? 3.00 39   'X-RAY DIFFRACTION' ? 
# 
_struct.entry_id                  1AD6 
_struct.title                     'DOMAIN A OF HUMAN RETINOBLASTOMA TUMOR SUPPRESSOR' 
_struct.pdbx_model_details        ? 
_struct.pdbx_CASP_flag            ? 
_struct.pdbx_model_type_details   ? 
# 
_struct_keywords.entry_id        1AD6 
_struct_keywords.pdbx_keywords   'TRANSCRIPTION REGULATION' 
_struct_keywords.text            'TRANSCRIPTION REGULATION, TUMOR SUPPRESSOR, DNA-BINDING' 
# 
loop_
_struct_asym.id 
_struct_asym.pdbx_blank_PDB_chainid_flag 
_struct_asym.pdbx_modified 
_struct_asym.entity_id 
_struct_asym.details 
A N N 1 ? 
B N N 2 ? 
# 
_struct_ref.id                         1 
_struct_ref.db_name                    UNP 
_struct_ref.db_code                    RB_HUMAN 
_struct_ref.entity_id                  1 
_struct_ref.pdbx_db_accession          P06400 
_struct_ref.pdbx_align_begin           1 
_struct_ref.pdbx_seq_one_letter_code   
;MPPKTPRKTAATAAAAAAEPPAPPPPPPPEEDPEQDSGPEDLPLVRLEFEETEEPDFTALCQKLKIPDHVRERAWLTWEK
VSSVDGVLGGYIQKKKELWGICIFIAAVDLDEMSFTFTELQKNIEISVHKFFNLLKEIDTSTKVDNAMSRLLKKYDVLFA
LFSKLERTCELIYLTQPSSSISTEINSALVLKVSWITFLLAKGEVLQMEDDLVISFQLMLCVLDYFIKLSPPMLLKEPYK
TAVIPINGSPRTPRRGQNRSARIAKQLENDTRIIEVLCKEHECNIDEVKNVYFKNFIPFMNSLGLVTSNGLPEVENLSKR
YEEIYLKNKDLDARLFLDHDKTLQTDSIDSFETQRTPRKSNLDEEVNVIPPHTPVRTVMNTIQQLMMILNSASDQPSENL
ISYFNNCTVNPKESILKRVKDIGYIFKEKFAKAVGQGCVEIGSQRYKLGVRLYYRVMESMLKSEEERLSIQNFSKLLNDN
IFHMSLLACALEVVMATYSRSTSQNLDSGTDLSFPWILNVLNLKAFDFYKVIESFIKAEGNLTREMIKHLERCEHRIMES
LAWLSDSPLFDLIKQSKDREGPTDHLESACPLNLPLQNNHTAADMYLSPVRSPKKKGSTTRVNSTANAETQATSAFQTQK
PLKSTSLSLFYKKVYRLAYLRLNTLCERLLSEHPELEHIIWTLFQHTLQNEYELMRDRHLDQIMMCSMYGICKVKNIDLK
FKIIVTAYKDLPHAVQETFKRVLIKEEEYDSIIVFYNSVFMQRLKTNILQYASTRPPTLSPIPHIPRSPYKFPSSPLRIP
GGNIYISPLKSPYKISEGLPTPTKMTPRSRILVSIGESFGTSEKFQKINQMVCNSDRVLKRSAEGSNPPKPLKKLRFDIE
GSDEADGSKHLPGESKFQQKLAEMTSTRTRMQKQKMNDSMDTSNKEEK
;
_struct_ref.pdbx_db_isoform            ? 
# 
_struct_ref_seq.align_id                      1 
_struct_ref_seq.ref_id                        1 
_struct_ref_seq.pdbx_PDB_id_code              1AD6 
_struct_ref_seq.pdbx_strand_id                A 
_struct_ref_seq.seq_align_beg                 1 
_struct_ref_seq.pdbx_seq_align_beg_ins_code   ? 
_struct_ref_seq.seq_align_end                 185 
_struct_ref_seq.pdbx_seq_align_end_ins_code   ? 
_struct_ref_seq.pdbx_db_accession             P06400 
_struct_ref_seq.db_align_beg                  378 
_struct_ref_seq.pdbx_db_align_beg_ins_code    ? 
_struct_ref_seq.db_align_end                  562 
_struct_ref_seq.pdbx_db_align_end_ins_code    ? 
_struct_ref_seq.pdbx_auth_seq_align_beg       378 
_struct_ref_seq.pdbx_auth_seq_align_end       562 
# 
_pdbx_struct_assembly.id                   1 
_pdbx_struct_assembly.details              author_defined_assembly 
_pdbx_struct_assembly.method_details       ? 
_pdbx_struct_assembly.oligomeric_details   monomeric 
_pdbx_struct_assembly.oligomeric_count     1 
# 
_pdbx_struct_assembly_gen.assembly_id       1 
_pdbx_struct_assembly_gen.oper_expression   1 
_pdbx_struct_assembly_gen.asym_id_list      A,B 
# 
_pdbx_struct_oper_list.id                   1 
_pdbx_struct_oper_list.type                 'identity operation' 
_pdbx_struct_oper_list.name                 1_555 
_pdbx_struct_oper_list.symmetry_operation   x,y,z 
_pdbx_struct_oper_list.matrix[1][1]         1.0000000000 
_pdbx_struct_oper_list.matrix[1][2]         0.0000000000 
_pdbx_struct_oper_list.matrix[1][3]         0.0000000000 
_pdbx_struct_oper_list.vector[1]            0.0000000000 
_pdbx_struct_oper_list.matrix[2][1]         0.0000000000 
_pdbx_struct_oper_list.matrix[2][2]         1.0000000000 
_pdbx_struct_oper_list.matrix[2][3]         0.0000000000 
_pdbx_struct_oper_list.vector[2]            0.0000000000 
_pdbx_struct_oper_list.matrix[3][1]         0.0000000000 
_pdbx_struct_oper_list.matrix[3][2]         0.0000000000 
_pdbx_struct_oper_list.matrix[3][3]         1.0000000000 
_pdbx_struct_oper_list.vector[3]            0.0000000000 
# 
_struct_biol.id   1 
# 
loop_
_struct_conf.conf_type_id 
_struct_conf.id 
_struct_conf.pdbx_PDB_helix_id 
_struct_conf.beg_label_comp_id 
_struct_conf.beg_label_asym_id 
_struct_conf.beg_label_seq_id 
_struct_conf.pdbx_beg_PDB_ins_code 
_struct_conf.end_label_comp_id 
_struct_conf.end_label_asym_id 
_struct_conf.end_label_seq_id 
_struct_conf.pdbx_end_PDB_ins_code 
_struct_conf.beg_auth_comp_id 
_struct_conf.beg_auth_asym_id 
_struct_conf.beg_auth_seq_id 
_struct_conf.end_auth_comp_id 
_struct_conf.end_auth_asym_id 
_struct_conf.end_auth_seq_id 
_struct_conf.pdbx_PDB_helix_class 
_struct_conf.details 
_struct_conf.pdbx_PDB_helix_length 
HELX_P HELX_P1 1 GLN A 7   ? ASN A 13  ? GLN A 384 ASN A 390 1 ? 7  
HELX_P HELX_P2 2 GLU A 21  ? ASN A 28  ? GLU A 398 ASN A 405 1 ? 8  
HELX_P HELX_P3 3 LYS A 35  ? VAL A 57  ? LYS A 412 VAL A 434 1 ? 23 
HELX_P HELX_P4 4 VAL A 62  ? LEU A 91  ? VAL A 439 LEU A 468 1 ? 30 
HELX_P HELX_P5 5 SER A 97  ? LEU A 100 ? SER A 474 LEU A 477 1 ? 4  
HELX_P HELX_P6 6 ASN A 103 ? THR A 120 ? ASN A 480 THR A 497 1 ? 18 
HELX_P HELX_P7 7 TRP A 139 ? VAL A 143 ? TRP A 516 VAL A 520 1 ? 5  
HELX_P HELX_P8 8 ALA A 148 ? ALA A 161 ? ALA A 525 ALA A 538 1 ? 14 
HELX_P HELX_P9 9 ARG A 167 ? GLU A 182 ? ARG A 544 GLU A 559 1 ? 16 
# 
_struct_conf_type.id          HELX_P 
_struct_conf_type.criteria    ? 
_struct_conf_type.reference   ? 
# 
_struct_mon_prot_cis.pdbx_id                1 
_struct_mon_prot_cis.label_comp_id          PHE 
_struct_mon_prot_cis.label_seq_id           137 
_struct_mon_prot_cis.label_asym_id          A 
_struct_mon_prot_cis.label_alt_id           . 
_struct_mon_prot_cis.pdbx_PDB_ins_code      ? 
_struct_mon_prot_cis.auth_comp_id           PHE 
_struct_mon_prot_cis.auth_seq_id            514 
_struct_mon_prot_cis.auth_asym_id           A 
_struct_mon_prot_cis.pdbx_label_comp_id_2   PRO 
_struct_mon_prot_cis.pdbx_label_seq_id_2    138 
_struct_mon_prot_cis.pdbx_label_asym_id_2   A 
_struct_mon_prot_cis.pdbx_PDB_ins_code_2    ? 
_struct_mon_prot_cis.pdbx_auth_comp_id_2    PRO 
_struct_mon_prot_cis.pdbx_auth_seq_id_2     515 
_struct_mon_prot_cis.pdbx_auth_asym_id_2    A 
_struct_mon_prot_cis.pdbx_PDB_model_num     1 
_struct_mon_prot_cis.pdbx_omega_angle       -4.38 
# 
_pdbx_validate_rmsd_angle.id                         1 
_pdbx_validate_rmsd_angle.PDB_model_num              1 
_pdbx_validate_rmsd_angle.auth_atom_id_1             NE 
_pdbx_validate_rmsd_angle.auth_asym_id_1             A 
_pdbx_validate_rmsd_angle.auth_comp_id_1             ARG 
_pdbx_validate_rmsd_angle.auth_seq_id_1              455 
_pdbx_validate_rmsd_angle.PDB_ins_code_1             ? 
_pdbx_validate_rmsd_angle.label_alt_id_1             ? 
_pdbx_validate_rmsd_angle.auth_atom_id_2             CZ 
_pdbx_validate_rmsd_angle.auth_asym_id_2             A 
_pdbx_validate_rmsd_angle.auth_comp_id_2             ARG 
_pdbx_validate_rmsd_angle.auth_seq_id_2              455 
_pdbx_validate_rmsd_angle.PDB_ins_code_2             ? 
_pdbx_validate_rmsd_angle.label_alt_id_2             ? 
_pdbx_validate_rmsd_angle.auth_atom_id_3             NH2 
_pdbx_validate_rmsd_angle.auth_asym_id_3             A 
_pdbx_validate_rmsd_angle.auth_comp_id_3             ARG 
_pdbx_validate_rmsd_angle.auth_seq_id_3              455 
_pdbx_validate_rmsd_angle.PDB_ins_code_3             ? 
_pdbx_validate_rmsd_angle.label_alt_id_3             ? 
_pdbx_validate_rmsd_angle.angle_value                116.80 
_pdbx_validate_rmsd_angle.angle_target_value         120.30 
_pdbx_validate_rmsd_angle.angle_deviation            -3.50 
_pdbx_validate_rmsd_angle.angle_standard_deviation   0.50 
_pdbx_validate_rmsd_angle.linker_flag                N 
# 
loop_
_pdbx_validate_torsion.id 
_pdbx_validate_torsion.PDB_model_num 
_pdbx_validate_torsion.auth_comp_id 
_pdbx_validate_torsion.auth_asym_id 
_pdbx_validate_torsion.auth_seq_id 
_pdbx_validate_torsion.PDB_ins_code 
_pdbx_validate_torsion.label_alt_id 
_pdbx_validate_torsion.phi 
_pdbx_validate_torsion.psi 
1 1 MET A 379 ? ? 76.03   98.47  
2 1 SER A 499 ? ? -12.79  -69.10 
3 1 SER A 501 ? ? 102.56  111.68 
4 1 ASN A 505 ? ? -173.75 -42.87 
5 1 LEU A 506 ? ? -48.55  159.80 
6 1 PHE A 514 ? ? -32.74  139.70 
# 
loop_
_chem_comp_atom.comp_id 
_chem_comp_atom.atom_id 
_chem_comp_atom.type_symbol 
_chem_comp_atom.pdbx_aromatic_flag 
_chem_comp_atom.pdbx_stereo_config 
_chem_comp_atom.pdbx_ordinal 
ALA N    N N N 1   
ALA CA   C N S 2   
ALA C    C N N 3   
ALA O    O N N 4   
ALA CB   C N N 5   
ALA OXT  O N N 6   
ALA H    H N N 7   
ALA H2   H N N 8   
ALA HA   H N N 9   
ALA HB1  H N N 10  
ALA HB2  H N N 11  
ALA HB3  H N N 12  
ALA HXT  H N N 13  
ARG N    N N N 14  
ARG CA   C N S 15  
ARG C    C N N 16  
ARG O    O N N 17  
ARG CB   C N N 18  
ARG CG   C N N 19  
ARG CD   C N N 20  
ARG NE   N N N 21  
ARG CZ   C N N 22  
ARG NH1  N N N 23  
ARG NH2  N N N 24  
ARG OXT  O N N 25  
ARG H    H N N 26  
ARG H2   H N N 27  
ARG HA   H N N 28  
ARG HB2  H N N 29  
ARG HB3  H N N 30  
ARG HG2  H N N 31  
ARG HG3  H N N 32  
ARG HD2  H N N 33  
ARG HD3  H N N 34  
ARG HE   H N N 35  
ARG HH11 H N N 36  
ARG HH12 H N N 37  
ARG HH21 H N N 38  
ARG HH22 H N N 39  
ARG HXT  H N N 40  
ASN N    N N N 41  
ASN CA   C N S 42  
ASN C    C N N 43  
ASN O    O N N 44  
ASN CB   C N N 45  
ASN CG   C N N 46  
ASN OD1  O N N 47  
ASN ND2  N N N 48  
ASN OXT  O N N 49  
ASN H    H N N 50  
ASN H2   H N N 51  
ASN HA   H N N 52  
ASN HB2  H N N 53  
ASN HB3  H N N 54  
ASN HD21 H N N 55  
ASN HD22 H N N 56  
ASN HXT  H N N 57  
ASP N    N N N 58  
ASP CA   C N S 59  
ASP C    C N N 60  
ASP O    O N N 61  
ASP CB   C N N 62  
ASP CG   C N N 63  
ASP OD1  O N N 64  
ASP OD2  O N N 65  
ASP OXT  O N N 66  
ASP H    H N N 67  
ASP H2   H N N 68  
ASP HA   H N N 69  
ASP HB2  H N N 70  
ASP HB3  H N N 71  
ASP HD2  H N N 72  
ASP HXT  H N N 73  
CYS N    N N N 74  
CYS CA   C N R 75  
CYS C    C N N 76  
CYS O    O N N 77  
CYS CB   C N N 78  
CYS SG   S N N 79  
CYS OXT  O N N 80  
CYS H    H N N 81  
CYS H2   H N N 82  
CYS HA   H N N 83  
CYS HB2  H N N 84  
CYS HB3  H N N 85  
CYS HG   H N N 86  
CYS HXT  H N N 87  
GLN N    N N N 88  
GLN CA   C N S 89  
GLN C    C N N 90  
GLN O    O N N 91  
GLN CB   C N N 92  
GLN CG   C N N 93  
GLN CD   C N N 94  
GLN OE1  O N N 95  
GLN NE2  N N N 96  
GLN OXT  O N N 97  
GLN H    H N N 98  
GLN H2   H N N 99  
GLN HA   H N N 100 
GLN HB2  H N N 101 
GLN HB3  H N N 102 
GLN HG2  H N N 103 
GLN HG3  H N N 104 
GLN HE21 H N N 105 
GLN HE22 H N N 106 
GLN HXT  H N N 107 
GLU N    N N N 108 
GLU CA   C N S 109 
GLU C    C N N 110 
GLU O    O N N 111 
GLU CB   C N N 112 
GLU CG   C N N 113 
GLU CD   C N N 114 
GLU OE1  O N N 115 
GLU OE2  O N N 116 
GLU OXT  O N N 117 
GLU H    H N N 118 
GLU H2   H N N 119 
GLU HA   H N N 120 
GLU HB2  H N N 121 
GLU HB3  H N N 122 
GLU HG2  H N N 123 
GLU HG3  H N N 124 
GLU HE2  H N N 125 
GLU HXT  H N N 126 
GLY N    N N N 127 
GLY CA   C N N 128 
GLY C    C N N 129 
GLY O    O N N 130 
GLY OXT  O N N 131 
GLY H    H N N 132 
GLY H2   H N N 133 
GLY HA2  H N N 134 
GLY HA3  H N N 135 
GLY HXT  H N N 136 
HIS N    N N N 137 
HIS CA   C N S 138 
HIS C    C N N 139 
HIS O    O N N 140 
HIS CB   C N N 141 
HIS CG   C Y N 142 
HIS ND1  N Y N 143 
HIS CD2  C Y N 144 
HIS CE1  C Y N 145 
HIS NE2  N Y N 146 
HIS OXT  O N N 147 
HIS H    H N N 148 
HIS H2   H N N 149 
HIS HA   H N N 150 
HIS HB2  H N N 151 
HIS HB3  H N N 152 
HIS HD1  H N N 153 
HIS HD2  H N N 154 
HIS HE1  H N N 155 
HIS HE2  H N N 156 
HIS HXT  H N N 157 
HOH O    O N N 158 
HOH H1   H N N 159 
HOH H2   H N N 160 
ILE N    N N N 161 
ILE CA   C N S 162 
ILE C    C N N 163 
ILE O    O N N 164 
ILE CB   C N S 165 
ILE CG1  C N N 166 
ILE CG2  C N N 167 
ILE CD1  C N N 168 
ILE OXT  O N N 169 
ILE H    H N N 170 
ILE H2   H N N 171 
ILE HA   H N N 172 
ILE HB   H N N 173 
ILE HG12 H N N 174 
ILE HG13 H N N 175 
ILE HG21 H N N 176 
ILE HG22 H N N 177 
ILE HG23 H N N 178 
ILE HD11 H N N 179 
ILE HD12 H N N 180 
ILE HD13 H N N 181 
ILE HXT  H N N 182 
LEU N    N N N 183 
LEU CA   C N S 184 
LEU C    C N N 185 
LEU O    O N N 186 
LEU CB   C N N 187 
LEU CG   C N N 188 
LEU CD1  C N N 189 
LEU CD2  C N N 190 
LEU OXT  O N N 191 
LEU H    H N N 192 
LEU H2   H N N 193 
LEU HA   H N N 194 
LEU HB2  H N N 195 
LEU HB3  H N N 196 
LEU HG   H N N 197 
LEU HD11 H N N 198 
LEU HD12 H N N 199 
LEU HD13 H N N 200 
LEU HD21 H N N 201 
LEU HD22 H N N 202 
LEU HD23 H N N 203 
LEU HXT  H N N 204 
LYS N    N N N 205 
LYS CA   C N S 206 
LYS C    C N N 207 
LYS O    O N N 208 
LYS CB   C N N 209 
LYS CG   C N N 210 
LYS CD   C N N 211 
LYS CE   C N N 212 
LYS NZ   N N N 213 
LYS OXT  O N N 214 
LYS H    H N N 215 
LYS H2   H N N 216 
LYS HA   H N N 217 
LYS HB2  H N N 218 
LYS HB3  H N N 219 
LYS HG2  H N N 220 
LYS HG3  H N N 221 
LYS HD2  H N N 222 
LYS HD3  H N N 223 
LYS HE2  H N N 224 
LYS HE3  H N N 225 
LYS HZ1  H N N 226 
LYS HZ2  H N N 227 
LYS HZ3  H N N 228 
LYS HXT  H N N 229 
MET N    N N N 230 
MET CA   C N S 231 
MET C    C N N 232 
MET O    O N N 233 
MET CB   C N N 234 
MET CG   C N N 235 
MET SD   S N N 236 
MET CE   C N N 237 
MET OXT  O N N 238 
MET H    H N N 239 
MET H2   H N N 240 
MET HA   H N N 241 
MET HB2  H N N 242 
MET HB3  H N N 243 
MET HG2  H N N 244 
MET HG3  H N N 245 
MET HE1  H N N 246 
MET HE2  H N N 247 
MET HE3  H N N 248 
MET HXT  H N N 249 
PHE N    N N N 250 
PHE CA   C N S 251 
PHE C    C N N 252 
PHE O    O N N 253 
PHE CB   C N N 254 
PHE CG   C Y N 255 
PHE CD1  C Y N 256 
PHE CD2  C Y N 257 
PHE CE1  C Y N 258 
PHE CE2  C Y N 259 
PHE CZ   C Y N 260 
PHE OXT  O N N 261 
PHE H    H N N 262 
PHE H2   H N N 263 
PHE HA   H N N 264 
PHE HB2  H N N 265 
PHE HB3  H N N 266 
PHE HD1  H N N 267 
PHE HD2  H N N 268 
PHE HE1  H N N 269 
PHE HE2  H N N 270 
PHE HZ   H N N 271 
PHE HXT  H N N 272 
PRO N    N N N 273 
PRO CA   C N S 274 
PRO C    C N N 275 
PRO O    O N N 276 
PRO CB   C N N 277 
PRO CG   C N N 278 
PRO CD   C N N 279 
PRO OXT  O N N 280 
PRO H    H N N 281 
PRO HA   H N N 282 
PRO HB2  H N N 283 
PRO HB3  H N N 284 
PRO HG2  H N N 285 
PRO HG3  H N N 286 
PRO HD2  H N N 287 
PRO HD3  H N N 288 
PRO HXT  H N N 289 
SER N    N N N 290 
SER CA   C N S 291 
SER C    C N N 292 
SER O    O N N 293 
SER CB   C N N 294 
SER OG   O N N 295 
SER OXT  O N N 296 
SER H    H N N 297 
SER H2   H N N 298 
SER HA   H N N 299 
SER HB2  H N N 300 
SER HB3  H N N 301 
SER HG   H N N 302 
SER HXT  H N N 303 
THR N    N N N 304 
THR CA   C N S 305 
THR C    C N N 306 
THR O    O N N 307 
THR CB   C N R 308 
THR OG1  O N N 309 
THR CG2  C N N 310 
THR OXT  O N N 311 
THR H    H N N 312 
THR H2   H N N 313 
THR HA   H N N 314 
THR HB   H N N 315 
THR HG1  H N N 316 
THR HG21 H N N 317 
THR HG22 H N N 318 
THR HG23 H N N 319 
THR HXT  H N N 320 
TRP N    N N N 321 
TRP CA   C N S 322 
TRP C    C N N 323 
TRP O    O N N 324 
TRP CB   C N N 325 
TRP CG   C Y N 326 
TRP CD1  C Y N 327 
TRP CD2  C Y N 328 
TRP NE1  N Y N 329 
TRP CE2  C Y N 330 
TRP CE3  C Y N 331 
TRP CZ2  C Y N 332 
TRP CZ3  C Y N 333 
TRP CH2  C Y N 334 
TRP OXT  O N N 335 
TRP H    H N N 336 
TRP H2   H N N 337 
TRP HA   H N N 338 
TRP HB2  H N N 339 
TRP HB3  H N N 340 
TRP HD1  H N N 341 
TRP HE1  H N N 342 
TRP HE3  H N N 343 
TRP HZ2  H N N 344 
TRP HZ3  H N N 345 
TRP HH2  H N N 346 
TRP HXT  H N N 347 
TYR N    N N N 348 
TYR CA   C N S 349 
TYR C    C N N 350 
TYR O    O N N 351 
TYR CB   C N N 352 
TYR CG   C Y N 353 
TYR CD1  C Y N 354 
TYR CD2  C Y N 355 
TYR CE1  C Y N 356 
TYR CE2  C Y N 357 
TYR CZ   C Y N 358 
TYR OH   O N N 359 
TYR OXT  O N N 360 
TYR H    H N N 361 
TYR H2   H N N 362 
TYR HA   H N N 363 
TYR HB2  H N N 364 
TYR HB3  H N N 365 
TYR HD1  H N N 366 
TYR HD2  H N N 367 
TYR HE1  H N N 368 
TYR HE2  H N N 369 
TYR HH   H N N 370 
TYR HXT  H N N 371 
VAL N    N N N 372 
VAL CA   C N S 373 
VAL C    C N N 374 
VAL O    O N N 375 
VAL CB   C N N 376 
VAL CG1  C N N 377 
VAL CG2  C N N 378 
VAL OXT  O N N 379 
VAL H    H N N 380 
VAL H2   H N N 381 
VAL HA   H N N 382 
VAL HB   H N N 383 
VAL HG11 H N N 384 
VAL HG12 H N N 385 
VAL HG13 H N N 386 
VAL HG21 H N N 387 
VAL HG22 H N N 388 
VAL HG23 H N N 389 
VAL HXT  H N N 390 
# 
loop_
_chem_comp_bond.comp_id 
_chem_comp_bond.atom_id_1 
_chem_comp_bond.atom_id_2 
_chem_comp_bond.value_order 
_chem_comp_bond.pdbx_aromatic_flag 
_chem_comp_bond.pdbx_stereo_config 
_chem_comp_bond.pdbx_ordinal 
ALA N   CA   sing N N 1   
ALA N   H    sing N N 2   
ALA N   H2   sing N N 3   
ALA CA  C    sing N N 4   
ALA CA  CB   sing N N 5   
ALA CA  HA   sing N N 6   
ALA C   O    doub N N 7   
ALA C   OXT  sing N N 8   
ALA CB  HB1  sing N N 9   
ALA CB  HB2  sing N N 10  
ALA CB  HB3  sing N N 11  
ALA OXT HXT  sing N N 12  
ARG N   CA   sing N N 13  
ARG N   H    sing N N 14  
ARG N   H2   sing N N 15  
ARG CA  C    sing N N 16  
ARG CA  CB   sing N N 17  
ARG CA  HA   sing N N 18  
ARG C   O    doub N N 19  
ARG C   OXT  sing N N 20  
ARG CB  CG   sing N N 21  
ARG CB  HB2  sing N N 22  
ARG CB  HB3  sing N N 23  
ARG CG  CD   sing N N 24  
ARG CG  HG2  sing N N 25  
ARG CG  HG3  sing N N 26  
ARG CD  NE   sing N N 27  
ARG CD  HD2  sing N N 28  
ARG CD  HD3  sing N N 29  
ARG NE  CZ   sing N N 30  
ARG NE  HE   sing N N 31  
ARG CZ  NH1  sing N N 32  
ARG CZ  NH2  doub N N 33  
ARG NH1 HH11 sing N N 34  
ARG NH1 HH12 sing N N 35  
ARG NH2 HH21 sing N N 36  
ARG NH2 HH22 sing N N 37  
ARG OXT HXT  sing N N 38  
ASN N   CA   sing N N 39  
ASN N   H    sing N N 40  
ASN N   H2   sing N N 41  
ASN CA  C    sing N N 42  
ASN CA  CB   sing N N 43  
ASN CA  HA   sing N N 44  
ASN C   O    doub N N 45  
ASN C   OXT  sing N N 46  
ASN CB  CG   sing N N 47  
ASN CB  HB2  sing N N 48  
ASN CB  HB3  sing N N 49  
ASN CG  OD1  doub N N 50  
ASN CG  ND2  sing N N 51  
ASN ND2 HD21 sing N N 52  
ASN ND2 HD22 sing N N 53  
ASN OXT HXT  sing N N 54  
ASP N   CA   sing N N 55  
ASP N   H    sing N N 56  
ASP N   H2   sing N N 57  
ASP CA  C    sing N N 58  
ASP CA  CB   sing N N 59  
ASP CA  HA   sing N N 60  
ASP C   O    doub N N 61  
ASP C   OXT  sing N N 62  
ASP CB  CG   sing N N 63  
ASP CB  HB2  sing N N 64  
ASP CB  HB3  sing N N 65  
ASP CG  OD1  doub N N 66  
ASP CG  OD2  sing N N 67  
ASP OD2 HD2  sing N N 68  
ASP OXT HXT  sing N N 69  
CYS N   CA   sing N N 70  
CYS N   H    sing N N 71  
CYS N   H2   sing N N 72  
CYS CA  C    sing N N 73  
CYS CA  CB   sing N N 74  
CYS CA  HA   sing N N 75  
CYS C   O    doub N N 76  
CYS C   OXT  sing N N 77  
CYS CB  SG   sing N N 78  
CYS CB  HB2  sing N N 79  
CYS CB  HB3  sing N N 80  
CYS SG  HG   sing N N 81  
CYS OXT HXT  sing N N 82  
GLN N   CA   sing N N 83  
GLN N   H    sing N N 84  
GLN N   H2   sing N N 85  
GLN CA  C    sing N N 86  
GLN CA  CB   sing N N 87  
GLN CA  HA   sing N N 88  
GLN C   O    doub N N 89  
GLN C   OXT  sing N N 90  
GLN CB  CG   sing N N 91  
GLN CB  HB2  sing N N 92  
GLN CB  HB3  sing N N 93  
GLN CG  CD   sing N N 94  
GLN CG  HG2  sing N N 95  
GLN CG  HG3  sing N N 96  
GLN CD  OE1  doub N N 97  
GLN CD  NE2  sing N N 98  
GLN NE2 HE21 sing N N 99  
GLN NE2 HE22 sing N N 100 
GLN OXT HXT  sing N N 101 
GLU N   CA   sing N N 102 
GLU N   H    sing N N 103 
GLU N   H2   sing N N 104 
GLU CA  C    sing N N 105 
GLU CA  CB   sing N N 106 
GLU CA  HA   sing N N 107 
GLU C   O    doub N N 108 
GLU C   OXT  sing N N 109 
GLU CB  CG   sing N N 110 
GLU CB  HB2  sing N N 111 
GLU CB  HB3  sing N N 112 
GLU CG  CD   sing N N 113 
GLU CG  HG2  sing N N 114 
GLU CG  HG3  sing N N 115 
GLU CD  OE1  doub N N 116 
GLU CD  OE2  sing N N 117 
GLU OE2 HE2  sing N N 118 
GLU OXT HXT  sing N N 119 
GLY N   CA   sing N N 120 
GLY N   H    sing N N 121 
GLY N   H2   sing N N 122 
GLY CA  C    sing N N 123 
GLY CA  HA2  sing N N 124 
GLY CA  HA3  sing N N 125 
GLY C   O    doub N N 126 
GLY C   OXT  sing N N 127 
GLY OXT HXT  sing N N 128 
HIS N   CA   sing N N 129 
HIS N   H    sing N N 130 
HIS N   H2   sing N N 131 
HIS CA  C    sing N N 132 
HIS CA  CB   sing N N 133 
HIS CA  HA   sing N N 134 
HIS C   O    doub N N 135 
HIS C   OXT  sing N N 136 
HIS CB  CG   sing N N 137 
HIS CB  HB2  sing N N 138 
HIS CB  HB3  sing N N 139 
HIS CG  ND1  sing Y N 140 
HIS CG  CD2  doub Y N 141 
HIS ND1 CE1  doub Y N 142 
HIS ND1 HD1  sing N N 143 
HIS CD2 NE2  sing Y N 144 
HIS CD2 HD2  sing N N 145 
HIS CE1 NE2  sing Y N 146 
HIS CE1 HE1  sing N N 147 
HIS NE2 HE2  sing N N 148 
HIS OXT HXT  sing N N 149 
HOH O   H1   sing N N 150 
HOH O   H2   sing N N 151 
ILE N   CA   sing N N 152 
ILE N   H    sing N N 153 
ILE N   H2   sing N N 154 
ILE CA  C    sing N N 155 
ILE CA  CB   sing N N 156 
ILE CA  HA   sing N N 157 
ILE C   O    doub N N 158 
ILE C   OXT  sing N N 159 
ILE CB  CG1  sing N N 160 
ILE CB  CG2  sing N N 161 
ILE CB  HB   sing N N 162 
ILE CG1 CD1  sing N N 163 
ILE CG1 HG12 sing N N 164 
ILE CG1 HG13 sing N N 165 
ILE CG2 HG21 sing N N 166 
ILE CG2 HG22 sing N N 167 
ILE CG2 HG23 sing N N 168 
ILE CD1 HD11 sing N N 169 
ILE CD1 HD12 sing N N 170 
ILE CD1 HD13 sing N N 171 
ILE OXT HXT  sing N N 172 
LEU N   CA   sing N N 173 
LEU N   H    sing N N 174 
LEU N   H2   sing N N 175 
LEU CA  C    sing N N 176 
LEU CA  CB   sing N N 177 
LEU CA  HA   sing N N 178 
LEU C   O    doub N N 179 
LEU C   OXT  sing N N 180 
LEU CB  CG   sing N N 181 
LEU CB  HB2  sing N N 182 
LEU CB  HB3  sing N N 183 
LEU CG  CD1  sing N N 184 
LEU CG  CD2  sing N N 185 
LEU CG  HG   sing N N 186 
LEU CD1 HD11 sing N N 187 
LEU CD1 HD12 sing N N 188 
LEU CD1 HD13 sing N N 189 
LEU CD2 HD21 sing N N 190 
LEU CD2 HD22 sing N N 191 
LEU CD2 HD23 sing N N 192 
LEU OXT HXT  sing N N 193 
LYS N   CA   sing N N 194 
LYS N   H    sing N N 195 
LYS N   H2   sing N N 196 
LYS CA  C    sing N N 197 
LYS CA  CB   sing N N 198 
LYS CA  HA   sing N N 199 
LYS C   O    doub N N 200 
LYS C   OXT  sing N N 201 
LYS CB  CG   sing N N 202 
LYS CB  HB2  sing N N 203 
LYS CB  HB3  sing N N 204 
LYS CG  CD   sing N N 205 
LYS CG  HG2  sing N N 206 
LYS CG  HG3  sing N N 207 
LYS CD  CE   sing N N 208 
LYS CD  HD2  sing N N 209 
LYS CD  HD3  sing N N 210 
LYS CE  NZ   sing N N 211 
LYS CE  HE2  sing N N 212 
LYS CE  HE3  sing N N 213 
LYS NZ  HZ1  sing N N 214 
LYS NZ  HZ2  sing N N 215 
LYS NZ  HZ3  sing N N 216 
LYS OXT HXT  sing N N 217 
MET N   CA   sing N N 218 
MET N   H    sing N N 219 
MET N   H2   sing N N 220 
MET CA  C    sing N N 221 
MET CA  CB   sing N N 222 
MET CA  HA   sing N N 223 
MET C   O    doub N N 224 
MET C   OXT  sing N N 225 
MET CB  CG   sing N N 226 
MET CB  HB2  sing N N 227 
MET CB  HB3  sing N N 228 
MET CG  SD   sing N N 229 
MET CG  HG2  sing N N 230 
MET CG  HG3  sing N N 231 
MET SD  CE   sing N N 232 
MET CE  HE1  sing N N 233 
MET CE  HE2  sing N N 234 
MET CE  HE3  sing N N 235 
MET OXT HXT  sing N N 236 
PHE N   CA   sing N N 237 
PHE N   H    sing N N 238 
PHE N   H2   sing N N 239 
PHE CA  C    sing N N 240 
PHE CA  CB   sing N N 241 
PHE CA  HA   sing N N 242 
PHE C   O    doub N N 243 
PHE C   OXT  sing N N 244 
PHE CB  CG   sing N N 245 
PHE CB  HB2  sing N N 246 
PHE CB  HB3  sing N N 247 
PHE CG  CD1  doub Y N 248 
PHE CG  CD2  sing Y N 249 
PHE CD1 CE1  sing Y N 250 
PHE CD1 HD1  sing N N 251 
PHE CD2 CE2  doub Y N 252 
PHE CD2 HD2  sing N N 253 
PHE CE1 CZ   doub Y N 254 
PHE CE1 HE1  sing N N 255 
PHE CE2 CZ   sing Y N 256 
PHE CE2 HE2  sing N N 257 
PHE CZ  HZ   sing N N 258 
PHE OXT HXT  sing N N 259 
PRO N   CA   sing N N 260 
PRO N   CD   sing N N 261 
PRO N   H    sing N N 262 
PRO CA  C    sing N N 263 
PRO CA  CB   sing N N 264 
PRO CA  HA   sing N N 265 
PRO C   O    doub N N 266 
PRO C   OXT  sing N N 267 
PRO CB  CG   sing N N 268 
PRO CB  HB2  sing N N 269 
PRO CB  HB3  sing N N 270 
PRO CG  CD   sing N N 271 
PRO CG  HG2  sing N N 272 
PRO CG  HG3  sing N N 273 
PRO CD  HD2  sing N N 274 
PRO CD  HD3  sing N N 275 
PRO OXT HXT  sing N N 276 
SER N   CA   sing N N 277 
SER N   H    sing N N 278 
SER N   H2   sing N N 279 
SER CA  C    sing N N 280 
SER CA  CB   sing N N 281 
SER CA  HA   sing N N 282 
SER C   O    doub N N 283 
SER C   OXT  sing N N 284 
SER CB  OG   sing N N 285 
SER CB  HB2  sing N N 286 
SER CB  HB3  sing N N 287 
SER OG  HG   sing N N 288 
SER OXT HXT  sing N N 289 
THR N   CA   sing N N 290 
THR N   H    sing N N 291 
THR N   H2   sing N N 292 
THR CA  C    sing N N 293 
THR CA  CB   sing N N 294 
THR CA  HA   sing N N 295 
THR C   O    doub N N 296 
THR C   OXT  sing N N 297 
THR CB  OG1  sing N N 298 
THR CB  CG2  sing N N 299 
THR CB  HB   sing N N 300 
THR OG1 HG1  sing N N 301 
THR CG2 HG21 sing N N 302 
THR CG2 HG22 sing N N 303 
THR CG2 HG23 sing N N 304 
THR OXT HXT  sing N N 305 
TRP N   CA   sing N N 306 
TRP N   H    sing N N 307 
TRP N   H2   sing N N 308 
TRP CA  C    sing N N 309 
TRP CA  CB   sing N N 310 
TRP CA  HA   sing N N 311 
TRP C   O    doub N N 312 
TRP C   OXT  sing N N 313 
TRP CB  CG   sing N N 314 
TRP CB  HB2  sing N N 315 
TRP CB  HB3  sing N N 316 
TRP CG  CD1  doub Y N 317 
TRP CG  CD2  sing Y N 318 
TRP CD1 NE1  sing Y N 319 
TRP CD1 HD1  sing N N 320 
TRP CD2 CE2  doub Y N 321 
TRP CD2 CE3  sing Y N 322 
TRP NE1 CE2  sing Y N 323 
TRP NE1 HE1  sing N N 324 
TRP CE2 CZ2  sing Y N 325 
TRP CE3 CZ3  doub Y N 326 
TRP CE3 HE3  sing N N 327 
TRP CZ2 CH2  doub Y N 328 
TRP CZ2 HZ2  sing N N 329 
TRP CZ3 CH2  sing Y N 330 
TRP CZ3 HZ3  sing N N 331 
TRP CH2 HH2  sing N N 332 
TRP OXT HXT  sing N N 333 
TYR N   CA   sing N N 334 
TYR N   H    sing N N 335 
TYR N   H2   sing N N 336 
TYR CA  C    sing N N 337 
TYR CA  CB   sing N N 338 
TYR CA  HA   sing N N 339 
TYR C   O    doub N N 340 
TYR C   OXT  sing N N 341 
TYR CB  CG   sing N N 342 
TYR CB  HB2  sing N N 343 
TYR CB  HB3  sing N N 344 
TYR CG  CD1  doub Y N 345 
TYR CG  CD2  sing Y N 346 
TYR CD1 CE1  sing Y N 347 
TYR CD1 HD1  sing N N 348 
TYR CD2 CE2  doub Y N 349 
TYR CD2 HD2  sing N N 350 
TYR CE1 CZ   doub Y N 351 
TYR CE1 HE1  sing N N 352 
TYR CE2 CZ   sing Y N 353 
TYR CE2 HE2  sing N N 354 
TYR CZ  OH   sing N N 355 
TYR OH  HH   sing N N 356 
TYR OXT HXT  sing N N 357 
VAL N   CA   sing N N 358 
VAL N   H    sing N N 359 
VAL N   H2   sing N N 360 
VAL CA  C    sing N N 361 
VAL CA  CB   sing N N 362 
VAL CA  HA   sing N N 363 
VAL C   O    doub N N 364 
VAL C   OXT  sing N N 365 
VAL CB  CG1  sing N N 366 
VAL CB  CG2  sing N N 367 
VAL CB  HB   sing N N 368 
VAL CG1 HG11 sing N N 369 
VAL CG1 HG12 sing N N 370 
VAL CG1 HG13 sing N N 371 
VAL CG2 HG21 sing N N 372 
VAL CG2 HG22 sing N N 373 
VAL CG2 HG23 sing N N 374 
VAL OXT HXT  sing N N 375 
# 
_atom_sites.entry_id                    1AD6 
_atom_sites.fract_transf_matrix[1][1]   0.00180687 
_atom_sites.fract_transf_matrix[1][2]   0.01562471 
_atom_sites.fract_transf_matrix[1][3]   -0.02058583 
_atom_sites.fract_transf_matrix[2][1]   0.00863308 
_atom_sites.fract_transf_matrix[2][2]   -0.00982695 
_atom_sites.fract_transf_matrix[2][3]   -0.00670094 
_atom_sites.fract_transf_matrix[3][1]   -0.00997533 
_atom_sites.fract_transf_matrix[3][2]   -0.00538126 
_atom_sites.fract_transf_matrix[3][3]   -0.00495996 
_atom_sites.fract_transf_vector[1]      0.739411 
_atom_sites.fract_transf_vector[2]      0.907771 
_atom_sites.fract_transf_vector[3]      0.739141 
# 
loop_
_atom_type.symbol 
C 
N 
O 
S 
# 
loop_
_atom_site.group_PDB 
_atom_site.id 
_atom_site.type_symbol 
_atom_site.label_atom_id 
_atom_site.label_alt_id 
_atom_site.label_comp_id 
_atom_site.label_asym_id 
_atom_site.label_entity_id 
_atom_site.label_seq_id 
_atom_site.pdbx_PDB_ins_code 
_atom_site.Cartn_x 
_atom_site.Cartn_y 
_atom_site.Cartn_z 
_atom_site.occupancy 
_atom_site.B_iso_or_equiv 
_atom_site.pdbx_formal_charge 
_atom_site.auth_seq_id 
_atom_site.auth_comp_id 
_atom_site.auth_asym_id 
_atom_site.auth_atom_id 
_atom_site.pdbx_PDB_model_num 
ATOM   1    N N   . VAL A 1 1   ? -26.083 2.778   16.006  1.00 40.31 ? 378 VAL A N   1 
ATOM   2    C CA  . VAL A 1 1   ? -25.126 3.765   16.493  1.00 38.04 ? 378 VAL A CA  1 
ATOM   3    C C   . VAL A 1 1   ? -23.820 3.015   16.723  1.00 40.69 ? 378 VAL A C   1 
ATOM   4    O O   . VAL A 1 1   ? -23.760 1.819   16.430  1.00 50.40 ? 378 VAL A O   1 
ATOM   5    C CB  . VAL A 1 1   ? -25.642 4.388   17.807  1.00 32.88 ? 378 VAL A CB  1 
ATOM   6    C CG1 . VAL A 1 1   ? -27.153 4.378   17.816  1.00 30.90 ? 378 VAL A CG1 1 
ATOM   7    C CG2 . VAL A 1 1   ? -25.114 3.630   19.004  1.00 32.89 ? 378 VAL A CG2 1 
ATOM   8    N N   . MET A 1 2   ? -22.781 3.686   17.215  1.00 31.30 ? 379 MET A N   1 
ATOM   9    C CA  . MET A 1 2   ? -21.516 2.998   17.493  1.00 25.56 ? 379 MET A CA  1 
ATOM   10   C C   . MET A 1 2   ? -20.664 2.671   16.245  1.00 24.38 ? 379 MET A C   1 
ATOM   11   O O   . MET A 1 2   ? -20.885 1.673   15.563  1.00 23.00 ? 379 MET A O   1 
ATOM   12   C CB  . MET A 1 2   ? -21.798 1.741   18.304  1.00 22.33 ? 379 MET A CB  1 
ATOM   13   C CG  . MET A 1 2   ? -20.815 1.438   19.372  1.00 25.75 ? 379 MET A CG  1 
ATOM   14   S SD  . MET A 1 2   ? -20.834 2.653   20.658  1.00 28.34 ? 379 MET A SD  1 
ATOM   15   C CE  . MET A 1 2   ? -19.201 2.376   21.399  1.00 26.60 ? 379 MET A CE  1 
ATOM   16   N N   . ASN A 1 3   ? -19.676 3.523   15.983  1.00 24.32 ? 380 ASN A N   1 
ATOM   17   C CA  . ASN A 1 3   ? -18.764 3.416   14.841  1.00 22.37 ? 380 ASN A CA  1 
ATOM   18   C C   . ASN A 1 3   ? -18.273 2.017   14.522  1.00 25.58 ? 380 ASN A C   1 
ATOM   19   O O   . ASN A 1 3   ? -17.851 1.273   15.409  1.00 25.58 ? 380 ASN A O   1 
ATOM   20   C CB  . ASN A 1 3   ? -17.555 4.338   15.045  1.00 18.49 ? 380 ASN A CB  1 
ATOM   21   C CG  . ASN A 1 3   ? -17.301 5.237   13.846  1.00 19.20 ? 380 ASN A CG  1 
ATOM   22   O OD1 . ASN A 1 3   ? -17.316 4.785   12.700  1.00 40.19 ? 380 ASN A OD1 1 
ATOM   23   N ND2 . ASN A 1 3   ? -17.084 6.523   14.105  1.00 40.28 ? 380 ASN A ND2 1 
ATOM   24   N N   . THR A 1 4   ? -18.289 1.662   13.243  1.00 28.81 ? 381 THR A N   1 
ATOM   25   C CA  . THR A 1 4   ? -17.809 0.339   12.859  1.00 32.03 ? 381 THR A CA  1 
ATOM   26   C C   . THR A 1 4   ? -16.425 0.404   12.255  1.00 33.96 ? 381 THR A C   1 
ATOM   27   O O   . THR A 1 4   ? -15.798 -0.614  12.002  1.00 39.12 ? 381 THR A O   1 
ATOM   28   C CB  . THR A 1 4   ? -18.755 -0.383  11.903  1.00 32.38 ? 381 THR A CB  1 
ATOM   29   O OG1 . THR A 1 4   ? -19.247 0.536   10.913  1.00 38.54 ? 381 THR A OG1 1 
ATOM   30   C CG2 . THR A 1 4   ? -19.895 -1.013  12.692  1.00 34.71 ? 381 THR A CG2 1 
ATOM   31   N N   . ILE A 1 5   ? -15.956 1.615   12.025  1.00 32.52 ? 382 ILE A N   1 
ATOM   32   C CA  . ILE A 1 5   ? -14.634 1.838   11.474  1.00 32.19 ? 382 ILE A CA  1 
ATOM   33   C C   . ILE A 1 5   ? -13.646 1.107   12.368  1.00 29.12 ? 382 ILE A C   1 
ATOM   34   O O   . ILE A 1 5   ? -13.885 0.960   13.564  1.00 32.87 ? 382 ILE A O   1 
ATOM   35   C CB  . ILE A 1 5   ? -14.324 3.337   11.580  1.00 36.54 ? 382 ILE A CB  1 
ATOM   36   C CG1 . ILE A 1 5   ? -13.309 3.799   10.539  1.00 29.05 ? 382 ILE A CG1 1 
ATOM   37   C CG2 . ILE A 1 5   ? -13.940 3.712   13.021  1.00 29.71 ? 382 ILE A CG2 1 
ATOM   38   C CD1 . ILE A 1 5   ? -12.842 5.240   10.816  1.00 33.40 ? 382 ILE A CD1 1 
ATOM   39   N N   . GLN A 1 6   ? -12.537 0.642   11.815  1.00 27.14 ? 383 GLN A N   1 
ATOM   40   C CA  . GLN A 1 6   ? -11.551 -0.018  12.660  1.00 27.55 ? 383 GLN A CA  1 
ATOM   41   C C   . GLN A 1 6   ? -10.368 0.906   12.777  1.00 23.69 ? 383 GLN A C   1 
ATOM   42   O O   . GLN A 1 6   ? -10.245 1.859   12.025  1.00 25.28 ? 383 GLN A O   1 
ATOM   43   C CB  . GLN A 1 6   ? -11.143 -1.405  12.154  1.00 33.86 ? 383 GLN A CB  1 
ATOM   44   C CG  . GLN A 1 6   ? -11.931 -1.920  10.958  1.00 90.00 ? 383 GLN A CG  1 
ATOM   45   C CD  . GLN A 1 6   ? -11.028 -2.439  9.852   1.00 37.08 ? 383 GLN A CD  1 
ATOM   46   O OE1 . GLN A 1 6   ? -10.012 -1.813  9.517   1.00 55.94 ? 383 GLN A OE1 1 
ATOM   47   N NE2 . GLN A 1 6   ? -11.383 -3.592  9.286   1.00 55.33 ? 383 GLN A NE2 1 
ATOM   48   N N   . GLN A 1 7   ? -9.507  0.639   13.741  1.00 24.84 ? 384 GLN A N   1 
ATOM   49   C CA  . GLN A 1 7   ? -8.360  1.495   14.004  1.00 23.25 ? 384 GLN A CA  1 
ATOM   50   C C   . GLN A 1 7   ? -7.490  2.004   12.865  1.00 25.18 ? 384 GLN A C   1 
ATOM   51   O O   . GLN A 1 7   ? -7.222  3.197   12.795  1.00 30.83 ? 384 GLN A O   1 
ATOM   52   C CB  . GLN A 1 7   ? -7.513  0.960   15.156  1.00 20.21 ? 384 GLN A CB  1 
ATOM   53   C CG  . GLN A 1 7   ? -8.317  0.415   16.319  1.00 33.95 ? 384 GLN A CG  1 
ATOM   54   C CD  . GLN A 1 7   ? -7.434  0.078   17.502  1.00 58.61 ? 384 GLN A CD  1 
ATOM   55   O OE1 . GLN A 1 7   ? -7.921  -0.265  18.585  1.00 38.21 ? 384 GLN A OE1 1 
ATOM   56   N NE2 . GLN A 1 7   ? -6.119  0.192   17.305  1.00 40.36 ? 384 GLN A NE2 1 
ATOM   57   N N   . LEU A 1 8   ? -6.982  1.119   12.013  1.00 24.49 ? 385 LEU A N   1 
ATOM   58   C CA  . LEU A 1 8   ? -6.099  1.551   10.925  1.00 22.95 ? 385 LEU A CA  1 
ATOM   59   C C   . LEU A 1 8   ? -6.785  2.468   9.933   1.00 22.90 ? 385 LEU A C   1 
ATOM   60   O O   . LEU A 1 8   ? -6.177  3.396   9.413   1.00 26.60 ? 385 LEU A O   1 
ATOM   61   C CB  . LEU A 1 8   ? -5.526  0.346   10.188  1.00 26.16 ? 385 LEU A CB  1 
ATOM   62   C CG  . LEU A 1 8   ? -4.470  0.577   9.103   1.00 22.66 ? 385 LEU A CG  1 
ATOM   63   C CD1 . LEU A 1 8   ? -3.310  1.411   9.645   1.00 15.05 ? 385 LEU A CD1 1 
ATOM   64   C CD2 . LEU A 1 8   ? -3.968  -0.791  8.610   1.00 13.72 ? 385 LEU A CD2 1 
ATOM   65   N N   . MET A 1 9   ? -8.052  2.197   9.650   1.00 22.36 ? 386 MET A N   1 
ATOM   66   C CA  . MET A 1 9   ? -8.776  3.018   8.703   1.00 24.29 ? 386 MET A CA  1 
ATOM   67   C C   . MET A 1 9   ? -9.081  4.331   9.373   1.00 27.52 ? 386 MET A C   1 
ATOM   68   O O   . MET A 1 9   ? -9.118  5.384   8.713   1.00 30.70 ? 386 MET A O   1 
ATOM   69   C CB  . MET A 1 9   ? -10.028 2.321   8.184   1.00 25.18 ? 386 MET A CB  1 
ATOM   70   C CG  . MET A 1 9   ? -9.727  1.103   7.316   1.00 30.57 ? 386 MET A CG  1 
ATOM   71   S SD  . MET A 1 9   ? -8.956  1.407   5.679   1.00 36.82 ? 386 MET A SD  1 
ATOM   72   C CE  . MET A 1 9   ? -7.651  0.272   5.818   1.00 13.34 ? 386 MET A CE  1 
ATOM   73   N N   . MET A 1 10  ? -9.233  4.274   10.695  1.00 25.27 ? 387 MET A N   1 
ATOM   74   C CA  . MET A 1 10  ? -9.493  5.468   11.469  1.00 25.35 ? 387 MET A CA  1 
ATOM   75   C C   . MET A 1 10  ? -8.255  6.339   11.341  1.00 20.68 ? 387 MET A C   1 
ATOM   76   O O   . MET A 1 10  ? -8.344  7.505   10.976  1.00 22.64 ? 387 MET A O   1 
ATOM   77   C CB  . MET A 1 10  ? -9.769  5.111   12.938  1.00 31.53 ? 387 MET A CB  1 
ATOM   78   C CG  . MET A 1 10  ? -10.201 6.299   13.825  1.00 33.51 ? 387 MET A CG  1 
ATOM   79   S SD  . MET A 1 10  ? -8.908  6.961   14.938  1.00 32.07 ? 387 MET A SD  1 
ATOM   80   C CE  . MET A 1 10  ? -9.291  6.167   16.405  1.00 31.69 ? 387 MET A CE  1 
ATOM   81   N N   . ILE A 1 11  ? -7.094  5.751   11.603  1.00 18.07 ? 388 ILE A N   1 
ATOM   82   C CA  . ILE A 1 11  ? -5.834  6.477   11.530  1.00 18.80 ? 388 ILE A CA  1 
ATOM   83   C C   . ILE A 1 11  ? -5.617  7.014   10.116  1.00 25.45 ? 388 ILE A C   1 
ATOM   84   O O   . ILE A 1 11  ? -5.195  8.166   9.913   1.00 28.25 ? 388 ILE A O   1 
ATOM   85   C CB  . ILE A 1 11  ? -4.650  5.533   11.839  1.00 21.42 ? 388 ILE A CB  1 
ATOM   86   C CG1 . ILE A 1 11  ? -4.501  5.298   13.341  1.00 20.06 ? 388 ILE A CG1 1 
ATOM   87   C CG2 . ILE A 1 11  ? -3.353  6.086   11.247  1.00 19.24 ? 388 ILE A CG2 1 
ATOM   88   C CD1 . ILE A 1 11  ? -4.254  3.851   13.697  1.00 27.93 ? 388 ILE A CD1 1 
ATOM   89   N N   . LEU A 1 12  ? -5.891  6.149   9.141   1.00 24.13 ? 389 LEU A N   1 
ATOM   90   C CA  . LEU A 1 12  ? -5.708  6.460   7.734   1.00 22.82 ? 389 LEU A CA  1 
ATOM   91   C C   . LEU A 1 12  ? -6.605  7.609   7.267   1.00 24.54 ? 389 LEU A C   1 
ATOM   92   O O   . LEU A 1 12  ? -6.196  8.489   6.494   1.00 21.30 ? 389 LEU A O   1 
ATOM   93   C CB  . LEU A 1 12  ? -5.996  5.199   6.917   1.00 23.53 ? 389 LEU A CB  1 
ATOM   94   C CG  . LEU A 1 12  ? -4.815  4.466   6.277   1.00 55.32 ? 389 LEU A CG  1 
ATOM   95   C CD1 . LEU A 1 12  ? -3.475  4.651   7.014   1.00 16.26 ? 389 LEU A CD1 1 
ATOM   96   C CD2 . LEU A 1 12  ? -5.169  3.005   6.101   1.00 18.45 ? 389 LEU A CD2 1 
ATOM   97   N N   . ASN A 1 13  ? -7.851  7.584   7.708   1.00 25.15 ? 390 ASN A N   1 
ATOM   98   C CA  . ASN A 1 13  ? -8.766  8.618   7.304   1.00 25.43 ? 390 ASN A CA  1 
ATOM   99   C C   . ASN A 1 13  ? -8.226  9.978   7.694   1.00 26.27 ? 390 ASN A C   1 
ATOM   100  O O   . ASN A 1 13  ? -8.361  10.938  6.949   1.00 26.58 ? 390 ASN A O   1 
ATOM   101  C CB  . ASN A 1 13  ? -10.126 8.378   7.937   1.00 28.42 ? 390 ASN A CB  1 
ATOM   102  C CG  . ASN A 1 13  ? -10.983 7.443   7.112   1.00 40.41 ? 390 ASN A CG  1 
ATOM   103  O OD1 . ASN A 1 13  ? -11.936 6.848   7.614   1.00 56.68 ? 390 ASN A OD1 1 
ATOM   104  N ND2 . ASN A 1 13  ? -10.654 7.318   5.828   1.00 54.21 ? 390 ASN A ND2 1 
ATOM   105  N N   . SER A 1 14  ? -7.594  10.062  8.854   1.00 28.20 ? 391 SER A N   1 
ATOM   106  C CA  . SER A 1 14  ? -7.062  11.335  9.325   1.00 27.59 ? 391 SER A CA  1 
ATOM   107  C C   . SER A 1 14  ? -5.610  11.566  8.942   1.00 32.58 ? 391 SER A C   1 
ATOM   108  O O   . SER A 1 14  ? -5.009  12.559  9.348   1.00 35.37 ? 391 SER A O   1 
ATOM   109  C CB  . SER A 1 14  ? -7.276  11.517  10.839  1.00 25.97 ? 391 SER A CB  1 
ATOM   110  O OG  . SER A 1 14  ? -7.280  10.278  11.548  1.00 48.55 ? 391 SER A OG  1 
ATOM   111  N N   . ALA A 1 15  ? -5.039  10.668  8.150   1.00 33.55 ? 392 ALA A N   1 
ATOM   112  C CA  . ALA A 1 15  ? -3.649  10.848  7.740   1.00 33.42 ? 392 ALA A CA  1 
ATOM   113  C C   . ALA A 1 15  ? -3.467  11.850  6.597   1.00 34.84 ? 392 ALA A C   1 
ATOM   114  O O   . ALA A 1 15  ? -4.424  12.267  5.930   1.00 33.04 ? 392 ALA A O   1 
ATOM   115  C CB  . ALA A 1 15  ? -2.989  9.524   7.415   1.00 32.58 ? 392 ALA A CB  1 
ATOM   116  N N   . SER A 1 16  ? -2.217  12.245  6.390   1.00 38.99 ? 393 SER A N   1 
ATOM   117  C CA  . SER A 1 16  ? -1.871  13.220  5.357   1.00 36.04 ? 393 SER A CA  1 
ATOM   118  C C   . SER A 1 16  ? -1.374  12.520  4.095   1.00 30.73 ? 393 SER A C   1 
ATOM   119  O O   . SER A 1 16  ? -0.773  11.439  4.154   1.00 31.54 ? 393 SER A O   1 
ATOM   120  C CB  . SER A 1 16  ? -0.816  14.206  5.895   1.00 35.48 ? 393 SER A CB  1 
ATOM   121  O OG  . SER A 1 16  ? 0.010   14.712  4.862   1.00 40.08 ? 393 SER A OG  1 
ATOM   122  N N   . ASP A 1 17  ? -1.619  13.158  2.960   1.00 26.66 ? 394 ASP A N   1 
ATOM   123  C CA  . ASP A 1 17  ? -1.232  12.621  1.667   1.00 25.57 ? 394 ASP A CA  1 
ATOM   124  C C   . ASP A 1 17  ? 0.247   12.663  1.379   1.00 24.96 ? 394 ASP A C   1 
ATOM   125  O O   . ASP A 1 17  ? 0.722   11.972  0.473   1.00 29.68 ? 394 ASP A O   1 
ATOM   126  C CB  . ASP A 1 17  ? -1.956  13.357  0.543   1.00 23.55 ? 394 ASP A CB  1 
ATOM   127  C CG  . ASP A 1 17  ? -3.440  13.207  0.627   1.00 45.06 ? 394 ASP A CG  1 
ATOM   128  O OD1 . ASP A 1 17  ? -3.919  12.052  0.652   1.00 40.88 ? 394 ASP A OD1 1 
ATOM   129  O OD2 . ASP A 1 17  ? -4.122  14.249  0.691   1.00 44.18 ? 394 ASP A OD2 1 
ATOM   130  N N   . GLN A 1 18  ? 0.971   13.488  2.119   1.00 21.26 ? 395 GLN A N   1 
ATOM   131  C CA  . GLN A 1 18  ? 2.393   13.660  1.874   1.00 19.95 ? 395 GLN A CA  1 
ATOM   132  C C   . GLN A 1 18  ? 3.248   12.875  2.861   1.00 18.69 ? 395 GLN A C   1 
ATOM   133  O O   . GLN A 1 18  ? 2.747   12.451  3.898   1.00 20.67 ? 395 GLN A O   1 
ATOM   134  C CB  . GLN A 1 18  ? 2.708   15.161  1.882   1.00 22.75 ? 395 GLN A CB  1 
ATOM   135  C CG  . GLN A 1 18  ? 2.042   15.928  3.023   1.00 90.00 ? 395 GLN A CG  1 
ATOM   136  C CD  . GLN A 1 18  ? 0.746   16.627  2.621   1.00 90.00 ? 395 GLN A CD  1 
ATOM   137  O OE1 . GLN A 1 18  ? 0.172   16.354  1.570   1.00 67.80 ? 395 GLN A OE1 1 
ATOM   138  N NE2 . GLN A 1 18  ? 0.274   17.521  3.485   1.00 68.05 ? 395 GLN A NE2 1 
ATOM   139  N N   . PRO A 1 19  ? 4.516   12.614  2.539   1.00 19.02 ? 396 PRO A N   1 
ATOM   140  C CA  . PRO A 1 19  ? 5.362   11.874  3.488   1.00 23.52 ? 396 PRO A CA  1 
ATOM   141  C C   . PRO A 1 19  ? 5.656   12.782  4.686   1.00 29.79 ? 396 PRO A C   1 
ATOM   142  O O   . PRO A 1 19  ? 5.779   14.008  4.547   1.00 30.90 ? 396 PRO A O   1 
ATOM   143  C CB  . PRO A 1 19  ? 6.648   11.602  2.712   1.00 22.04 ? 396 PRO A CB  1 
ATOM   144  C CG  . PRO A 1 19  ? 6.613   12.529  1.546   1.00 20.71 ? 396 PRO A CG  1 
ATOM   145  C CD  . PRO A 1 19  ? 5.191   12.850  1.252   1.00 18.04 ? 396 PRO A CD  1 
ATOM   146  N N   . SER A 1 20  ? 5.741   12.189  5.869   1.00 28.74 ? 397 SER A N   1 
ATOM   147  C CA  . SER A 1 20  ? 5.983   12.970  7.062   1.00 26.69 ? 397 SER A CA  1 
ATOM   148  C C   . SER A 1 20  ? 7.338   13.661  7.033   1.00 29.62 ? 397 SER A C   1 
ATOM   149  O O   . SER A 1 20  ? 8.203   13.384  6.181   1.00 29.40 ? 397 SER A O   1 
ATOM   150  C CB  . SER A 1 20  ? 5.852   12.094  8.302   1.00 25.69 ? 397 SER A CB  1 
ATOM   151  O OG  . SER A 1 20  ? 7.074   11.416  8.557   1.00 29.28 ? 397 SER A OG  1 
ATOM   152  N N   . GLU A 1 21  ? 7.520   14.584  7.969   1.00 31.29 ? 398 GLU A N   1 
ATOM   153  C CA  . GLU A 1 21  ? 8.779   15.307  8.064   1.00 30.05 ? 398 GLU A CA  1 
ATOM   154  C C   . GLU A 1 21  ? 9.850   14.286  8.425   1.00 25.33 ? 398 GLU A C   1 
ATOM   155  O O   . GLU A 1 21  ? 10.964  14.326  7.894   1.00 25.38 ? 398 GLU A O   1 
ATOM   156  C CB  . GLU A 1 21  ? 8.686   16.380  9.154   1.00 35.20 ? 398 GLU A CB  1 
ATOM   157  C CG  . GLU A 1 21  ? 7.817   17.579  8.792   1.00 90.00 ? 398 GLU A CG  1 
ATOM   158  C CD  . GLU A 1 21  ? 7.860   18.679  9.841   1.00 90.00 ? 398 GLU A CD  1 
ATOM   159  O OE1 . GLU A 1 21  ? 8.318   18.431  10.983  1.00 50.71 ? 398 GLU A OE1 1 
ATOM   160  O OE2 . GLU A 1 21  ? 7.400   19.794  9.527   1.00 49.95 ? 398 GLU A OE2 1 
ATOM   161  N N   . ASN A 1 22  ? 9.496   13.373  9.332   1.00 21.56 ? 399 ASN A N   1 
ATOM   162  C CA  . ASN A 1 22  ? 10.392  12.318  9.764   1.00 22.22 ? 399 ASN A CA  1 
ATOM   163  C C   . ASN A 1 22  ? 10.810  11.478  8.557   1.00 28.46 ? 399 ASN A C   1 
ATOM   164  O O   . ASN A 1 22  ? 11.990  11.132  8.381   1.00 30.50 ? 399 ASN A O   1 
ATOM   165  C CB  . ASN A 1 22  ? 9.708   11.440  10.805  1.00 20.62 ? 399 ASN A CB  1 
ATOM   166  C CG  . ASN A 1 22  ? 10.662  10.443  11.437  1.00 65.97 ? 399 ASN A CG  1 
ATOM   167  O OD1 . ASN A 1 22  ? 10.233  9.464   12.047  1.00 44.04 ? 399 ASN A OD1 1 
ATOM   168  N ND2 . ASN A 1 22  ? 11.965  10.688  11.299  1.00 40.43 ? 399 ASN A ND2 1 
ATOM   169  N N   . LEU A 1 23  ? 9.840   11.169  7.707   1.00 30.41 ? 400 LEU A N   1 
ATOM   170  C CA  . LEU A 1 23  ? 10.118  10.400  6.506   1.00 29.42 ? 400 LEU A CA  1 
ATOM   171  C C   . LEU A 1 23  ? 11.016  11.216  5.577   1.00 26.92 ? 400 LEU A C   1 
ATOM   172  O O   . LEU A 1 23  ? 11.999  10.701  5.029   1.00 28.30 ? 400 LEU A O   1 
ATOM   173  C CB  . LEU A 1 23  ? 8.817   10.042  5.785   1.00 29.51 ? 400 LEU A CB  1 
ATOM   174  C CG  . LEU A 1 23  ? 8.910   8.905   4.777   1.00 12.27 ? 400 LEU A CG  1 
ATOM   175  C CD1 . LEU A 1 23  ? 9.765   7.802   5.378   1.00 23.90 ? 400 LEU A CD1 1 
ATOM   176  C CD2 . LEU A 1 23  ? 7.511   8.396   4.447   1.00 22.70 ? 400 LEU A CD2 1 
ATOM   177  N N   . ILE A 1 24  ? 10.687  12.487  5.389   1.00 24.12 ? 401 ILE A N   1 
ATOM   178  C CA  . ILE A 1 24  ? 11.506  13.307  4.510   1.00 28.47 ? 401 ILE A CA  1 
ATOM   179  C C   . ILE A 1 24  ? 12.952  13.386  5.001   1.00 30.04 ? 401 ILE A C   1 
ATOM   180  O O   . ILE A 1 24  ? 13.896  13.512  4.207   1.00 30.07 ? 401 ILE A O   1 
ATOM   181  C CB  . ILE A 1 24  ? 10.928  14.692  4.335   1.00 32.40 ? 401 ILE A CB  1 
ATOM   182  C CG1 . ILE A 1 24  ? 9.718   14.640  3.400   1.00 31.32 ? 401 ILE A CG1 1 
ATOM   183  C CG2 . ILE A 1 24  ? 12.004  15.643  3.813   1.00 32.73 ? 401 ILE A CG2 1 
ATOM   184  C CD1 . ILE A 1 24  ? 8.713   15.745  3.663   1.00 46.39 ? 401 ILE A CD1 1 
ATOM   185  N N   . SER A 1 25  ? 13.111  13.275  6.316   1.00 30.99 ? 402 SER A N   1 
ATOM   186  C CA  . SER A 1 25  ? 14.423  13.287  6.952   1.00 31.12 ? 402 SER A CA  1 
ATOM   187  C C   . SER A 1 25  ? 15.204  12.071  6.504   1.00 29.70 ? 402 SER A C   1 
ATOM   188  O O   . SER A 1 25  ? 16.423  12.133  6.331   1.00 32.35 ? 402 SER A O   1 
ATOM   189  C CB  . SER A 1 25  ? 14.262  13.223  8.472   1.00 32.39 ? 402 SER A CB  1 
ATOM   190  O OG  . SER A 1 25  ? 13.041  13.815  8.884   1.00 90.00 ? 402 SER A OG  1 
ATOM   191  N N   . TYR A 1 26  ? 14.508  10.950  6.339   1.00 26.52 ? 403 TYR A N   1 
ATOM   192  C CA  . TYR A 1 26  ? 15.186  9.742   5.900   1.00 25.95 ? 403 TYR A CA  1 
ATOM   193  C C   . TYR A 1 26  ? 15.571  9.911   4.449   1.00 27.06 ? 403 TYR A C   1 
ATOM   194  O O   . TYR A 1 26  ? 16.593  9.375   4.027   1.00 28.17 ? 403 TYR A O   1 
ATOM   195  C CB  . TYR A 1 26  ? 14.329  8.484   6.080   1.00 25.05 ? 403 TYR A CB  1 
ATOM   196  C CG  . TYR A 1 26  ? 14.404  7.847   7.459   1.00 10.29 ? 403 TYR A CG  1 
ATOM   197  C CD1 . TYR A 1 26  ? 15.535  7.164   7.884   1.00 8.98  ? 403 TYR A CD1 1 
ATOM   198  C CD2 . TYR A 1 26  ? 13.327  7.926   8.335   1.00 11.23 ? 403 TYR A CD2 1 
ATOM   199  C CE1 . TYR A 1 26  ? 15.581  6.567   9.147   1.00 6.97  ? 403 TYR A CE1 1 
ATOM   200  C CE2 . TYR A 1 26  ? 13.362  7.340   9.583   1.00 8.86  ? 403 TYR A CE2 1 
ATOM   201  C CZ  . TYR A 1 26  ? 14.489  6.667   9.981   1.00 11.21 ? 403 TYR A CZ  1 
ATOM   202  O OH  . TYR A 1 26  ? 14.504  6.103   11.233  1.00 17.13 ? 403 TYR A OH  1 
ATOM   203  N N   . PHE A 1 27  ? 14.767  10.669  3.694   1.00 27.21 ? 404 PHE A N   1 
ATOM   204  C CA  . PHE A 1 27  ? 15.043  10.907  2.273   1.00 23.24 ? 404 PHE A CA  1 
ATOM   205  C C   . PHE A 1 27  ? 16.268  11.777  2.158   1.00 24.38 ? 404 PHE A C   1 
ATOM   206  O O   . PHE A 1 27  ? 17.188  11.460  1.395   1.00 24.08 ? 404 PHE A O   1 
ATOM   207  C CB  . PHE A 1 27  ? 13.878  11.580  1.555   1.00 20.61 ? 404 PHE A CB  1 
ATOM   208  C CG  . PHE A 1 27  ? 12.632  10.734  1.458   1.00 17.44 ? 404 PHE A CG  1 
ATOM   209  C CD1 . PHE A 1 27  ? 12.638  9.397   1.826   1.00 16.59 ? 404 PHE A CD1 1 
ATOM   210  C CD2 . PHE A 1 27  ? 11.435  11.291  0.994   1.00 19.82 ? 404 PHE A CD2 1 
ATOM   211  C CE1 . PHE A 1 27  ? 11.472  8.634   1.746   1.00 16.77 ? 404 PHE A CE1 1 
ATOM   212  C CE2 . PHE A 1 27  ? 10.259  10.530  0.919   1.00 18.59 ? 404 PHE A CE2 1 
ATOM   213  C CZ  . PHE A 1 27  ? 10.283  9.206   1.295   1.00 17.78 ? 404 PHE A CZ  1 
ATOM   214  N N   . ASN A 1 28  ? 16.294  12.859  2.939   1.00 26.01 ? 405 ASN A N   1 
ATOM   215  C CA  . ASN A 1 28  ? 17.436  13.787  2.934   1.00 25.69 ? 405 ASN A CA  1 
ATOM   216  C C   . ASN A 1 28  ? 18.737  13.193  3.433   1.00 23.07 ? 405 ASN A C   1 
ATOM   217  O O   . ASN A 1 28  ? 19.788  13.743  3.197   1.00 25.80 ? 405 ASN A O   1 
ATOM   218  C CB  . ASN A 1 28  ? 17.144  15.033  3.754   1.00 26.08 ? 405 ASN A CB  1 
ATOM   219  C CG  . ASN A 1 28  ? 16.037  15.845  3.176   1.00 43.44 ? 405 ASN A CG  1 
ATOM   220  O OD1 . ASN A 1 28  ? 15.158  16.325  3.906   1.00 43.59 ? 405 ASN A OD1 1 
ATOM   221  N ND2 . ASN A 1 28  ? 16.001  15.927  1.851   1.00 41.25 ? 405 ASN A ND2 1 
ATOM   222  N N   . ASN A 1 29  ? 18.664  12.084  4.145   1.00 25.30 ? 406 ASN A N   1 
ATOM   223  C CA  . ASN A 1 29  ? 19.852  11.434  4.668   1.00 26.30 ? 406 ASN A CA  1 
ATOM   224  C C   . ASN A 1 29  ? 20.468  10.417  3.712   1.00 29.87 ? 406 ASN A C   1 
ATOM   225  O O   . ASN A 1 29  ? 21.498  9.830   4.030   1.00 32.19 ? 406 ASN A O   1 
ATOM   226  C CB  . ASN A 1 29  ? 19.513  10.735  5.972   1.00 27.90 ? 406 ASN A CB  1 
ATOM   227  C CG  . ASN A 1 29  ? 20.262  11.304  7.138   1.00 36.41 ? 406 ASN A CG  1 
ATOM   228  O OD1 . ASN A 1 29  ? 21.382  11.785  6.996   1.00 36.26 ? 406 ASN A OD1 1 
ATOM   229  N ND2 . ASN A 1 29  ? 19.628  11.302  8.294   1.00 35.14 ? 406 ASN A ND2 1 
ATOM   230  N N   . CYS A 1 30  ? 19.839  10.218  2.549   1.00 29.11 ? 407 CYS A N   1 
ATOM   231  C CA  . CYS A 1 30  ? 20.281  9.249   1.534   1.00 23.89 ? 407 CYS A CA  1 
ATOM   232  C C   . CYS A 1 30  ? 21.381  9.784   0.642   1.00 23.85 ? 407 CYS A C   1 
ATOM   233  O O   . CYS A 1 30  ? 21.351  10.951  0.265   1.00 27.42 ? 407 CYS A O   1 
ATOM   234  C CB  . CYS A 1 30  ? 19.114  8.927   0.597   1.00 22.84 ? 407 CYS A CB  1 
ATOM   235  S SG  . CYS A 1 30  ? 17.822  7.797   1.207   1.00 23.03 ? 407 CYS A SG  1 
ATOM   236  N N   . THR A 1 31  ? 22.294  8.908   0.232   1.00 22.73 ? 408 THR A N   1 
ATOM   237  C CA  . THR A 1 31  ? 23.378  9.272   -0.694  1.00 26.92 ? 408 THR A CA  1 
ATOM   238  C C   . THR A 1 31  ? 22.794  9.907   -1.970  1.00 30.38 ? 408 THR A C   1 
ATOM   239  O O   . THR A 1 31  ? 23.278  10.933  -2.445  1.00 33.07 ? 408 THR A O   1 
ATOM   240  C CB  . THR A 1 31  ? 24.202  8.038   -1.091  1.00 29.27 ? 408 THR A CB  1 
ATOM   241  O OG1 . THR A 1 31  ? 25.065  7.667   -0.011  1.00 27.45 ? 408 THR A OG1 1 
ATOM   242  C CG2 . THR A 1 31  ? 25.017  8.307   -2.350  1.00 27.22 ? 408 THR A CG2 1 
ATOM   243  N N   . VAL A 1 32  ? 21.755  9.289   -2.524  1.00 28.76 ? 409 VAL A N   1 
ATOM   244  C CA  . VAL A 1 32  ? 21.063  9.842   -3.673  1.00 24.69 ? 409 VAL A CA  1 
ATOM   245  C C   . VAL A 1 32  ? 19.640  9.974   -3.164  1.00 26.14 ? 409 VAL A C   1 
ATOM   246  O O   . VAL A 1 32  ? 18.991  9.002   -2.803  1.00 28.09 ? 409 VAL A O   1 
ATOM   247  C CB  . VAL A 1 32  ? 21.201  8.988   -4.929  1.00 24.30 ? 409 VAL A CB  1 
ATOM   248  C CG1 . VAL A 1 32  ? 21.277  7.533   -4.566  1.00 41.16 ? 409 VAL A CG1 1 
ATOM   249  C CG2 . VAL A 1 32  ? 20.077  9.254   -5.883  1.00 38.29 ? 409 VAL A CG2 1 
ATOM   250  N N   . ASN A 1 33  ? 19.210  11.215  -3.035  1.00 29.62 ? 410 ASN A N   1 
ATOM   251  C CA  . ASN A 1 33  ? 17.904  11.573  -2.500  1.00 32.55 ? 410 ASN A CA  1 
ATOM   252  C C   . ASN A 1 33  ? 16.705  11.056  -3.282  1.00 34.25 ? 410 ASN A C   1 
ATOM   253  O O   . ASN A 1 33  ? 16.391  11.553  -4.376  1.00 35.26 ? 410 ASN A O   1 
ATOM   254  C CB  . ASN A 1 33  ? 17.815  13.091  -2.368  1.00 32.79 ? 410 ASN A CB  1 
ATOM   255  C CG  . ASN A 1 33  ? 16.704  13.523  -1.452  1.00 25.13 ? 410 ASN A CG  1 
ATOM   256  O OD1 . ASN A 1 33  ? 16.924  14.278  -0.502  1.00 45.78 ? 410 ASN A OD1 1 
ATOM   257  N ND2 . ASN A 1 33  ? 15.500  13.060  -1.732  1.00 44.70 ? 410 ASN A ND2 1 
ATOM   258  N N   . PRO A 1 34  ? 15.988  10.113  -2.670  1.00 32.45 ? 411 PRO A N   1 
ATOM   259  C CA  . PRO A 1 34  ? 14.835  9.488   -3.300  1.00 26.35 ? 411 PRO A CA  1 
ATOM   260  C C   . PRO A 1 34  ? 13.514  10.250  -3.453  1.00 25.06 ? 411 PRO A C   1 
ATOM   261  O O   . PRO A 1 34  ? 12.652  9.803   -4.210  1.00 28.90 ? 411 PRO A O   1 
ATOM   262  C CB  . PRO A 1 34  ? 14.643  8.225   -2.462  1.00 25.89 ? 411 PRO A CB  1 
ATOM   263  C CG  . PRO A 1 34  ? 15.119  8.609   -1.095  1.00 25.29 ? 411 PRO A CG  1 
ATOM   264  C CD  . PRO A 1 34  ? 16.090  9.751   -1.241  1.00 28.43 ? 411 PRO A CD  1 
ATOM   265  N N   . LYS A 1 35  ? 13.335  11.376  -2.763  1.00 20.86 ? 412 LYS A N   1 
ATOM   266  C CA  . LYS A 1 35  ? 12.070  12.114  -2.833  1.00 25.13 ? 412 LYS A CA  1 
ATOM   267  C C   . LYS A 1 35  ? 11.386  12.249  -4.193  1.00 28.58 ? 412 LYS A C   1 
ATOM   268  O O   . LYS A 1 35  ? 10.280  11.751  -4.395  1.00 30.38 ? 412 LYS A O   1 
ATOM   269  C CB  . LYS A 1 35  ? 12.162  13.475  -2.156  1.00 28.25 ? 412 LYS A CB  1 
ATOM   270  C CG  . LYS A 1 35  ? 10.793  14.133  -1.963  1.00 27.65 ? 412 LYS A CG  1 
ATOM   271  C CD  . LYS A 1 35  ? 10.904  15.492  -1.276  1.00 37.91 ? 412 LYS A CD  1 
ATOM   272  C CE  . LYS A 1 35  ? 9.646   16.348  -1.480  1.00 47.56 ? 412 LYS A CE  1 
ATOM   273  N NZ  . LYS A 1 35  ? 9.826   17.744  -0.989  1.00 48.09 ? 412 LYS A NZ  1 
ATOM   274  N N   . GLU A 1 36  ? 12.049  12.935  -5.113  1.00 28.88 ? 413 GLU A N   1 
ATOM   275  C CA  . GLU A 1 36  ? 11.530  13.158  -6.452  1.00 26.11 ? 413 GLU A CA  1 
ATOM   276  C C   . GLU A 1 36  ? 10.966  11.886  -7.100  1.00 25.63 ? 413 GLU A C   1 
ATOM   277  O O   . GLU A 1 36  ? 9.817   11.850  -7.530  1.00 25.79 ? 413 GLU A O   1 
ATOM   278  C CB  . GLU A 1 36  ? 12.620  13.818  -7.318  1.00 25.05 ? 413 GLU A CB  1 
ATOM   279  C CG  . GLU A 1 36  ? 12.306  13.988  -8.811  1.00 38.70 ? 413 GLU A CG  1 
ATOM   280  C CD  . GLU A 1 36  ? 13.508  14.501  -9.606  1.00 70.91 ? 413 GLU A CD  1 
ATOM   281  O OE1 . GLU A 1 36  ? 13.944  15.651  -9.367  1.00 53.48 ? 413 GLU A OE1 1 
ATOM   282  O OE2 . GLU A 1 36  ? 14.031  13.743  -10.453 1.00 53.17 ? 413 GLU A OE2 1 
ATOM   283  N N   . SER A 1 37  ? 11.768  10.835  -7.158  1.00 25.16 ? 414 SER A N   1 
ATOM   284  C CA  . SER A 1 37  ? 11.339  9.593   -7.787  1.00 23.04 ? 414 SER A CA  1 
ATOM   285  C C   . SER A 1 37  ? 10.210  8.900   -7.029  1.00 21.62 ? 414 SER A C   1 
ATOM   286  O O   . SER A 1 37  ? 9.318   8.291   -7.623  1.00 20.91 ? 414 SER A O   1 
ATOM   287  C CB  . SER A 1 37  ? 12.537  8.659   -7.911  1.00 23.15 ? 414 SER A CB  1 
ATOM   288  O OG  . SER A 1 37  ? 13.163  8.513   -6.653  1.00 33.12 ? 414 SER A OG  1 
ATOM   289  N N   . ILE A 1 38  ? 10.273  8.978   -5.706  1.00 21.63 ? 415 ILE A N   1 
ATOM   290  C CA  . ILE A 1 38  ? 9.256   8.376   -4.872  1.00 22.47 ? 415 ILE A CA  1 
ATOM   291  C C   . ILE A 1 38  ? 7.918   9.125   -5.106  1.00 25.89 ? 415 ILE A C   1 
ATOM   292  O O   . ILE A 1 38  ? 6.870   8.501   -5.282  1.00 26.97 ? 415 ILE A O   1 
ATOM   293  C CB  . ILE A 1 38  ? 9.673   8.395   -3.374  1.00 19.76 ? 415 ILE A CB  1 
ATOM   294  C CG1 . ILE A 1 38  ? 10.714  7.319   -3.057  1.00 12.40 ? 415 ILE A CG1 1 
ATOM   295  C CG2 . ILE A 1 38  ? 8.478   8.208   -2.479  1.00 12.53 ? 415 ILE A CG2 1 
ATOM   296  C CD1 . ILE A 1 38  ? 11.133  7.302   -1.580  1.00 1.00  ? 415 ILE A CD1 1 
ATOM   297  N N   . LEU A 1 39  ? 7.954   10.455  -5.152  1.00 24.75 ? 416 LEU A N   1 
ATOM   298  C CA  . LEU A 1 39  ? 6.724   11.216  -5.374  1.00 23.79 ? 416 LEU A CA  1 
ATOM   299  C C   . LEU A 1 39  ? 6.239   11.029  -6.799  1.00 29.52 ? 416 LEU A C   1 
ATOM   300  O O   . LEU A 1 39  ? 5.041   11.133  -7.088  1.00 33.50 ? 416 LEU A O   1 
ATOM   301  C CB  . LEU A 1 39  ? 6.933   12.707  -5.118  1.00 18.47 ? 416 LEU A CB  1 
ATOM   302  C CG  . LEU A 1 39  ? 7.226   13.170  -3.690  1.00 29.82 ? 416 LEU A CG  1 
ATOM   303  C CD1 . LEU A 1 39  ? 7.252   14.701  -3.619  1.00 18.72 ? 416 LEU A CD1 1 
ATOM   304  C CD2 . LEU A 1 39  ? 6.251   12.594  -2.688  1.00 19.19 ? 416 LEU A CD2 1 
ATOM   305  N N   . LYS A 1 40  ? 7.167   10.786  -7.710  1.00 27.65 ? 417 LYS A N   1 
ATOM   306  C CA  . LYS A 1 40  ? 6.753   10.629  -9.088  1.00 28.41 ? 417 LYS A CA  1 
ATOM   307  C C   . LYS A 1 40  ? 6.028   9.310   -9.298  1.00 26.99 ? 417 LYS A C   1 
ATOM   308  O O   . LYS A 1 40  ? 5.027   9.256   -10.008 1.00 27.57 ? 417 LYS A O   1 
ATOM   309  C CB  . LYS A 1 40  ? 7.945   10.752  -10.034 1.00 30.16 ? 417 LYS A CB  1 
ATOM   310  C CG  . LYS A 1 40  ? 7.586   10.673  -11.503 1.00 30.56 ? 417 LYS A CG  1 
ATOM   311  C CD  . LYS A 1 40  ? 8.744   11.094  -12.369 1.00 26.99 ? 417 LYS A CD  1 
ATOM   312  C CE  . LYS A 1 40  ? 8.325   11.107  -13.813 1.00 24.11 ? 417 LYS A CE  1 
ATOM   313  N NZ  . LYS A 1 40  ? 8.121   9.710   -14.263 1.00 35.80 ? 417 LYS A NZ  1 
ATOM   314  N N   . ARG A 1 41  ? 6.542   8.245   -8.690  1.00 23.71 ? 418 ARG A N   1 
ATOM   315  C CA  . ARG A 1 41  ? 5.943   6.927   -8.842  1.00 23.17 ? 418 ARG A CA  1 
ATOM   316  C C   . ARG A 1 41  ? 4.534   6.887   -8.253  1.00 21.15 ? 418 ARG A C   1 
ATOM   317  O O   . ARG A 1 41  ? 3.638   6.238   -8.781  1.00 20.18 ? 418 ARG A O   1 
ATOM   318  C CB  . ARG A 1 41  ? 6.827   5.877   -8.172  1.00 22.93 ? 418 ARG A CB  1 
ATOM   319  C CG  . ARG A 1 41  ? 6.416   4.415   -8.390  1.00 29.75 ? 418 ARG A CG  1 
ATOM   320  C CD  . ARG A 1 41  ? 7.530   3.495   -7.890  1.00 23.51 ? 418 ARG A CD  1 
ATOM   321  N NE  . ARG A 1 41  ? 8.198   4.204   -6.825  1.00 28.95 ? 418 ARG A NE  1 
ATOM   322  C CZ  . ARG A 1 41  ? 9.489   4.470   -6.773  1.00 27.71 ? 418 ARG A CZ  1 
ATOM   323  N NH1 . ARG A 1 41  ? 10.308  4.012   -7.707  1.00 27.40 ? 418 ARG A NH1 1 
ATOM   324  N NH2 . ARG A 1 41  ? 9.953   5.170   -5.753  1.00 25.21 ? 418 ARG A NH2 1 
ATOM   325  N N   . VAL A 1 42  ? 4.363   7.572   -7.137  1.00 19.63 ? 419 VAL A N   1 
ATOM   326  C CA  . VAL A 1 42  ? 3.081   7.622   -6.463  1.00 19.61 ? 419 VAL A CA  1 
ATOM   327  C C   . VAL A 1 42  ? 2.062   8.297   -7.397  1.00 24.38 ? 419 VAL A C   1 
ATOM   328  O O   . VAL A 1 42  ? 0.931   7.805   -7.600  1.00 21.28 ? 419 VAL A O   1 
ATOM   329  C CB  . VAL A 1 42  ? 3.225   8.373   -5.119  1.00 12.65 ? 419 VAL A CB  1 
ATOM   330  C CG1 . VAL A 1 42  ? 1.912   8.926   -4.669  1.00 10.43 ? 419 VAL A CG1 1 
ATOM   331  C CG2 . VAL A 1 42  ? 3.784   7.438   -4.070  1.00 11.44 ? 419 VAL A CG2 1 
ATOM   332  N N   . LYS A 1 43  ? 2.491   9.409   -7.991  1.00 26.90 ? 420 LYS A N   1 
ATOM   333  C CA  . LYS A 1 43  ? 1.670   10.161  -8.927  1.00 29.16 ? 420 LYS A CA  1 
ATOM   334  C C   . LYS A 1 43  ? 1.420   9.414   -10.247 1.00 30.47 ? 420 LYS A C   1 
ATOM   335  O O   . LYS A 1 43  ? 0.317   9.448   -10.770 1.00 30.07 ? 420 LYS A O   1 
ATOM   336  C CB  . LYS A 1 43  ? 2.317   11.503  -9.232  1.00 30.50 ? 420 LYS A CB  1 
ATOM   337  C CG  . LYS A 1 43  ? 1.562   12.292  -10.287 1.00 63.76 ? 420 LYS A CG  1 
ATOM   338  C CD  . LYS A 1 43  ? 2.098   13.708  -10.421 1.00 40.15 ? 420 LYS A CD  1 
ATOM   339  C CE  . LYS A 1 43  ? 1.055   14.629  -11.050 1.00 48.93 ? 420 LYS A CE  1 
ATOM   340  N NZ  . LYS A 1 43  ? 0.279   15.376  -10.026 1.00 44.70 ? 420 LYS A NZ  1 
ATOM   341  N N   . ASP A 1 44  ? 2.450   8.772   -10.795 1.00 30.17 ? 421 ASP A N   1 
ATOM   342  C CA  . ASP A 1 44  ? 2.315   8.037   -12.055 1.00 29.50 ? 421 ASP A CA  1 
ATOM   343  C C   . ASP A 1 44  ? 1.382   6.852   -11.870 1.00 27.82 ? 421 ASP A C   1 
ATOM   344  O O   . ASP A 1 44  ? 0.533   6.583   -12.721 1.00 30.82 ? 421 ASP A O   1 
ATOM   345  C CB  . ASP A 1 44  ? 3.680   7.533   -12.555 1.00 29.65 ? 421 ASP A CB  1 
ATOM   346  C CG  . ASP A 1 44  ? 4.521   8.628   -13.209 1.00 30.84 ? 421 ASP A CG  1 
ATOM   347  O OD1 . ASP A 1 44  ? 4.036   9.771   -13.398 1.00 28.20 ? 421 ASP A OD1 1 
ATOM   348  O OD2 . ASP A 1 44  ? 5.701   8.345   -13.493 1.00 28.77 ? 421 ASP A OD2 1 
ATOM   349  N N   . ILE A 1 45  ? 1.552   6.135   -10.765 1.00 26.51 ? 422 ILE A N   1 
ATOM   350  C CA  . ILE A 1 45  ? 0.706   4.978   -10.482 1.00 27.74 ? 422 ILE A CA  1 
ATOM   351  C C   . ILE A 1 45  ? -0.717  5.406   -10.112 1.00 26.31 ? 422 ILE A C   1 
ATOM   352  O O   . ILE A 1 45  ? -1.674  4.723   -10.431 1.00 26.97 ? 422 ILE A O   1 
ATOM   353  C CB  . ILE A 1 45  ? 1.314   4.068   -9.395  1.00 29.45 ? 422 ILE A CB  1 
ATOM   354  C CG1 . ILE A 1 45  ? 2.477   3.278   -9.982  1.00 28.37 ? 422 ILE A CG1 1 
ATOM   355  C CG2 . ILE A 1 45  ? 0.278   3.078   -8.885  1.00 26.86 ? 422 ILE A CG2 1 
ATOM   356  C CD1 . ILE A 1 45  ? 1.995   2.147   -10.870 1.00 40.54 ? 422 ILE A CD1 1 
ATOM   357  N N   . GLY A 1 46  ? -0.849  6.556   -9.464  1.00 24.78 ? 423 GLY A N   1 
ATOM   358  C CA  . GLY A 1 46  ? -2.158  7.050   -9.088  1.00 25.71 ? 423 GLY A CA  1 
ATOM   359  C C   . GLY A 1 46  ? -3.043  7.101   -10.322 1.00 27.42 ? 423 GLY A C   1 
ATOM   360  O O   . GLY A 1 46  ? -4.251  6.904   -10.235 1.00 29.27 ? 423 GLY A O   1 
ATOM   361  N N   . TYR A 1 47  ? -2.436  7.355   -11.476 1.00 30.28 ? 424 TYR A N   1 
ATOM   362  C CA  . TYR A 1 47  ? -3.186  7.420   -12.735 1.00 31.49 ? 424 TYR A CA  1 
ATOM   363  C C   . TYR A 1 47  ? -3.535  6.030   -13.299 1.00 29.56 ? 424 TYR A C   1 
ATOM   364  O O   . TYR A 1 47  ? -4.659  5.813   -13.751 1.00 28.39 ? 424 TYR A O   1 
ATOM   365  C CB  . TYR A 1 47  ? -2.420  8.198   -13.787 1.00 30.45 ? 424 TYR A CB  1 
ATOM   366  C CG  . TYR A 1 47  ? -2.180  9.651   -13.477 1.00 34.76 ? 424 TYR A CG  1 
ATOM   367  C CD1 . TYR A 1 47  ? -3.238  10.542  -13.321 1.00 33.72 ? 424 TYR A CD1 1 
ATOM   368  C CD2 . TYR A 1 47  ? -0.878  10.152  -13.424 1.00 34.71 ? 424 TYR A CD2 1 
ATOM   369  C CE1 . TYR A 1 47  ? -2.994  11.891  -13.070 1.00 34.19 ? 424 TYR A CE1 1 
ATOM   370  C CE2 . TYR A 1 47  ? -0.628  11.493  -13.169 1.00 34.53 ? 424 TYR A CE2 1 
ATOM   371  C CZ  . TYR A 1 47  ? -1.683  12.353  -12.999 1.00 34.96 ? 424 TYR A CZ  1 
ATOM   372  O OH  . TYR A 1 47  ? -1.406  13.678  -12.766 1.00 37.52 ? 424 TYR A OH  1 
ATOM   373  N N   . ILE A 1 48  ? -2.579  5.099   -13.284 1.00 27.02 ? 425 ILE A N   1 
ATOM   374  C CA  . ILE A 1 48  ? -2.851  3.747   -13.783 1.00 24.09 ? 425 ILE A CA  1 
ATOM   375  C C   . ILE A 1 48  ? -3.967  3.201   -12.928 1.00 21.32 ? 425 ILE A C   1 
ATOM   376  O O   . ILE A 1 48  ? -4.935  2.674   -13.434 1.00 23.64 ? 425 ILE A O   1 
ATOM   377  C CB  . ILE A 1 48  ? -1.679  2.750   -13.583 1.00 22.43 ? 425 ILE A CB  1 
ATOM   378  C CG1 . ILE A 1 48  ? -0.299  3.323   -13.973 1.00 24.29 ? 425 ILE A CG1 1 
ATOM   379  C CG2 . ILE A 1 48  ? -1.977  1.450   -14.258 1.00 19.20 ? 425 ILE A CG2 1 
ATOM   380  C CD1 . ILE A 1 48  ? -0.273  4.225   -15.162 1.00 24.64 ? 425 ILE A CD1 1 
ATOM   381  N N   . PHE A 1 49  ? -3.802  3.310   -11.615 1.00 21.43 ? 426 PHE A N   1 
ATOM   382  C CA  . PHE A 1 49  ? -4.801  2.829   -10.651 1.00 24.45 ? 426 PHE A CA  1 
ATOM   383  C C   . PHE A 1 49  ? -6.214  3.351   -10.927 1.00 26.70 ? 426 PHE A C   1 
ATOM   384  O O   . PHE A 1 49  ? -7.198  2.603   -10.907 1.00 26.79 ? 426 PHE A O   1 
ATOM   385  C CB  . PHE A 1 49  ? -4.424  3.242   -9.222  1.00 20.31 ? 426 PHE A CB  1 
ATOM   386  C CG  . PHE A 1 49  ? -5.402  2.770   -8.179  1.00 16.59 ? 426 PHE A CG  1 
ATOM   387  C CD1 . PHE A 1 49  ? -5.285  1.503   -7.621  1.00 16.84 ? 426 PHE A CD1 1 
ATOM   388  C CD2 . PHE A 1 49  ? -6.446  3.570   -7.773  1.00 16.21 ? 426 PHE A CD2 1 
ATOM   389  C CE1 . PHE A 1 49  ? -6.169  1.050   -6.667  1.00 13.93 ? 426 PHE A CE1 1 
ATOM   390  C CE2 . PHE A 1 49  ? -7.346  3.111   -6.825  1.00 15.15 ? 426 PHE A CE2 1 
ATOM   391  C CZ  . PHE A 1 49  ? -7.205  1.855   -6.277  1.00 13.18 ? 426 PHE A CZ  1 
ATOM   392  N N   . LYS A 1 50  ? -6.316  4.655   -11.127 1.00 29.04 ? 427 LYS A N   1 
ATOM   393  C CA  . LYS A 1 50  ? -7.613  5.268   -11.352 1.00 28.50 ? 427 LYS A CA  1 
ATOM   394  C C   . LYS A 1 50  ? -8.240  4.889   -12.687 1.00 27.65 ? 427 LYS A C   1 
ATOM   395  O O   . LYS A 1 50  ? -9.458  4.717   -12.784 1.00 28.91 ? 427 LYS A O   1 
ATOM   396  C CB  . LYS A 1 50  ? -7.541  6.781   -11.141 1.00 28.21 ? 427 LYS A CB  1 
ATOM   397  C CG  . LYS A 1 50  ? -7.256  7.165   -9.686  1.00 56.72 ? 427 LYS A CG  1 
ATOM   398  C CD  . LYS A 1 50  ? -7.120  8.665   -9.511  1.00 42.47 ? 427 LYS A CD  1 
ATOM   399  C CE  . LYS A 1 50  ? -5.959  9.017   -8.602  1.00 43.16 ? 427 LYS A CE  1 
ATOM   400  N NZ  . LYS A 1 50  ? -5.708  10.490  -8.600  1.00 58.99 ? 427 LYS A NZ  1 
ATOM   401  N N   . GLU A 1 51  ? -7.429  4.740   -13.723 1.00 25.91 ? 428 GLU A N   1 
ATOM   402  C CA  . GLU A 1 51  ? -8.014  4.349   -14.993 1.00 27.37 ? 428 GLU A CA  1 
ATOM   403  C C   . GLU A 1 51  ? -8.420  2.877   -14.927 1.00 27.18 ? 428 GLU A C   1 
ATOM   404  O O   . GLU A 1 51  ? -9.481  2.490   -15.416 1.00 29.24 ? 428 GLU A O   1 
ATOM   405  C CB  . GLU A 1 51  ? -7.142  4.712   -16.204 1.00 28.20 ? 428 GLU A CB  1 
ATOM   406  C CG  . GLU A 1 51  ? -5.689  4.276   -16.138 1.00 90.00 ? 428 GLU A CG  1 
ATOM   407  C CD  . GLU A 1 51  ? -4.807  5.002   -17.151 1.00 60.30 ? 428 GLU A CD  1 
ATOM   408  O OE1 . GLU A 1 51  ? -4.922  6.242   -17.281 1.00 35.97 ? 428 GLU A OE1 1 
ATOM   409  O OE2 . GLU A 1 51  ? -3.944  4.335   -17.759 1.00 38.43 ? 428 GLU A OE2 1 
ATOM   410  N N   . LYS A 1 52  ? -7.627  2.067   -14.237 1.00 25.09 ? 429 LYS A N   1 
ATOM   411  C CA  . LYS A 1 52  ? -7.983  0.666   -14.065 1.00 24.19 ? 429 LYS A CA  1 
ATOM   412  C C   . LYS A 1 52  ? -9.205  0.516   -13.136 1.00 24.56 ? 429 LYS A C   1 
ATOM   413  O O   . LYS A 1 52  ? -10.071 -0.333  -13.350 1.00 23.25 ? 429 LYS A O   1 
ATOM   414  C CB  . LYS A 1 52  ? -6.806  -0.162  -13.529 1.00 23.06 ? 429 LYS A CB  1 
ATOM   415  C CG  . LYS A 1 52  ? -5.603  -0.282  -14.456 1.00 8.91  ? 429 LYS A CG  1 
ATOM   416  C CD  . LYS A 1 52  ? -5.955  -0.988  -15.745 1.00 27.17 ? 429 LYS A CD  1 
ATOM   417  C CE  . LYS A 1 52  ? -4.833  -1.923  -16.151 1.00 42.69 ? 429 LYS A CE  1 
ATOM   418  N NZ  . LYS A 1 52  ? -4.990  -2.393  -17.547 1.00 52.10 ? 429 LYS A NZ  1 
ATOM   419  N N   . PHE A 1 53  ? -9.269  1.317   -12.083 1.00 24.14 ? 430 PHE A N   1 
ATOM   420  C CA  . PHE A 1 53  ? -10.395 1.205   -11.167 1.00 24.58 ? 430 PHE A CA  1 
ATOM   421  C C   . PHE A 1 53  ? -11.702 1.469   -11.938 1.00 25.09 ? 430 PHE A C   1 
ATOM   422  O O   . PHE A 1 53  ? -12.681 0.739   -11.805 1.00 24.61 ? 430 PHE A O   1 
ATOM   423  C CB  . PHE A 1 53  ? -10.208 2.149   -9.955  1.00 22.18 ? 430 PHE A CB  1 
ATOM   424  C CG  . PHE A 1 53  ? -11.286 2.014   -8.895  1.00 27.72 ? 430 PHE A CG  1 
ATOM   425  C CD1 . PHE A 1 53  ? -11.150 1.119   -7.849  1.00 25.56 ? 430 PHE A CD1 1 
ATOM   426  C CD2 . PHE A 1 53  ? -12.436 2.809   -8.942  1.00 29.18 ? 430 PHE A CD2 1 
ATOM   427  C CE1 . PHE A 1 53  ? -12.144 1.011   -6.869  1.00 26.23 ? 430 PHE A CE1 1 
ATOM   428  C CE2 . PHE A 1 53  ? -13.425 2.704   -7.971  1.00 27.27 ? 430 PHE A CE2 1 
ATOM   429  C CZ  . PHE A 1 53  ? -13.276 1.797   -6.935  1.00 26.40 ? 430 PHE A CZ  1 
ATOM   430  N N   . ALA A 1 54  ? -11.678 2.503   -12.775 1.00 26.07 ? 431 ALA A N   1 
ATOM   431  C CA  . ALA A 1 54  ? -12.816 2.907   -13.592 1.00 23.04 ? 431 ALA A CA  1 
ATOM   432  C C   . ALA A 1 54  ? -13.194 1.810   -14.588 1.00 23.88 ? 431 ALA A C   1 
ATOM   433  O O   . ALA A 1 54  ? -14.359 1.467   -14.744 1.00 24.65 ? 431 ALA A O   1 
ATOM   434  C CB  . ALA A 1 54  ? -12.460 4.178   -14.340 1.00 19.39 ? 431 ALA A CB  1 
ATOM   435  N N   . LYS A 1 55  ? -12.188 1.268   -15.255 1.00 24.29 ? 432 LYS A N   1 
ATOM   436  C CA  . LYS A 1 55  ? -12.385 0.215   -16.233 1.00 22.11 ? 432 LYS A CA  1 
ATOM   437  C C   . LYS A 1 55  ? -12.982 -1.059  -15.647 1.00 28.99 ? 432 LYS A C   1 
ATOM   438  O O   . LYS A 1 55  ? -13.625 -1.831  -16.369 1.00 35.20 ? 432 LYS A O   1 
ATOM   439  C CB  . LYS A 1 55  ? -11.071 -0.116  -16.908 1.00 17.95 ? 432 LYS A CB  1 
ATOM   440  C CG  . LYS A 1 55  ? -11.099 -1.385  -17.699 1.00 10.84 ? 432 LYS A CG  1 
ATOM   441  C CD  . LYS A 1 55  ? -9.675  -1.729  -18.056 1.00 18.37 ? 432 LYS A CD  1 
ATOM   442  C CE  . LYS A 1 55  ? -9.586  -2.383  -19.414 1.00 21.58 ? 432 LYS A CE  1 
ATOM   443  N NZ  . LYS A 1 55  ? -8.605  -3.500  -19.385 1.00 36.72 ? 432 LYS A NZ  1 
ATOM   444  N N   . ALA A 1 56  ? -12.770 -1.289  -14.353 1.00 27.52 ? 433 ALA A N   1 
ATOM   445  C CA  . ALA A 1 56  ? -13.288 -2.495  -13.714 1.00 26.56 ? 433 ALA A CA  1 
ATOM   446  C C   . ALA A 1 56  ? -14.559 -2.167  -12.983 1.00 26.06 ? 433 ALA A C   1 
ATOM   447  O O   . ALA A 1 56  ? -15.418 -3.002  -12.806 1.00 24.91 ? 433 ALA A O   1 
ATOM   448  C CB  . ALA A 1 56  ? -12.262 -3.075  -12.747 1.00 24.50 ? 433 ALA A CB  1 
ATOM   449  N N   . VAL A 1 57  ? -14.666 -0.926  -12.552 1.00 32.38 ? 434 VAL A N   1 
ATOM   450  C CA  . VAL A 1 57  ? -15.814 -0.511  -11.786 1.00 35.73 ? 434 VAL A CA  1 
ATOM   451  C C   . VAL A 1 57  ? -16.941 0.109   -12.596 1.00 41.85 ? 434 VAL A C   1 
ATOM   452  O O   . VAL A 1 57  ? -18.113 -0.048  -12.262 1.00 47.28 ? 434 VAL A O   1 
ATOM   453  C CB  . VAL A 1 57  ? -15.408 0.384   -10.621 1.00 30.90 ? 434 VAL A CB  1 
ATOM   454  C CG1 . VAL A 1 57  ? -15.997 1.759   -10.798 1.00 23.91 ? 434 VAL A CG1 1 
ATOM   455  C CG2 . VAL A 1 57  ? -15.839 -0.242  -9.324  1.00 22.88 ? 434 VAL A CG2 1 
ATOM   456  N N   . GLY A 1 58  ? -16.609 0.816   -13.660 1.00 42.90 ? 435 GLY A N   1 
ATOM   457  C CA  . GLY A 1 58  ? -17.659 1.410   -14.471 1.00 46.86 ? 435 GLY A CA  1 
ATOM   458  C C   . GLY A 1 58  ? -17.951 2.880   -14.188 1.00 53.46 ? 435 GLY A C   1 
ATOM   459  O O   . GLY A 1 58  ? -17.133 3.598   -13.607 1.00 55.33 ? 435 GLY A O   1 
ATOM   460  N N   . GLN A 1 59  ? -19.133 3.309   -14.618 1.00 56.79 ? 436 GLN A N   1 
ATOM   461  C CA  . GLN A 1 59  ? -19.583 4.698   -14.502 1.00 58.62 ? 436 GLN A CA  1 
ATOM   462  C C   . GLN A 1 59  ? -19.352 5.456   -13.202 1.00 55.37 ? 436 GLN A C   1 
ATOM   463  O O   . GLN A 1 59  ? -19.525 4.922   -12.115 1.00 56.23 ? 436 GLN A O   1 
ATOM   464  C CB  . GLN A 1 59  ? -21.051 4.843   -14.936 1.00 60.50 ? 436 GLN A CB  1 
ATOM   465  C CG  . GLN A 1 59  ? -21.308 4.605   -16.424 1.00 64.93 ? 436 GLN A CG  1 
ATOM   466  C CD  . GLN A 1 59  ? -20.432 5.469   -17.320 1.00 90.00 ? 436 GLN A CD  1 
ATOM   467  O OE1 . GLN A 1 59  ? -20.923 6.373   -18.001 1.00 79.71 ? 436 GLN A OE1 1 
ATOM   468  N NE2 . GLN A 1 59  ? -19.126 5.203   -17.312 1.00 79.54 ? 436 GLN A NE2 1 
ATOM   469  N N   . GLY A 1 60  ? -19.003 6.728   -13.364 1.00 54.06 ? 437 GLY A N   1 
ATOM   470  C CA  . GLY A 1 60  ? -18.771 7.704   -12.296 1.00 55.99 ? 437 GLY A CA  1 
ATOM   471  C C   . GLY A 1 60  ? -18.708 7.316   -10.813 1.00 56.49 ? 437 GLY A C   1 
ATOM   472  O O   . GLY A 1 60  ? -19.598 7.663   -10.026 1.00 53.91 ? 437 GLY A O   1 
ATOM   473  N N   . CYS A 1 61  ? -17.619 6.643   -10.440 1.00 57.29 ? 438 CYS A N   1 
ATOM   474  C CA  . CYS A 1 61  ? -17.336 6.255   -9.056  1.00 54.25 ? 438 CYS A CA  1 
ATOM   475  C C   . CYS A 1 61  ? -15.959 6.874   -8.833  1.00 49.95 ? 438 CYS A C   1 
ATOM   476  O O   . CYS A 1 61  ? -15.266 6.540   -7.868  1.00 47.34 ? 438 CYS A O   1 
ATOM   477  C CB  . CYS A 1 61  ? -17.173 4.730   -8.920  1.00 53.70 ? 438 CYS A CB  1 
ATOM   478  S SG  . CYS A 1 61  ? -18.649 3.682   -9.129  1.00 52.73 ? 438 CYS A SG  1 
ATOM   479  N N   . VAL A 1 62  ? -15.559 7.735   -9.771  1.00 47.59 ? 439 VAL A N   1 
ATOM   480  C CA  . VAL A 1 62  ? -14.245 8.376   -9.743  1.00 45.99 ? 439 VAL A CA  1 
ATOM   481  C C   . VAL A 1 62  ? -13.830 8.879   -8.383  1.00 43.61 ? 439 VAL A C   1 
ATOM   482  O O   . VAL A 1 62  ? -12.652 8.837   -8.030  1.00 43.13 ? 439 VAL A O   1 
ATOM   483  C CB  . VAL A 1 62  ? -14.096 9.490   -10.787 1.00 46.22 ? 439 VAL A CB  1 
ATOM   484  C CG1 . VAL A 1 62  ? -14.475 8.970   -12.168 1.00 48.41 ? 439 VAL A CG1 1 
ATOM   485  C CG2 . VAL A 1 62  ? -14.907 10.713  -10.393 1.00 48.40 ? 439 VAL A CG2 1 
ATOM   486  N N   . GLU A 1 63  ? -14.808 9.347   -7.622  1.00 42.84 ? 440 GLU A N   1 
ATOM   487  C CA  . GLU A 1 63  ? -14.567 9.848   -6.284  1.00 41.89 ? 440 GLU A CA  1 
ATOM   488  C C   . GLU A 1 63  ? -14.061 8.689   -5.440  1.00 36.62 ? 440 GLU A C   1 
ATOM   489  O O   . GLU A 1 63  ? -13.032 8.798   -4.796  1.00 36.34 ? 440 GLU A O   1 
ATOM   490  C CB  . GLU A 1 63  ? -15.854 10.432  -5.720  1.00 44.43 ? 440 GLU A CB  1 
ATOM   491  C CG  . GLU A 1 63  ? -16.675 11.218  -6.757  1.00 90.00 ? 440 GLU A CG  1 
ATOM   492  C CD  . GLU A 1 63  ? -17.538 10.329  -7.655  1.00 90.00 ? 440 GLU A CD  1 
ATOM   493  O OE1 . GLU A 1 63  ? -18.001 9.262   -7.179  1.00 55.92 ? 440 GLU A OE1 1 
ATOM   494  O OE2 . GLU A 1 63  ? -17.777 10.719  -8.825  1.00 56.74 ? 440 GLU A OE2 1 
ATOM   495  N N   . ILE A 1 64  ? -14.766 7.567   -5.495  1.00 35.16 ? 441 ILE A N   1 
ATOM   496  C CA  . ILE A 1 64  ? -14.372 6.346   -4.781  1.00 36.50 ? 441 ILE A CA  1 
ATOM   497  C C   . ILE A 1 64  ? -12.910 5.980   -5.083  1.00 35.75 ? 441 ILE A C   1 
ATOM   498  O O   . ILE A 1 64  ? -12.070 5.929   -4.186  1.00 36.55 ? 441 ILE A O   1 
ATOM   499  C CB  . ILE A 1 64  ? -15.230 5.129   -5.257  1.00 37.29 ? 441 ILE A CB  1 
ATOM   500  C CG1 . ILE A 1 64  ? -16.596 5.105   -4.586  1.00 36.00 ? 441 ILE A CG1 1 
ATOM   501  C CG2 . ILE A 1 64  ? -14.535 3.814   -4.960  1.00 35.48 ? 441 ILE A CG2 1 
ATOM   502  C CD1 . ILE A 1 64  ? -17.132 3.716   -4.456  1.00 48.54 ? 441 ILE A CD1 1 
ATOM   503  N N   . GLY A 1 65  ? -12.632 5.709   -6.358  1.00 34.77 ? 442 GLY A N   1 
ATOM   504  C CA  . GLY A 1 65  ? -11.307 5.313   -6.818  1.00 30.14 ? 442 GLY A CA  1 
ATOM   505  C C   . GLY A 1 65  ? -10.181 6.187   -6.289  1.00 28.27 ? 442 GLY A C   1 
ATOM   506  O O   . GLY A 1 65  ? -9.106  5.702   -5.989  1.00 28.17 ? 442 GLY A O   1 
ATOM   507  N N   . SER A 1 66  ? -10.440 7.481   -6.192  1.00 28.58 ? 443 SER A N   1 
ATOM   508  C CA  . SER A 1 66  ? -9.461  8.463   -5.746  1.00 27.32 ? 443 SER A CA  1 
ATOM   509  C C   . SER A 1 66  ? -9.165  8.365   -4.272  1.00 25.83 ? 443 SER A C   1 
ATOM   510  O O   . SER A 1 66  ? -8.030  8.569   -3.828  1.00 24.78 ? 443 SER A O   1 
ATOM   511  C CB  . SER A 1 66  ? -9.989  9.864   -6.048  1.00 29.93 ? 443 SER A CB  1 
ATOM   512  O OG  . SER A 1 66  ? -10.233 10.014  -7.439  1.00 70.48 ? 443 SER A OG  1 
ATOM   513  N N   . GLN A 1 67  ? -10.210 8.064   -3.517  1.00 25.95 ? 444 GLN A N   1 
ATOM   514  C CA  . GLN A 1 67  ? -10.104 7.954   -2.078  1.00 27.25 ? 444 GLN A CA  1 
ATOM   515  C C   . GLN A 1 67  ? -9.452  6.645   -1.709  1.00 24.68 ? 444 GLN A C   1 
ATOM   516  O O   . GLN A 1 67  ? -8.716  6.591   -0.737  1.00 26.79 ? 444 GLN A O   1 
ATOM   517  C CB  . GLN A 1 67  ? -11.489 8.089   -1.422  1.00 30.57 ? 444 GLN A CB  1 
ATOM   518  C CG  . GLN A 1 67  ? -11.465 8.606   0.026   1.00 76.31 ? 444 GLN A CG  1 
ATOM   519  C CD  . GLN A 1 67  ? -10.618 9.865   0.223   1.00 81.85 ? 444 GLN A CD  1 
ATOM   520  O OE1 . GLN A 1 67  ? -10.438 10.667  -0.702  1.00 39.77 ? 444 GLN A OE1 1 
ATOM   521  N NE2 . GLN A 1 67  ? -10.161 10.082  1.454   1.00 36.20 ? 444 GLN A NE2 1 
ATOM   522  N N   . ARG A 1 68  ? -9.724  5.604   -2.499  1.00 24.44 ? 445 ARG A N   1 
ATOM   523  C CA  . ARG A 1 68  ? -9.134  4.275   -2.303  1.00 26.17 ? 445 ARG A CA  1 
ATOM   524  C C   . ARG A 1 68  ? -7.621  4.408   -2.547  1.00 21.81 ? 445 ARG A C   1 
ATOM   525  O O   . ARG A 1 68  ? -6.813  3.856   -1.788  1.00 19.54 ? 445 ARG A O   1 
ATOM   526  C CB  . ARG A 1 68  ? -9.694  3.239   -3.311  1.00 28.16 ? 445 ARG A CB  1 
ATOM   527  C CG  . ARG A 1 68  ? -11.125 2.737   -3.097  1.00 52.99 ? 445 ARG A CG  1 
ATOM   528  C CD  . ARG A 1 68  ? -11.518 2.551   -1.637  1.00 54.25 ? 445 ARG A CD  1 
ATOM   529  N NE  . ARG A 1 68  ? -12.958 2.318   -1.521  1.00 56.89 ? 445 ARG A NE  1 
ATOM   530  C CZ  . ARG A 1 68  ? -13.612 1.350   -2.168  1.00 60.23 ? 445 ARG A CZ  1 
ATOM   531  N NH1 . ARG A 1 68  ? -12.944 0.527   -2.974  1.00 62.48 ? 445 ARG A NH1 1 
ATOM   532  N NH2 . ARG A 1 68  ? -14.925 1.204   -2.015  1.00 60.20 ? 445 ARG A NH2 1 
ATOM   533  N N   . TYR A 1 69  ? -7.257  5.131   -3.615  1.00 16.86 ? 446 TYR A N   1 
ATOM   534  C CA  . TYR A 1 69  ? -5.860  5.343   -3.938  1.00 15.48 ? 446 TYR A CA  1 
ATOM   535  C C   . TYR A 1 69  ? -5.163  6.183   -2.854  1.00 22.28 ? 446 TYR A C   1 
ATOM   536  O O   . TYR A 1 69  ? -4.015  5.903   -2.464  1.00 23.30 ? 446 TYR A O   1 
ATOM   537  C CB  . TYR A 1 69  ? -5.653  5.925   -5.344  1.00 13.00 ? 446 TYR A CB  1 
ATOM   538  C CG  . TYR A 1 69  ? -4.183  5.909   -5.714  1.00 20.97 ? 446 TYR A CG  1 
ATOM   539  C CD1 . TYR A 1 69  ? -3.492  4.715   -5.813  1.00 17.52 ? 446 TYR A CD1 1 
ATOM   540  C CD2 . TYR A 1 69  ? -3.456  7.087   -5.827  1.00 20.35 ? 446 TYR A CD2 1 
ATOM   541  C CE1 . TYR A 1 69  ? -2.146  4.695   -6.080  1.00 16.94 ? 446 TYR A CE1 1 
ATOM   542  C CE2 . TYR A 1 69  ? -2.100  7.070   -6.093  1.00 17.01 ? 446 TYR A CE2 1 
ATOM   543  C CZ  . TYR A 1 69  ? -1.453  5.874   -6.207  1.00 16.45 ? 446 TYR A CZ  1 
ATOM   544  O OH  . TYR A 1 69  ? -0.096  5.860   -6.441  1.00 15.57 ? 446 TYR A OH  1 
ATOM   545  N N   . LYS A 1 70  ? -5.874  7.198   -2.354  1.00 24.63 ? 447 LYS A N   1 
ATOM   546  C CA  . LYS A 1 70  ? -5.356  8.076   -1.303  1.00 24.34 ? 447 LYS A CA  1 
ATOM   547  C C   . LYS A 1 70  ? -5.036  7.289   -0.035  1.00 22.17 ? 447 LYS A C   1 
ATOM   548  O O   . LYS A 1 70  ? -3.965  7.441   0.550   1.00 23.64 ? 447 LYS A O   1 
ATOM   549  C CB  . LYS A 1 70  ? -6.373  9.177   -0.979  1.00 27.01 ? 447 LYS A CB  1 
ATOM   550  C CG  . LYS A 1 70  ? -6.142  10.496  -1.714  1.00 30.04 ? 447 LYS A CG  1 
ATOM   551  C CD  . LYS A 1 70  ? -6.893  11.649  -1.051  1.00 81.20 ? 447 LYS A CD  1 
ATOM   552  C CE  . LYS A 1 70  ? -7.246  12.742  -2.063  1.00 45.56 ? 447 LYS A CE  1 
ATOM   553  N NZ  . LYS A 1 70  ? -6.402  13.964  -1.910  1.00 58.47 ? 447 LYS A NZ  1 
ATOM   554  N N   . LEU A 1 71  ? -5.975  6.446   0.377   1.00 18.65 ? 448 LEU A N   1 
ATOM   555  C CA  . LEU A 1 71  ? -5.816  5.622   1.559   1.00 17.27 ? 448 LEU A CA  1 
ATOM   556  C C   . LEU A 1 71  ? -4.634  4.681   1.436   1.00 20.25 ? 448 LEU A C   1 
ATOM   557  O O   . LEU A 1 71  ? -3.932  4.431   2.410   1.00 24.34 ? 448 LEU A O   1 
ATOM   558  C CB  . LEU A 1 71  ? -7.090  4.800   1.794   1.00 16.83 ? 448 LEU A CB  1 
ATOM   559  C CG  . LEU A 1 71  ? -8.134  5.160   2.863   1.00 23.63 ? 448 LEU A CG  1 
ATOM   560  C CD1 . LEU A 1 71  ? -7.942  6.517   3.508   1.00 11.56 ? 448 LEU A CD1 1 
ATOM   561  C CD2 . LEU A 1 71  ? -9.525  5.036   2.294   1.00 11.90 ? 448 LEU A CD2 1 
ATOM   562  N N   . GLY A 1 72  ? -4.448  4.109   0.250   1.00 20.53 ? 449 GLY A N   1 
ATOM   563  C CA  . GLY A 1 72  ? -3.361  3.170   0.037   1.00 15.85 ? 449 GLY A CA  1 
ATOM   564  C C   . GLY A 1 72  ? -2.040  3.908   0.088   1.00 17.44 ? 449 GLY A C   1 
ATOM   565  O O   . GLY A 1 72  ? -1.098  3.445   0.707   1.00 17.51 ? 449 GLY A O   1 
ATOM   566  N N   . VAL A 1 73  ? -1.977  5.070   -0.565  1.00 22.31 ? 450 VAL A N   1 
ATOM   567  C CA  . VAL A 1 73  ? -0.747  5.878   -0.594  1.00 21.65 ? 450 VAL A CA  1 
ATOM   568  C C   . VAL A 1 73  ? -0.318  6.297   0.819   1.00 21.95 ? 450 VAL A C   1 
ATOM   569  O O   . VAL A 1 73  ? 0.859   6.295   1.154   1.00 24.05 ? 450 VAL A O   1 
ATOM   570  C CB  . VAL A 1 73  ? -0.883  7.091   -1.540  1.00 19.56 ? 450 VAL A CB  1 
ATOM   571  C CG1 . VAL A 1 73  ? 0.175   8.105   -1.250  1.00 24.14 ? 450 VAL A CG1 1 
ATOM   572  C CG2 . VAL A 1 73  ? -0.783  6.653   -2.979  1.00 21.61 ? 450 VAL A CG2 1 
ATOM   573  N N   . ARG A 1 74  ? -1.299  6.607   1.653   1.00 24.71 ? 451 ARG A N   1 
ATOM   574  C CA  . ARG A 1 74  ? -1.056  6.993   3.039   1.00 25.12 ? 451 ARG A CA  1 
ATOM   575  C C   . ARG A 1 74  ? -0.520  5.821   3.849   1.00 20.51 ? 451 ARG A C   1 
ATOM   576  O O   . ARG A 1 74  ? 0.357   5.988   4.676   1.00 19.31 ? 451 ARG A O   1 
ATOM   577  C CB  . ARG A 1 74  ? -2.349  7.526   3.690   1.00 22.97 ? 451 ARG A CB  1 
ATOM   578  C CG  . ARG A 1 74  ? -2.816  8.828   3.088   1.00 18.16 ? 451 ARG A CG  1 
ATOM   579  C CD  . ARG A 1 74  ? -4.111  9.297   3.723   1.00 25.05 ? 451 ARG A CD  1 
ATOM   580  N NE  . ARG A 1 74  ? -4.746  10.356  2.942   1.00 22.97 ? 451 ARG A NE  1 
ATOM   581  C CZ  . ARG A 1 74  ? -5.953  10.841  3.205   1.00 21.85 ? 451 ARG A CZ  1 
ATOM   582  N NH1 . ARG A 1 74  ? -6.643  10.348  4.213   1.00 23.04 ? 451 ARG A NH1 1 
ATOM   583  N NH2 . ARG A 1 74  ? -6.475  11.799  2.454   1.00 19.78 ? 451 ARG A NH2 1 
ATOM   584  N N   . LEU A 1 75  ? -1.072  4.636   3.651   1.00 18.07 ? 452 LEU A N   1 
ATOM   585  C CA  . LEU A 1 75  ? -0.592  3.507   4.422   1.00 16.83 ? 452 LEU A CA  1 
ATOM   586  C C   . LEU A 1 75  ? 0.833   3.209   3.960   1.00 17.17 ? 452 LEU A C   1 
ATOM   587  O O   . LEU A 1 75  ? 1.704   2.777   4.744   1.00 16.12 ? 452 LEU A O   1 
ATOM   588  C CB  . LEU A 1 75  ? -1.527  2.305   4.222   1.00 15.28 ? 452 LEU A CB  1 
ATOM   589  C CG  . LEU A 1 75  ? -1.221  0.935   4.851   1.00 26.18 ? 452 LEU A CG  1 
ATOM   590  C CD1 . LEU A 1 75  ? -0.858  0.970   6.341   1.00 7.95  ? 452 LEU A CD1 1 
ATOM   591  C CD2 . LEU A 1 75  ? -2.364  -0.042  4.571   1.00 11.51 ? 452 LEU A CD2 1 
ATOM   592  N N   . TYR A 1 76  ? 1.066   3.455   2.677   1.00 15.71 ? 453 TYR A N   1 
ATOM   593  C CA  . TYR A 1 76  ? 2.371   3.208   2.072   1.00 17.51 ? 453 TYR A CA  1 
ATOM   594  C C   . TYR A 1 76  ? 3.452   4.071   2.756   1.00 15.39 ? 453 TYR A C   1 
ATOM   595  O O   . TYR A 1 76  ? 4.506   3.558   3.177   1.00 13.92 ? 453 TYR A O   1 
ATOM   596  C CB  . TYR A 1 76  ? 2.262   3.416   0.540   1.00 18.81 ? 453 TYR A CB  1 
ATOM   597  C CG  . TYR A 1 76  ? 3.535   3.764   -0.233  1.00 19.17 ? 453 TYR A CG  1 
ATOM   598  C CD1 . TYR A 1 76  ? 4.453   2.773   -0.604  1.00 18.06 ? 453 TYR A CD1 1 
ATOM   599  C CD2 . TYR A 1 76  ? 3.759   5.068   -0.681  1.00 18.94 ? 453 TYR A CD2 1 
ATOM   600  C CE1 . TYR A 1 76  ? 5.595   3.086   -1.346  1.00 17.82 ? 453 TYR A CE1 1 
ATOM   601  C CE2 . TYR A 1 76  ? 4.885   5.390   -1.424  1.00 19.82 ? 453 TYR A CE2 1 
ATOM   602  C CZ  . TYR A 1 76  ? 5.799   4.396   -1.750  1.00 19.66 ? 453 TYR A CZ  1 
ATOM   603  O OH  . TYR A 1 76  ? 6.896   4.726   -2.495  1.00 17.79 ? 453 TYR A OH  1 
ATOM   604  N N   . TYR A 1 77  ? 3.167   5.364   2.913   1.00 11.60 ? 454 TYR A N   1 
ATOM   605  C CA  . TYR A 1 77  ? 4.087   6.270   3.590   1.00 13.35 ? 454 TYR A CA  1 
ATOM   606  C C   . TYR A 1 77  ? 4.202   5.885   5.055   1.00 12.69 ? 454 TYR A C   1 
ATOM   607  O O   . TYR A 1 77  ? 5.278   5.892   5.633   1.00 15.84 ? 454 TYR A O   1 
ATOM   608  C CB  . TYR A 1 77  ? 3.587   7.701   3.510   1.00 11.68 ? 454 TYR A CB  1 
ATOM   609  C CG  . TYR A 1 77  ? 3.851   8.340   2.179   1.00 11.13 ? 454 TYR A CG  1 
ATOM   610  C CD1 . TYR A 1 77  ? 5.045   8.095   1.491   1.00 9.55  ? 454 TYR A CD1 1 
ATOM   611  C CD2 . TYR A 1 77  ? 2.894   9.168   1.581   1.00 8.48  ? 454 TYR A CD2 1 
ATOM   612  C CE1 . TYR A 1 77  ? 5.277   8.691   0.250   1.00 10.98 ? 454 TYR A CE1 1 
ATOM   613  C CE2 . TYR A 1 77  ? 3.117   9.738   0.338   1.00 6.03  ? 454 TYR A CE2 1 
ATOM   614  C CZ  . TYR A 1 77  ? 4.305   9.515   -0.316  1.00 10.49 ? 454 TYR A CZ  1 
ATOM   615  O OH  . TYR A 1 77  ? 4.521   10.139  -1.537  1.00 14.79 ? 454 TYR A OH  1 
ATOM   616  N N   . ARG A 1 78  ? 3.082   5.531   5.645   1.00 9.08  ? 455 ARG A N   1 
ATOM   617  C CA  . ARG A 1 78  ? 3.087   5.145   7.033   1.00 13.23 ? 455 ARG A CA  1 
ATOM   618  C C   . ARG A 1 78  ? 3.972   3.925   7.248   1.00 15.26 ? 455 ARG A C   1 
ATOM   619  O O   . ARG A 1 78  ? 4.772   3.889   8.184   1.00 16.84 ? 455 ARG A O   1 
ATOM   620  C CB  . ARG A 1 78  ? 1.648   4.939   7.578   1.00 12.05 ? 455 ARG A CB  1 
ATOM   621  C CG  . ARG A 1 78  ? 1.556   3.900   8.674   1.00 11.45 ? 455 ARG A CG  1 
ATOM   622  C CD  . ARG A 1 78  ? 0.168   3.722   9.251   1.00 17.30 ? 455 ARG A CD  1 
ATOM   623  N NE  . ARG A 1 78  ? 0.167   4.419   10.515  1.00 25.25 ? 455 ARG A NE  1 
ATOM   624  C CZ  . ARG A 1 78  ? -0.013  3.892   11.720  1.00 25.18 ? 455 ARG A CZ  1 
ATOM   625  N NH1 . ARG A 1 78  ? -0.279  2.608   11.905  1.00 24.68 ? 455 ARG A NH1 1 
ATOM   626  N NH2 . ARG A 1 78  ? 0.080   4.711   12.745  1.00 25.05 ? 455 ARG A NH2 1 
ATOM   627  N N   . VAL A 1 79  ? 3.841   2.923   6.384   1.00 17.66 ? 456 VAL A N   1 
ATOM   628  C CA  . VAL A 1 79  ? 4.650   1.696   6.512   1.00 15.82 ? 456 VAL A CA  1 
ATOM   629  C C   . VAL A 1 79  ? 6.130   1.862   6.126   1.00 11.90 ? 456 VAL A C   1 
ATOM   630  O O   . VAL A 1 79  ? 6.996   1.250   6.732   1.00 17.09 ? 456 VAL A O   1 
ATOM   631  C CB  . VAL A 1 79  ? 3.978   0.490   5.795   1.00 18.44 ? 456 VAL A CB  1 
ATOM   632  C CG1 . VAL A 1 79  ? 4.743   -0.826  6.038   1.00 8.28  ? 456 VAL A CG1 1 
ATOM   633  C CG2 . VAL A 1 79  ? 2.535   0.366   6.271   1.00 14.87 ? 456 VAL A CG2 1 
ATOM   634  N N   . MET A 1 80  ? 6.409   2.693   5.126   1.00 7.72  ? 457 MET A N   1 
ATOM   635  C CA  . MET A 1 80  ? 7.773   2.956   4.713   1.00 9.61  ? 457 MET A CA  1 
ATOM   636  C C   . MET A 1 80  ? 8.482   3.509   5.933   1.00 15.32 ? 457 MET A C   1 
ATOM   637  O O   . MET A 1 80  ? 9.462   2.915   6.406   1.00 20.92 ? 457 MET A O   1 
ATOM   638  C CB  . MET A 1 80  ? 7.789   4.009   3.612   1.00 10.70 ? 457 MET A CB  1 
ATOM   639  C CG  . MET A 1 80  ? 9.140   4.189   2.956   1.00 11.74 ? 457 MET A CG  1 
ATOM   640  S SD  . MET A 1 80  ? 9.145   5.555   1.772   1.00 15.03 ? 457 MET A SD  1 
ATOM   641  C CE  . MET A 1 80  ? 7.817   5.110   0.693   1.00 9.57  ? 457 MET A CE  1 
ATOM   642  N N   . GLU A 1 81  ? 7.967   4.627   6.460   1.00 13.35 ? 458 GLU A N   1 
ATOM   643  C CA  . GLU A 1 81  ? 8.523   5.261   7.671   1.00 13.47 ? 458 GLU A CA  1 
ATOM   644  C C   . GLU A 1 81  ? 8.791   4.243   8.769   1.00 12.76 ? 458 GLU A C   1 
ATOM   645  O O   . GLU A 1 81  ? 9.899   4.131   9.304   1.00 17.99 ? 458 GLU A O   1 
ATOM   646  C CB  . GLU A 1 81  ? 7.556   6.305   8.222   1.00 13.43 ? 458 GLU A CB  1 
ATOM   647  C CG  . GLU A 1 81  ? 8.032   6.869   9.542   1.00 34.54 ? 458 GLU A CG  1 
ATOM   648  C CD  . GLU A 1 81  ? 7.532   8.269   9.793   1.00 29.14 ? 458 GLU A CD  1 
ATOM   649  O OE1 . GLU A 1 81  ? 6.608   8.701   9.078   1.00 30.31 ? 458 GLU A OE1 1 
ATOM   650  O OE2 . GLU A 1 81  ? 8.039   8.926   10.735  1.00 34.85 ? 458 GLU A OE2 1 
ATOM   651  N N   . SER A 1 82  ? 7.753   3.485   9.077   1.00 12.15 ? 459 SER A N   1 
ATOM   652  C CA  . SER A 1 82  ? 7.805   2.422   10.065  1.00 8.46  ? 459 SER A CA  1 
ATOM   653  C C   . SER A 1 82  ? 8.950   1.410   9.859   1.00 15.77 ? 459 SER A C   1 
ATOM   654  O O   . SER A 1 82  ? 9.628   1.040   10.819  1.00 17.37 ? 459 SER A O   1 
ATOM   655  C CB  . SER A 1 82  ? 6.449   1.727   10.128  1.00 1.92  ? 459 SER A CB  1 
ATOM   656  O OG  . SER A 1 82  ? 6.585   0.514   10.841  1.00 21.03 ? 459 SER A OG  1 
ATOM   657  N N   . MET A 1 83  ? 9.168   0.972   8.614   1.00 20.24 ? 460 MET A N   1 
ATOM   658  C CA  . MET A 1 83  ? 10.250  0.019   8.280   1.00 20.26 ? 460 MET A CA  1 
ATOM   659  C C   . MET A 1 83  ? 11.629  0.667   8.437   1.00 23.45 ? 460 MET A C   1 
ATOM   660  O O   . MET A 1 83  ? 12.612  0.027   8.849   1.00 21.97 ? 460 MET A O   1 
ATOM   661  C CB  . MET A 1 83  ? 10.102  -0.489  6.828   1.00 15.99 ? 460 MET A CB  1 
ATOM   662  C CG  . MET A 1 83  ? 8.832   -1.266  6.604   1.00 16.16 ? 460 MET A CG  1 
ATOM   663  S SD  . MET A 1 83  ? 8.553   -2.040  4.995   1.00 16.81 ? 460 MET A SD  1 
ATOM   664  C CE  . MET A 1 83  ? 8.585   -0.747  3.933   1.00 16.82 ? 460 MET A CE  1 
ATOM   665  N N   . LEU A 1 84  ? 11.693  1.942   8.064   1.00 23.52 ? 461 LEU A N   1 
ATOM   666  C CA  . LEU A 1 84  ? 12.913  2.733   8.127   1.00 16.16 ? 461 LEU A CA  1 
ATOM   667  C C   . LEU A 1 84  ? 13.417  2.818   9.573   1.00 14.23 ? 461 LEU A C   1 
ATOM   668  O O   . LEU A 1 84  ? 14.604  2.592   9.857   1.00 14.53 ? 461 LEU A O   1 
ATOM   669  C CB  . LEU A 1 84  ? 12.574  4.117   7.608   1.00 14.13 ? 461 LEU A CB  1 
ATOM   670  C CG  . LEU A 1 84  ? 13.195  4.511   6.281   1.00 22.20 ? 461 LEU A CG  1 
ATOM   671  C CD1 . LEU A 1 84  ? 13.905  3.360   5.595   1.00 8.01  ? 461 LEU A CD1 1 
ATOM   672  C CD2 . LEU A 1 84  ? 12.239  5.307   5.349   1.00 8.03  ? 461 LEU A CD2 1 
ATOM   673  N N   . LYS A 1 85  ? 12.490  3.127   10.477  1.00 16.00 ? 462 LYS A N   1 
ATOM   674  C CA  . LYS A 1 85  ? 12.773  3.230   11.909  1.00 17.90 ? 462 LYS A CA  1 
ATOM   675  C C   . LYS A 1 85  ? 13.281  1.899   12.445  1.00 22.80 ? 462 LYS A C   1 
ATOM   676  O O   . LYS A 1 85  ? 14.316  1.824   13.106  1.00 29.57 ? 462 LYS A O   1 
ATOM   677  C CB  . LYS A 1 85  ? 11.517  3.608   12.699  1.00 14.61 ? 462 LYS A CB  1 
ATOM   678  C CG  . LYS A 1 85  ? 10.795  4.862   12.231  1.00 45.68 ? 462 LYS A CG  1 
ATOM   679  C CD  . LYS A 1 85  ? 9.929   5.440   13.349  1.00 42.97 ? 462 LYS A CD  1 
ATOM   680  C CE  . LYS A 1 85  ? 8.749   6.255   12.807  1.00 60.21 ? 462 LYS A CE  1 
ATOM   681  N NZ  . LYS A 1 85  ? 7.478   5.446   12.678  1.00 47.57 ? 462 LYS A NZ  1 
ATOM   682  N N   . SER A 1 86  ? 12.536  0.842   12.184  1.00 19.31 ? 463 SER A N   1 
ATOM   683  C CA  . SER A 1 86  ? 12.937  -0.451  12.665  1.00 13.23 ? 463 SER A CA  1 
ATOM   684  C C   . SER A 1 86  ? 14.257  -0.896  12.032  1.00 12.73 ? 463 SER A C   1 
ATOM   685  O O   . SER A 1 86  ? 15.048  -1.564  12.680  1.00 18.28 ? 463 SER A O   1 
ATOM   686  C CB  . SER A 1 86  ? 11.807  -1.483  12.493  1.00 12.08 ? 463 SER A CB  1 
ATOM   687  O OG  . SER A 1 86  ? 11.766  -2.020  11.182  1.00 22.80 ? 463 SER A OG  1 
ATOM   688  N N   . GLU A 1 87  ? 14.510  -0.534  10.782  1.00 13.35 ? 464 GLU A N   1 
ATOM   689  C CA  . GLU A 1 87  ? 15.767  -0.930  10.144  1.00 17.55 ? 464 GLU A CA  1 
ATOM   690  C C   . GLU A 1 87  ? 16.959  -0.139  10.722  1.00 19.32 ? 464 GLU A C   1 
ATOM   691  O O   . GLU A 1 87  ? 18.053  -0.672  10.889  1.00 18.75 ? 464 GLU A O   1 
ATOM   692  C CB  . GLU A 1 87  ? 15.679  -0.734  8.633   1.00 20.34 ? 464 GLU A CB  1 
ATOM   693  C CG  . GLU A 1 87  ? 14.899  -1.813  7.928   1.00 18.56 ? 464 GLU A CG  1 
ATOM   694  C CD  . GLU A 1 87  ? 15.677  -3.085  7.842   1.00 19.87 ? 464 GLU A CD  1 
ATOM   695  O OE1 . GLU A 1 87  ? 15.640  -3.834  8.835   1.00 23.41 ? 464 GLU A OE1 1 
ATOM   696  O OE2 . GLU A 1 87  ? 16.414  -3.284  6.850   1.00 21.44 ? 464 GLU A OE2 1 
ATOM   697  N N   . GLU A 1 88  ? 16.738  1.140   11.015  1.00 21.20 ? 465 GLU A N   1 
ATOM   698  C CA  . GLU A 1 88  ? 17.789  1.974   11.600  1.00 23.94 ? 465 GLU A CA  1 
ATOM   699  C C   . GLU A 1 88  ? 18.148  1.435   12.978  1.00 25.29 ? 465 GLU A C   1 
ATOM   700  O O   . GLU A 1 88  ? 19.301  1.425   13.360  1.00 27.68 ? 465 GLU A O   1 
ATOM   701  C CB  . GLU A 1 88  ? 17.341  3.430   11.698  1.00 22.91 ? 465 GLU A CB  1 
ATOM   702  C CG  . GLU A 1 88  ? 18.423  4.357   12.184  1.00 31.37 ? 465 GLU A CG  1 
ATOM   703  C CD  . GLU A 1 88  ? 17.934  5.788   12.406  1.00 23.94 ? 465 GLU A CD  1 
ATOM   704  O OE1 . GLU A 1 88  ? 17.017  6.253   11.688  1.00 32.01 ? 465 GLU A OE1 1 
ATOM   705  O OE2 . GLU A 1 88  ? 18.481  6.455   13.299  1.00 31.84 ? 465 GLU A OE2 1 
ATOM   706  N N   . GLU A 1 89  ? 17.146  0.969   13.711  1.00 25.72 ? 466 GLU A N   1 
ATOM   707  C CA  . GLU A 1 89  ? 17.375  0.396   15.018  1.00 26.06 ? 466 GLU A CA  1 
ATOM   708  C C   . GLU A 1 89  ? 18.082  -0.931  14.831  1.00 28.43 ? 466 GLU A C   1 
ATOM   709  O O   . GLU A 1 89  ? 18.924  -1.334  15.625  1.00 36.56 ? 466 GLU A O   1 
ATOM   710  C CB  . GLU A 1 89  ? 16.049  0.170   15.755  1.00 26.94 ? 466 GLU A CB  1 
ATOM   711  C CG  . GLU A 1 89  ? 16.200  0.039   17.274  1.00 49.33 ? 466 GLU A CG  1 
ATOM   712  C CD  . GLU A 1 89  ? 16.599  1.352   17.965  1.00 90.00 ? 466 GLU A CD  1 
ATOM   713  O OE1 . GLU A 1 89  ? 17.498  2.068   17.453  1.00 56.39 ? 466 GLU A OE1 1 
ATOM   714  O OE2 . GLU A 1 89  ? 16.016  1.664   19.031  1.00 56.85 ? 466 GLU A OE2 1 
ATOM   715  N N   . ARG A 1 90  ? 17.762  -1.629  13.770  1.00 25.59 ? 467 ARG A N   1 
ATOM   716  C CA  . ARG A 1 90  ? 18.397  -2.911  13.609  1.00 25.81 ? 467 ARG A CA  1 
ATOM   717  C C   . ARG A 1 90  ? 19.820  -2.858  13.093  1.00 22.17 ? 467 ARG A C   1 
ATOM   718  O O   . ARG A 1 90  ? 20.624  -3.716  13.426  1.00 24.41 ? 467 ARG A O   1 
ATOM   719  C CB  . ARG A 1 90  ? 17.556  -3.836  12.724  1.00 25.37 ? 467 ARG A CB  1 
ATOM   720  C CG  . ARG A 1 90  ? 18.293  -5.100  12.332  1.00 17.40 ? 467 ARG A CG  1 
ATOM   721  C CD  . ARG A 1 90  ? 17.409  -5.998  11.525  1.00 25.02 ? 467 ARG A CD  1 
ATOM   722  N NE  . ARG A 1 90  ? 17.346  -5.609  10.123  1.00 21.25 ? 467 ARG A NE  1 
ATOM   723  C CZ  . ARG A 1 90  ? 18.200  -6.038  9.204   1.00 20.37 ? 467 ARG A CZ  1 
ATOM   724  N NH1 . ARG A 1 90  ? 19.196  -6.834  9.547   1.00 23.49 ? 467 ARG A NH1 1 
ATOM   725  N NH2 . ARG A 1 90  ? 18.082  -5.649  7.947   1.00 21.63 ? 467 ARG A NH2 1 
ATOM   726  N N   . LEU A 1 91  ? 20.111  -1.903  12.224  1.00 19.14 ? 468 LEU A N   1 
ATOM   727  C CA  . LEU A 1 91  ? 21.426  -1.833  11.585  1.00 20.98 ? 468 LEU A CA  1 
ATOM   728  C C   . LEU A 1 91  ? 22.314  -0.713  12.115  1.00 19.76 ? 468 LEU A C   1 
ATOM   729  O O   . LEU A 1 91  ? 23.493  -0.654  11.817  1.00 23.09 ? 468 LEU A O   1 
ATOM   730  C CB  . LEU A 1 91  ? 21.220  -1.542  10.082  1.00 22.01 ? 468 LEU A CB  1 
ATOM   731  C CG  . LEU A 1 91  ? 20.932  -2.579  8.985   1.00 22.42 ? 468 LEU A CG  1 
ATOM   732  C CD1 . LEU A 1 91  ? 21.017  -3.992  9.468   1.00 23.24 ? 468 LEU A CD1 1 
ATOM   733  C CD2 . LEU A 1 91  ? 19.632  -2.339  8.307   1.00 19.92 ? 468 LEU A CD2 1 
ATOM   734  N N   . SER A 1 92  ? 21.717  0.246   12.793  1.00 16.72 ? 469 SER A N   1 
ATOM   735  C CA  . SER A 1 92  ? 22.467  1.406   13.197  1.00 16.81 ? 469 SER A CA  1 
ATOM   736  C C   . SER A 1 92  ? 22.974  2.127   11.933  1.00 21.12 ? 469 SER A C   1 
ATOM   737  O O   . SER A 1 92  ? 24.126  2.572   11.849  1.00 21.94 ? 469 SER A O   1 
ATOM   738  C CB  . SER A 1 92  ? 23.568  1.076   14.193  1.00 16.28 ? 469 SER A CB  1 
ATOM   739  O OG  . SER A 1 92  ? 23.085  1.243   15.526  1.00 21.06 ? 469 SER A OG  1 
ATOM   740  N N   . ILE A 1 93  ? 22.086  2.237   10.947  1.00 21.45 ? 470 ILE A N   1 
ATOM   741  C CA  . ILE A 1 93  ? 22.364  2.989   9.735   1.00 21.13 ? 470 ILE A CA  1 
ATOM   742  C C   . ILE A 1 93  ? 21.198  3.947   9.550   1.00 20.94 ? 470 ILE A C   1 
ATOM   743  O O   . ILE A 1 93  ? 20.093  3.706   10.059  1.00 19.32 ? 470 ILE A O   1 
ATOM   744  C CB  . ILE A 1 93  ? 22.723  2.145   8.486   1.00 21.11 ? 470 ILE A CB  1 
ATOM   745  C CG1 . ILE A 1 93  ? 21.621  2.180   7.440   1.00 37.50 ? 470 ILE A CG1 1 
ATOM   746  C CG2 . ILE A 1 93  ? 23.161  0.749   8.860   1.00 38.85 ? 470 ILE A CG2 1 
ATOM   747  C CD1 . ILE A 1 93  ? 21.924  1.340   6.231   1.00 65.19 ? 470 ILE A CD1 1 
ATOM   748  N N   . GLN A 1 94  ? 21.464  5.087   8.931   1.00 20.30 ? 471 GLN A N   1 
ATOM   749  C CA  . GLN A 1 94  ? 20.421  6.074   8.773   1.00 23.00 ? 471 GLN A CA  1 
ATOM   750  C C   . GLN A 1 94  ? 20.305  6.555   7.337   1.00 23.24 ? 471 GLN A C   1 
ATOM   751  O O   . GLN A 1 94  ? 19.390  7.296   6.989   1.00 20.02 ? 471 GLN A O   1 
ATOM   752  C CB  . GLN A 1 94  ? 20.563  7.211   9.806   1.00 26.49 ? 471 GLN A CB  1 
ATOM   753  C CG  . GLN A 1 94  ? 21.972  7.770   10.087  1.00 26.89 ? 471 GLN A CG  1 
ATOM   754  C CD  . GLN A 1 94  ? 22.938  6.828   10.837  1.00 19.07 ? 471 GLN A CD  1 
ATOM   755  O OE1 . GLN A 1 94  ? 24.074  6.696   10.424  1.00 17.57 ? 471 GLN A OE1 1 
ATOM   756  N NE2 . GLN A 1 94  ? 22.538  6.300   11.988  1.00 13.86 ? 471 GLN A NE2 1 
ATOM   757  N N   . ASN A 1 95  ? 21.221  6.057   6.505   1.00 24.65 ? 472 ASN A N   1 
ATOM   758  C CA  . ASN A 1 95  ? 21.305  6.364   5.081   1.00 23.20 ? 472 ASN A CA  1 
ATOM   759  C C   . ASN A 1 95  ? 20.798  5.133   4.333   1.00 20.07 ? 472 ASN A C   1 
ATOM   760  O O   . ASN A 1 95  ? 21.498  4.131   4.221   1.00 19.91 ? 472 ASN A O   1 
ATOM   761  C CB  . ASN A 1 95  ? 22.779  6.646   4.725   1.00 26.08 ? 472 ASN A CB  1 
ATOM   762  C CG  . ASN A 1 95  ? 22.980  7.012   3.260   1.00 48.27 ? 472 ASN A CG  1 
ATOM   763  O OD1 . ASN A 1 95  ? 22.635  6.243   2.369   1.00 47.58 ? 472 ASN A OD1 1 
ATOM   764  N ND2 . ASN A 1 95  ? 23.569  8.179   3.014   1.00 45.93 ? 472 ASN A ND2 1 
ATOM   765  N N   . PHE A 1 96  ? 19.568  5.191   3.847   1.00 20.81 ? 473 PHE A N   1 
ATOM   766  C CA  . PHE A 1 96  ? 18.975  4.041   3.161   1.00 20.77 ? 473 PHE A CA  1 
ATOM   767  C C   . PHE A 1 96  ? 18.791  4.294   1.677   1.00 23.07 ? 473 PHE A C   1 
ATOM   768  O O   . PHE A 1 96  ? 17.730  4.019   1.106   1.00 22.71 ? 473 PHE A O   1 
ATOM   769  C CB  . PHE A 1 96  ? 17.646  3.675   3.834   1.00 20.24 ? 473 PHE A CB  1 
ATOM   770  C CG  . PHE A 1 96  ? 17.826  3.052   5.194   1.00 16.42 ? 473 PHE A CG  1 
ATOM   771  C CD1 . PHE A 1 96  ? 18.186  1.712   5.311   1.00 11.91 ? 473 PHE A CD1 1 
ATOM   772  C CD2 . PHE A 1 96  ? 17.693  3.822   6.350   1.00 15.25 ? 473 PHE A CD2 1 
ATOM   773  C CE1 . PHE A 1 96  ? 18.405  1.156   6.532   1.00 11.43 ? 473 PHE A CE1 1 
ATOM   774  C CE2 . PHE A 1 96  ? 17.899  3.256   7.592   1.00 13.15 ? 473 PHE A CE2 1 
ATOM   775  C CZ  . PHE A 1 96  ? 18.271  1.922   7.681   1.00 10.74 ? 473 PHE A CZ  1 
ATOM   776  N N   . SER A 1 97  ? 19.840  4.829   1.057   1.00 23.96 ? 474 SER A N   1 
ATOM   777  C CA  . SER A 1 97  ? 19.815  5.181   -0.358  1.00 22.54 ? 474 SER A CA  1 
ATOM   778  C C   . SER A 1 97  ? 19.460  4.033   -1.308  1.00 25.77 ? 474 SER A C   1 
ATOM   779  O O   . SER A 1 97  ? 18.667  4.226   -2.250  1.00 23.34 ? 474 SER A O   1 
ATOM   780  C CB  . SER A 1 97  ? 21.135  5.830   -0.756  1.00 21.01 ? 474 SER A CB  1 
ATOM   781  O OG  . SER A 1 97  ? 21.021  6.466   -2.013  1.00 18.45 ? 474 SER A OG  1 
ATOM   782  N N   . LYS A 1 98  ? 20.049  2.855   -1.069  1.00 25.16 ? 475 LYS A N   1 
ATOM   783  C CA  . LYS A 1 98  ? 19.797  1.692   -1.914  1.00 24.12 ? 475 LYS A CA  1 
ATOM   784  C C   . LYS A 1 98  ? 18.346  1.237   -1.840  1.00 22.64 ? 475 LYS A C   1 
ATOM   785  O O   . LYS A 1 98  ? 17.670  1.135   -2.849  1.00 26.70 ? 475 LYS A O   1 
ATOM   786  C CB  . LYS A 1 98  ? 20.721  0.525   -1.570  1.00 24.72 ? 475 LYS A CB  1 
ATOM   787  C CG  . LYS A 1 98  ? 20.613  -0.631  -2.580  1.00 26.77 ? 475 LYS A CG  1 
ATOM   788  C CD  . LYS A 1 98  ? 21.737  -1.642  -2.411  1.00 51.01 ? 475 LYS A CD  1 
ATOM   789  C CE  . LYS A 1 98  ? 21.602  -2.792  -3.385  1.00 41.06 ? 475 LYS A CE  1 
ATOM   790  N NZ  . LYS A 1 98  ? 22.447  -3.942  -2.968  1.00 53.48 ? 475 LYS A NZ  1 
ATOM   791  N N   . LEU A 1 99  ? 17.871  0.964   -0.642  1.00 17.63 ? 476 LEU A N   1 
ATOM   792  C CA  . LEU A 1 99  ? 16.489  0.561   -0.443  1.00 17.96 ? 476 LEU A CA  1 
ATOM   793  C C   . LEU A 1 99  ? 15.476  1.563   -1.023  1.00 19.31 ? 476 LEU A C   1 
ATOM   794  O O   . LEU A 1 99  ? 14.523  1.194   -1.696  1.00 21.43 ? 476 LEU A O   1 
ATOM   795  C CB  . LEU A 1 99  ? 16.231  0.440   1.060   1.00 15.99 ? 476 LEU A CB  1 
ATOM   796  C CG  . LEU A 1 99  ? 14.833  -0.012  1.440   1.00 24.24 ? 476 LEU A CG  1 
ATOM   797  C CD1 . LEU A 1 99  ? 14.550  -1.387  0.802   1.00 8.48  ? 476 LEU A CD1 1 
ATOM   798  C CD2 . LEU A 1 99  ? 14.759  -0.055  2.958   1.00 12.06 ? 476 LEU A CD2 1 
ATOM   799  N N   . LEU A 1 100 ? 15.670  2.838   -0.728  1.00 19.34 ? 477 LEU A N   1 
ATOM   800  C CA  . LEU A 1 100 ? 14.736  3.865   -1.157  1.00 16.03 ? 477 LEU A CA  1 
ATOM   801  C C   . LEU A 1 100 ? 14.799  4.264   -2.618  1.00 20.28 ? 477 LEU A C   1 
ATOM   802  O O   . LEU A 1 100 ? 13.889  4.926   -3.137  1.00 21.37 ? 477 LEU A O   1 
ATOM   803  C CB  . LEU A 1 100 ? 14.860  5.075   -0.250  1.00 14.40 ? 477 LEU A CB  1 
ATOM   804  C CG  . LEU A 1 100 ? 13.944  5.072   0.959   1.00 18.57 ? 477 LEU A CG  1 
ATOM   805  C CD1 . LEU A 1 100 ? 13.286  3.733   1.250   1.00 10.56 ? 477 LEU A CD1 1 
ATOM   806  C CD2 . LEU A 1 100 ? 14.635  5.669   2.153   1.00 11.67 ? 477 LEU A CD2 1 
ATOM   807  N N   . ASN A 1 101 ? 15.874  3.885   -3.290  1.00 23.04 ? 478 ASN A N   1 
ATOM   808  C CA  . ASN A 1 101 ? 15.996  4.187   -4.708  1.00 24.65 ? 478 ASN A CA  1 
ATOM   809  C C   . ASN A 1 101 ? 15.679  2.936   -5.527  1.00 25.54 ? 478 ASN A C   1 
ATOM   810  O O   . ASN A 1 101 ? 15.892  2.903   -6.732  1.00 27.48 ? 478 ASN A O   1 
ATOM   811  C CB  . ASN A 1 101 ? 17.382  4.729   -5.037  1.00 25.79 ? 478 ASN A CB  1 
ATOM   812  C CG  . ASN A 1 101 ? 17.615  6.102   -4.453  1.00 21.39 ? 478 ASN A CG  1 
ATOM   813  O OD1 . ASN A 1 101 ? 18.125  6.220   -3.342  1.00 20.87 ? 478 ASN A OD1 1 
ATOM   814  N ND2 . ASN A 1 101 ? 17.076  7.120   -5.102  1.00 15.13 ? 478 ASN A ND2 1 
ATOM   815  N N   . ASP A 1 102 ? 15.147  1.924   -4.850  1.00 24.41 ? 479 ASP A N   1 
ATOM   816  C CA  . ASP A 1 102 ? 14.778  0.659   -5.462  1.00 22.44 ? 479 ASP A CA  1 
ATOM   817  C C   . ASP A 1 102 ? 13.310  0.684   -5.854  1.00 25.48 ? 479 ASP A C   1 
ATOM   818  O O   . ASP A 1 102 ? 12.451  0.807   -4.989  1.00 24.87 ? 479 ASP A O   1 
ATOM   819  C CB  . ASP A 1 102 ? 14.990  -0.480  -4.461  1.00 19.98 ? 479 ASP A CB  1 
ATOM   820  C CG  . ASP A 1 102 ? 14.731  -1.849  -5.078  1.00 16.07 ? 479 ASP A CG  1 
ATOM   821  O OD1 . ASP A 1 102 ? 14.182  -1.912  -6.192  1.00 43.81 ? 479 ASP A OD1 1 
ATOM   822  O OD2 . ASP A 1 102 ? 15.083  -2.864  -4.460  1.00 42.50 ? 479 ASP A OD2 1 
ATOM   823  N N   . ASN A 1 103 ? 13.040  0.521   -7.152  1.00 29.49 ? 480 ASN A N   1 
ATOM   824  C CA  . ASN A 1 103 ? 11.677  0.509   -7.735  1.00 29.16 ? 480 ASN A CA  1 
ATOM   825  C C   . ASN A 1 103 ? 10.778  -0.607  -7.201  1.00 24.74 ? 480 ASN A C   1 
ATOM   826  O O   . ASN A 1 103 ? 9.608   -0.396  -6.909  1.00 25.97 ? 480 ASN A O   1 
ATOM   827  C CB  . ASN A 1 103 ? 11.778  0.307   -9.245  1.00 28.87 ? 480 ASN A CB  1 
ATOM   828  C CG  . ASN A 1 103 ? 11.036  1.352   -10.034 1.00 69.29 ? 480 ASN A CG  1 
ATOM   829  O OD1 . ASN A 1 103 ? 11.669  2.233   -10.632 1.00 43.75 ? 480 ASN A OD1 1 
ATOM   830  N ND2 . ASN A 1 103 ? 9.720   1.160   -10.201 1.00 39.78 ? 480 ASN A ND2 1 
ATOM   831  N N   . ILE A 1 104 ? 11.327  -1.806  -7.129  1.00 21.43 ? 481 ILE A N   1 
ATOM   832  C CA  . ILE A 1 104 ? 10.585  -2.962  -6.656  1.00 21.69 ? 481 ILE A CA  1 
ATOM   833  C C   . ILE A 1 104 ? 10.122  -2.852  -5.217  1.00 21.43 ? 481 ILE A C   1 
ATOM   834  O O   . ILE A 1 104 ? 8.988   -3.203  -4.922  1.00 22.80 ? 481 ILE A O   1 
ATOM   835  C CB  . ILE A 1 104 ? 11.389  -4.265  -6.836  1.00 20.66 ? 481 ILE A CB  1 
ATOM   836  C CG1 . ILE A 1 104 ? 11.452  -4.637  -8.307  1.00 20.38 ? 481 ILE A CG1 1 
ATOM   837  C CG2 . ILE A 1 104 ? 10.785  -5.400  -6.028  1.00 18.84 ? 481 ILE A CG2 1 
ATOM   838  C CD1 . ILE A 1 104 ? 12.438  -5.749  -8.590  1.00 40.73 ? 481 ILE A CD1 1 
ATOM   839  N N   . PHE A 1 105 ? 10.999  -2.406  -4.317  1.00 23.50 ? 482 PHE A N   1 
ATOM   840  C CA  . PHE A 1 105 ? 10.628  -2.262  -2.907  1.00 22.96 ? 482 PHE A CA  1 
ATOM   841  C C   . PHE A 1 105 ? 9.386   -1.353  -2.882  1.00 22.73 ? 482 PHE A C   1 
ATOM   842  O O   . PHE A 1 105 ? 8.374   -1.634  -2.222  1.00 23.95 ? 482 PHE A O   1 
ATOM   843  C CB  . PHE A 1 105 ? 11.775  -1.627  -2.088  1.00 23.62 ? 482 PHE A CB  1 
ATOM   844  C CG  . PHE A 1 105 ? 11.331  -1.049  -0.753  1.00 15.80 ? 482 PHE A CG  1 
ATOM   845  C CD1 . PHE A 1 105 ? 10.816  -1.884  0.249   1.00 11.40 ? 482 PHE A CD1 1 
ATOM   846  C CD2 . PHE A 1 105 ? 11.376  0.329   -0.526  1.00 15.80 ? 482 PHE A CD2 1 
ATOM   847  C CE1 . PHE A 1 105 ? 10.376  -1.379  1.452   1.00 11.99 ? 482 PHE A CE1 1 
ATOM   848  C CE2 . PHE A 1 105 ? 10.919  0.863   0.674   1.00 17.08 ? 482 PHE A CE2 1 
ATOM   849  C CZ  . PHE A 1 105 ? 10.430  -0.003  1.685   1.00 15.84 ? 482 PHE A CZ  1 
ATOM   850  N N   . HIS A 1 106 ? 9.469   -0.271  -3.643  1.00 19.42 ? 483 HIS A N   1 
ATOM   851  C CA  . HIS A 1 106 ? 8.386   0.690   -3.737  1.00 18.93 ? 483 HIS A CA  1 
ATOM   852  C C   . HIS A 1 106 ? 7.102   0.188   -4.402  1.00 22.85 ? 483 HIS A C   1 
ATOM   853  O O   . HIS A 1 106 ? 5.991   0.421   -3.882  1.00 23.96 ? 483 HIS A O   1 
ATOM   854  C CB  . HIS A 1 106 ? 8.889   1.936   -4.403  1.00 15.41 ? 483 HIS A CB  1 
ATOM   855  C CG  . HIS A 1 106 ? 9.609   2.839   -3.466  1.00 16.41 ? 483 HIS A CG  1 
ATOM   856  N ND1 . HIS A 1 106 ? 10.915  3.220   -3.658  1.00 18.50 ? 483 HIS A ND1 1 
ATOM   857  C CD2 . HIS A 1 106 ? 9.226   3.388   -2.294  1.00 14.42 ? 483 HIS A CD2 1 
ATOM   858  C CE1 . HIS A 1 106 ? 11.288  4.011   -2.669  1.00 16.50 ? 483 HIS A CE1 1 
ATOM   859  N NE2 . HIS A 1 106 ? 10.282  4.130   -1.829  1.00 14.53 ? 483 HIS A NE2 1 
ATOM   860  N N   . MET A 1 107 ? 7.249   -0.497  -5.540  1.00 18.50 ? 484 MET A N   1 
ATOM   861  C CA  . MET A 1 107 ? 6.098   -1.056  -6.236  1.00 15.97 ? 484 MET A CA  1 
ATOM   862  C C   . MET A 1 107 ? 5.468   -2.101  -5.326  1.00 14.25 ? 484 MET A C   1 
ATOM   863  O O   . MET A 1 107 ? 4.252   -2.170  -5.196  1.00 16.18 ? 484 MET A O   1 
ATOM   864  C CB  . MET A 1 107 ? 6.541   -1.732  -7.523  1.00 18.75 ? 484 MET A CB  1 
ATOM   865  C CG  . MET A 1 107 ? 6.854   -0.760  -8.625  1.00 23.68 ? 484 MET A CG  1 
ATOM   866  S SD  . MET A 1 107 ? 5.560   0.444   -8.825  1.00 31.77 ? 484 MET A SD  1 
ATOM   867  C CE  . MET A 1 107 ? 5.923   1.030   -10.501 1.00 90.00 ? 484 MET A CE  1 
ATOM   868  N N   . SER A 1 108 ? 6.315   -2.914  -4.698  1.00 14.84 ? 485 SER A N   1 
ATOM   869  C CA  . SER A 1 108 ? 5.875   -3.974  -3.794  1.00 13.69 ? 485 SER A CA  1 
ATOM   870  C C   . SER A 1 108 ? 5.172   -3.415  -2.581  1.00 18.04 ? 485 SER A C   1 
ATOM   871  O O   . SER A 1 108 ? 4.147   -3.936  -2.168  1.00 21.65 ? 485 SER A O   1 
ATOM   872  C CB  . SER A 1 108 ? 7.071   -4.786  -3.315  1.00 11.39 ? 485 SER A CB  1 
ATOM   873  O OG  . SER A 1 108 ? 7.658   -5.496  -4.387  1.00 39.11 ? 485 SER A OG  1 
ATOM   874  N N   . LEU A 1 109 ? 5.765   -2.387  -1.975  1.00 16.25 ? 486 LEU A N   1 
ATOM   875  C CA  . LEU A 1 109 ? 5.207   -1.781  -0.787  1.00 12.67 ? 486 LEU A CA  1 
ATOM   876  C C   . LEU A 1 109 ? 3.870   -1.100  -1.124  1.00 13.13 ? 486 LEU A C   1 
ATOM   877  O O   . LEU A 1 109 ? 2.881   -1.243  -0.396  1.00 16.17 ? 486 LEU A O   1 
ATOM   878  C CB  . LEU A 1 109 ? 6.220   -0.804  -0.174  1.00 15.83 ? 486 LEU A CB  1 
ATOM   879  C CG  . LEU A 1 109 ? 5.916   -0.046  1.137   1.00 28.77 ? 486 LEU A CG  1 
ATOM   880  C CD1 . LEU A 1 109 ? 5.842   -1.003  2.296   1.00 11.74 ? 486 LEU A CD1 1 
ATOM   881  C CD2 . LEU A 1 109 ? 6.928   1.094   1.437   1.00 7.19  ? 486 LEU A CD2 1 
ATOM   882  N N   . LEU A 1 110 ? 3.831   -0.368  -2.228  1.00 8.53  ? 487 LEU A N   1 
ATOM   883  C CA  . LEU A 1 110 ? 2.602   0.294   -2.613  1.00 11.59 ? 487 LEU A CA  1 
ATOM   884  C C   . LEU A 1 110 ? 1.463   -0.717  -2.926  1.00 13.89 ? 487 LEU A C   1 
ATOM   885  O O   . LEU A 1 110 ? 0.353   -0.587  -2.442  1.00 17.55 ? 487 LEU A O   1 
ATOM   886  C CB  . LEU A 1 110 ? 2.867   1.284   -3.750  1.00 10.24 ? 487 LEU A CB  1 
ATOM   887  C CG  . LEU A 1 110 ? 1.780   2.268   -4.192  1.00 25.67 ? 487 LEU A CG  1 
ATOM   888  C CD1 . LEU A 1 110 ? 1.295   3.195   -3.047  1.00 9.70  ? 487 LEU A CD1 1 
ATOM   889  C CD2 . LEU A 1 110 ? 2.325   3.080   -5.382  1.00 10.63 ? 487 LEU A CD2 1 
ATOM   890  N N   . ALA A 1 111 ? 1.762   -1.754  -3.688  1.00 14.92 ? 488 ALA A N   1 
ATOM   891  C CA  . ALA A 1 111 ? 0.783   -2.791  -4.010  1.00 10.57 ? 488 ALA A CA  1 
ATOM   892  C C   . ALA A 1 111 ? 0.165   -3.390  -2.738  1.00 14.26 ? 488 ALA A C   1 
ATOM   893  O O   . ALA A 1 111 ? -1.056  -3.545  -2.654  1.00 18.35 ? 488 ALA A O   1 
ATOM   894  C CB  . ALA A 1 111 ? 1.447   -3.909  -4.878  1.00 5.26  ? 488 ALA A CB  1 
ATOM   895  N N   . CYS A 1 112 ? 1.004   -3.718  -1.755  1.00 14.47 ? 489 CYS A N   1 
ATOM   896  C CA  . CYS A 1 112 ? 0.552   -4.297  -0.478  1.00 15.59 ? 489 CYS A CA  1 
ATOM   897  C C   . CYS A 1 112 ? -0.359  -3.354  0.325   1.00 17.35 ? 489 CYS A C   1 
ATOM   898  O O   . CYS A 1 112 ? -1.367  -3.792  0.904   1.00 17.51 ? 489 CYS A O   1 
ATOM   899  C CB  . CYS A 1 112 ? 1.748   -4.730  0.380   1.00 11.76 ? 489 CYS A CB  1 
ATOM   900  S SG  . CYS A 1 112 ? 1.391   -6.087  1.540   1.00 12.82 ? 489 CYS A SG  1 
ATOM   901  N N   . ALA A 1 113 ? 0.014   -2.075  0.360   1.00 14.44 ? 490 ALA A N   1 
ATOM   902  C CA  . ALA A 1 113 ? -0.746  -1.028  1.048   1.00 13.68 ? 490 ALA A CA  1 
ATOM   903  C C   . ALA A 1 113 ? -2.098  -0.873  0.366   1.00 17.44 ? 490 ALA A C   1 
ATOM   904  O O   . ALA A 1 113 ? -3.117  -0.706  1.026   1.00 20.89 ? 490 ALA A O   1 
ATOM   905  C CB  . ALA A 1 113 ? 0.000   0.296   0.951   1.00 10.50 ? 490 ALA A CB  1 
ATOM   906  N N   . LEU A 1 114 ? -2.093  -0.905  -0.968  1.00 15.48 ? 491 LEU A N   1 
ATOM   907  C CA  . LEU A 1 114 ? -3.308  -0.766  -1.755  1.00 12.11 ? 491 LEU A CA  1 
ATOM   908  C C   . LEU A 1 114 ? -4.134  -2.061  -1.622  1.00 12.84 ? 491 LEU A C   1 
ATOM   909  O O   . LEU A 1 114 ? -5.361  -2.032  -1.592  1.00 15.42 ? 491 LEU A O   1 
ATOM   910  C CB  . LEU A 1 114 ? -2.943  -0.457  -3.216  1.00 13.65 ? 491 LEU A CB  1 
ATOM   911  C CG  . LEU A 1 114 ? -3.174  0.905   -3.906  1.00 21.16 ? 491 LEU A CG  1 
ATOM   912  C CD1 . LEU A 1 114 ? -3.659  2.034   -3.040  1.00 12.11 ? 491 LEU A CD1 1 
ATOM   913  C CD2 . LEU A 1 114 ? -2.056  1.364   -4.838  1.00 7.83  ? 491 LEU A CD2 1 
ATOM   914  N N   . GLU A 1 115 ? -3.458  -3.199  -1.527  1.00 16.70 ? 492 GLU A N   1 
ATOM   915  C CA  . GLU A 1 115 ? -4.137  -4.487  -1.347  1.00 16.14 ? 492 GLU A CA  1 
ATOM   916  C C   . GLU A 1 115 ? -4.899  -4.476  -0.023  1.00 18.97 ? 492 GLU A C   1 
ATOM   917  O O   . GLU A 1 115 ? -6.097  -4.783  -0.004  1.00 21.41 ? 492 GLU A O   1 
ATOM   918  C CB  . GLU A 1 115 ? -3.158  -5.666  -1.405  1.00 15.57 ? 492 GLU A CB  1 
ATOM   919  C CG  . GLU A 1 115 ? -3.778  -7.056  -1.163  1.00 27.05 ? 492 GLU A CG  1 
ATOM   920  C CD  . GLU A 1 115 ? -4.766  -7.496  -2.262  1.00 23.85 ? 492 GLU A CD  1 
ATOM   921  O OE1 . GLU A 1 115 ? -4.558  -7.091  -3.421  1.00 16.45 ? 492 GLU A OE1 1 
ATOM   922  O OE2 . GLU A 1 115 ? -5.776  -8.203  -1.966  1.00 15.00 ? 492 GLU A OE2 1 
ATOM   923  N N   . VAL A 1 116 ? -4.251  -4.092  1.079   1.00 17.33 ? 493 VAL A N   1 
ATOM   924  C CA  . VAL A 1 116 ? -4.995  -4.038  2.332   1.00 17.65 ? 493 VAL A CA  1 
ATOM   925  C C   . VAL A 1 116 ? -6.222  -3.123  2.313   1.00 21.52 ? 493 VAL A C   1 
ATOM   926  O O   . VAL A 1 116 ? -7.241  -3.441  2.922   1.00 25.46 ? 493 VAL A O   1 
ATOM   927  C CB  . VAL A 1 116 ? -4.169  -3.873  3.629   1.00 21.11 ? 493 VAL A CB  1 
ATOM   928  C CG1 . VAL A 1 116 ? -2.711  -4.253  3.468   1.00 12.85 ? 493 VAL A CG1 1 
ATOM   929  C CG2 . VAL A 1 116 ? -4.394  -2.519  4.266   1.00 14.82 ? 493 VAL A CG2 1 
ATOM   930  N N   . VAL A 1 117 ? -6.142  -2.002  1.605   1.00 22.14 ? 494 VAL A N   1 
ATOM   931  C CA  . VAL A 1 117 ? -7.278  -1.090  1.486   1.00 19.94 ? 494 VAL A CA  1 
ATOM   932  C C   . VAL A 1 117 ? -8.359  -1.702  0.579   1.00 26.30 ? 494 VAL A C   1 
ATOM   933  O O   . VAL A 1 117 ? -9.534  -1.691  0.937   1.00 31.17 ? 494 VAL A O   1 
ATOM   934  C CB  . VAL A 1 117 ? -6.850  0.265   0.920   1.00 18.23 ? 494 VAL A CB  1 
ATOM   935  C CG1 . VAL A 1 117 ? -8.066  1.100   0.555   1.00 21.72 ? 494 VAL A CG1 1 
ATOM   936  C CG2 . VAL A 1 117 ? -5.973  1.001   1.930   1.00 23.69 ? 494 VAL A CG2 1 
ATOM   937  N N   . MET A 1 118 ? -7.954  -2.241  -0.578  1.00 24.91 ? 495 MET A N   1 
ATOM   938  C CA  . MET A 1 118 ? -8.867  -2.880  -1.533  1.00 22.35 ? 495 MET A CA  1 
ATOM   939  C C   . MET A 1 118 ? -9.582  -4.108  -0.960  1.00 21.54 ? 495 MET A C   1 
ATOM   940  O O   . MET A 1 118 ? -10.693 -4.432  -1.383  1.00 20.79 ? 495 MET A O   1 
ATOM   941  C CB  . MET A 1 118 ? -8.134  -3.290  -2.817  1.00 24.51 ? 495 MET A CB  1 
ATOM   942  C CG  . MET A 1 118 ? -7.479  -2.144  -3.586  1.00 26.56 ? 495 MET A CG  1 
ATOM   943  S SD  . MET A 1 118 ? -8.574  -0.720  -3.819  1.00 30.94 ? 495 MET A SD  1 
ATOM   944  C CE  . MET A 1 118 ? -9.606  -1.323  -5.089  1.00 23.96 ? 495 MET A CE  1 
ATOM   945  N N   . ALA A 1 119 ? -8.937  -4.806  -0.029  1.00 21.02 ? 496 ALA A N   1 
ATOM   946  C CA  . ALA A 1 119 ? -9.528  -5.993  0.592   1.00 19.79 ? 496 ALA A CA  1 
ATOM   947  C C   . ALA A 1 119 ? -10.449 -5.511  1.699   1.00 27.17 ? 496 ALA A C   1 
ATOM   948  O O   . ALA A 1 119 ? -11.453 -6.146  2.052   1.00 28.35 ? 496 ALA A O   1 
ATOM   949  C CB  . ALA A 1 119 ? -8.449  -6.897  1.173   1.00 13.31 ? 496 ALA A CB  1 
ATOM   950  N N   . THR A 1 120 ? -10.102 -4.369  2.264   1.00 32.12 ? 497 THR A N   1 
ATOM   951  C CA  . THR A 1 120 ? -10.925 -3.821  3.309   1.00 36.48 ? 497 THR A CA  1 
ATOM   952  C C   . THR A 1 120 ? -12.259 -3.386  2.697   1.00 41.66 ? 497 THR A C   1 
ATOM   953  O O   . THR A 1 120 ? -13.270 -3.378  3.388   1.00 41.75 ? 497 THR A O   1 
ATOM   954  C CB  . THR A 1 120 ? -10.239 -2.618  3.941   1.00 38.97 ? 497 THR A CB  1 
ATOM   955  O OG1 . THR A 1 120 ? -9.279  -3.073  4.908   1.00 29.13 ? 497 THR A OG1 1 
ATOM   956  C CG2 . THR A 1 120 ? -11.268 -1.689  4.584   1.00 30.28 ? 497 THR A CG2 1 
ATOM   957  N N   . TYR A 1 121 ? -12.241 -3.083  1.389   1.00 45.97 ? 498 TYR A N   1 
ATOM   958  C CA  . TYR A 1 121 ? -13.392 -2.579  0.631   1.00 45.72 ? 498 TYR A CA  1 
ATOM   959  C C   . TYR A 1 121 ? -13.830 -1.482  1.536   1.00 56.27 ? 498 TYR A C   1 
ATOM   960  O O   . TYR A 1 121 ? -14.904 -1.584  2.097   1.00 61.55 ? 498 TYR A O   1 
ATOM   961  C CB  . TYR A 1 121 ? -14.544 -3.594  0.540   1.00 40.26 ? 498 TYR A CB  1 
ATOM   962  C CG  . TYR A 1 121 ? -14.114 -4.995  0.208   1.00 67.97 ? 498 TYR A CG  1 
ATOM   963  C CD1 . TYR A 1 121 ? -13.326 -5.248  -0.904  1.00 69.62 ? 498 TYR A CD1 1 
ATOM   964  C CD2 . TYR A 1 121 ? -14.481 -6.066  1.011   1.00 67.54 ? 498 TYR A CD2 1 
ATOM   965  C CE1 . TYR A 1 121 ? -12.896 -6.526  -1.209  1.00 69.60 ? 498 TYR A CE1 1 
ATOM   966  C CE2 . TYR A 1 121 ? -14.066 -7.350  0.711   1.00 68.76 ? 498 TYR A CE2 1 
ATOM   967  C CZ  . TYR A 1 121 ? -13.272 -7.577  -0.404  1.00 69.62 ? 498 TYR A CZ  1 
ATOM   968  O OH  . TYR A 1 121 ? -12.831 -8.846  -0.706  1.00 71.12 ? 498 TYR A OH  1 
ATOM   969  N N   . SER A 1 122 ? -12.946 -0.520  1.792   1.00 60.53 ? 499 SER A N   1 
ATOM   970  C CA  . SER A 1 122 ? -13.216 0.563   2.737   1.00 64.45 ? 499 SER A CA  1 
ATOM   971  C C   . SER A 1 122 ? -14.666 0.751   3.221   1.00 68.08 ? 499 SER A C   1 
ATOM   972  O O   . SER A 1 122 ? -14.998 0.441   4.374   1.00 69.36 ? 499 SER A O   1 
ATOM   973  C CB  . SER A 1 122 ? -12.553 1.864   2.301   1.00 64.20 ? 499 SER A CB  1 
ATOM   974  O OG  . SER A 1 122 ? -11.217 1.891   2.773   1.00 53.00 ? 499 SER A OG  1 
ATOM   975  N N   . ARG A 1 123 ? -15.543 1.187   2.323   1.00 69.67 ? 500 ARG A N   1 
ATOM   976  C CA  . ARG A 1 123 ? -16.944 1.356   2.687   1.00 71.04 ? 500 ARG A CA  1 
ATOM   977  C C   . ARG A 1 123 ? -17.667 0.021   2.535   1.00 71.73 ? 500 ARG A C   1 
ATOM   978  O O   . ARG A 1 123 ? -18.765 -0.166  3.062   1.00 71.75 ? 500 ARG A O   1 
ATOM   979  C CB  . ARG A 1 123 ? -17.614 2.455   1.859   1.00 72.71 ? 500 ARG A CB  1 
ATOM   980  C CG  . ARG A 1 123 ? -19.111 2.548   2.106   1.00 90.00 ? 500 ARG A CG  1 
ATOM   981  C CD  . ARG A 1 123 ? -19.640 3.979   2.190   1.00 71.52 ? 500 ARG A CD  1 
ATOM   982  N NE  . ARG A 1 123 ? -21.085 3.935   2.396   1.00 71.67 ? 500 ARG A NE  1 
ATOM   983  C CZ  . ARG A 1 123 ? -21.980 3.798   1.420   1.00 71.16 ? 500 ARG A CZ  1 
ATOM   984  N NH1 . ARG A 1 123 ? -21.590 3.740   0.156   1.00 72.26 ? 500 ARG A NH1 1 
ATOM   985  N NH2 . ARG A 1 123 ? -23.272 3.732   1.709   1.00 71.71 ? 500 ARG A NH2 1 
ATOM   986  N N   . SER A 1 124 ? -17.017 -0.896  1.821   1.00 74.19 ? 501 SER A N   1 
ATOM   987  C CA  . SER A 1 124 ? -17.488 -2.267  1.598   1.00 77.98 ? 501 SER A CA  1 
ATOM   988  C C   . SER A 1 124 ? -18.133 -2.729  0.292   1.00 80.25 ? 501 SER A C   1 
ATOM   989  O O   . SER A 1 124 ? -19.242 -2.318  -0.055  1.00 79.69 ? 501 SER A O   1 
ATOM   990  C CB  . SER A 1 124 ? -18.057 -2.925  2.859   1.00 78.98 ? 501 SER A CB  1 
ATOM   991  O OG  . SER A 1 124 ? -17.244 -2.622  3.986   1.00 90.00 ? 501 SER A OG  1 
ATOM   992  N N   . THR A 1 125 ? -17.410 -3.593  -0.421  1.00 83.75 ? 502 THR A N   1 
ATOM   993  C CA  . THR A 1 125 ? -17.876 -4.157  -1.685  1.00 85.61 ? 502 THR A CA  1 
ATOM   994  C C   . THR A 1 125 ? -19.219 -4.804  -1.383  1.00 85.95 ? 502 THR A C   1 
ATOM   995  O O   . THR A 1 125 ? -19.299 -5.731  -0.572  1.00 85.92 ? 502 THR A O   1 
ATOM   996  C CB  . THR A 1 125 ? -16.868 -5.214  -2.234  1.00 87.38 ? 502 THR A CB  1 
ATOM   997  O OG1 . THR A 1 125 ? -15.836 -4.556  -2.981  1.00 89.99 ? 502 THR A OG1 1 
ATOM   998  C CG2 . THR A 1 125 ? -17.565 -6.238  -3.127  1.00 89.94 ? 502 THR A CG2 1 
ATOM   999  N N   . SER A 1 126 ? -20.275 -4.272  -1.997  1.00 86.24 ? 503 SER A N   1 
ATOM   1000 C CA  . SER A 1 126 ? -21.632 -4.762  -1.767  1.00 84.63 ? 503 SER A CA  1 
ATOM   1001 C C   . SER A 1 126 ? -22.324 -5.199  -3.054  1.00 83.48 ? 503 SER A C   1 
ATOM   1002 O O   . SER A 1 126 ? -21.718 -5.189  -4.132  1.00 81.91 ? 503 SER A O   1 
ATOM   1003 C CB  . SER A 1 126 ? -22.463 -3.689  -1.062  1.00 83.95 ? 503 SER A CB  1 
ATOM   1004 O OG  . SER A 1 126 ? -22.499 -2.507  -1.836  1.00 67.03 ? 503 SER A OG  1 
ATOM   1005 N N   . GLN A 1 127 ? -23.596 -5.583  -2.919  1.00 84.16 ? 504 GLN A N   1 
ATOM   1006 C CA  . GLN A 1 127 ? -24.420 -6.040  -4.042  1.00 82.93 ? 504 GLN A CA  1 
ATOM   1007 C C   . GLN A 1 127 ? -25.078 -4.855  -4.759  1.00 81.77 ? 504 GLN A C   1 
ATOM   1008 O O   . GLN A 1 127 ? -26.142 -4.998  -5.371  1.00 80.47 ? 504 GLN A O   1 
ATOM   1009 C CB  . GLN A 1 127 ? -25.508 -7.004  -3.543  1.00 83.32 ? 504 GLN A CB  1 
ATOM   1010 C CG  . GLN A 1 127 ? -25.023 -8.410  -3.159  1.00 90.00 ? 504 GLN A CG  1 
ATOM   1011 C CD  . GLN A 1 127 ? -26.171 -9.357  -2.757  1.00 90.00 ? 504 GLN A CD  1 
ATOM   1012 O OE1 . GLN A 1 127 ? -25.941 -10.397 -2.132  1.00 90.00 ? 504 GLN A OE1 1 
ATOM   1013 N NE2 . GLN A 1 127 ? -27.408 -8.979  -3.092  1.00 90.00 ? 504 GLN A NE2 1 
ATOM   1014 N N   . ASN A 1 128 ? -24.446 -3.687  -4.672  1.00 82.06 ? 505 ASN A N   1 
ATOM   1015 C CA  . ASN A 1 128 ? -24.987 -2.479  -5.291  1.00 82.65 ? 505 ASN A CA  1 
ATOM   1016 C C   . ASN A 1 128 ? -24.058 -1.262  -5.221  1.00 80.56 ? 505 ASN A C   1 
ATOM   1017 O O   . ASN A 1 128 ? -23.930 -0.516  -6.195  1.00 80.93 ? 505 ASN A O   1 
ATOM   1018 C CB  . ASN A 1 128 ? -26.349 -2.124  -4.667  1.00 84.34 ? 505 ASN A CB  1 
ATOM   1019 C CG  . ASN A 1 128 ? -26.225 -1.551  -3.257  1.00 90.00 ? 505 ASN A CG  1 
ATOM   1020 O OD1 . ASN A 1 128 ? -26.033 -2.290  -2.288  1.00 71.19 ? 505 ASN A OD1 1 
ATOM   1021 N ND2 . ASN A 1 128 ? -26.379 -0.233  -3.135  1.00 72.12 ? 505 ASN A ND2 1 
ATOM   1022 N N   . LEU A 1 129 ? -23.432 -1.048  -4.069  1.00 78.72 ? 506 LEU A N   1 
ATOM   1023 C CA  . LEU A 1 129 ? -22.553 0.108   -3.887  1.00 79.40 ? 506 LEU A CA  1 
ATOM   1024 C C   . LEU A 1 129 ? -21.521 0.338   -4.995  1.00 79.14 ? 506 LEU A C   1 
ATOM   1025 O O   . LEU A 1 129 ? -21.184 -0.576  -5.754  1.00 79.02 ? 506 LEU A O   1 
ATOM   1026 C CB  . LEU A 1 129 ? -21.845 0.049   -2.529  1.00 80.41 ? 506 LEU A CB  1 
ATOM   1027 C CG  . LEU A 1 129 ? -22.400 0.922   -1.396  1.00 90.00 ? 506 LEU A CG  1 
ATOM   1028 C CD1 . LEU A 1 129 ? -23.891 0.659   -1.160  1.00 81.89 ? 506 LEU A CD1 1 
ATOM   1029 C CD2 . LEU A 1 129 ? -21.599 0.748   -0.100  1.00 80.15 ? 506 LEU A CD2 1 
ATOM   1030 N N   . ASP A 1 130 ? -21.019 1.571   -5.067  1.00 78.94 ? 507 ASP A N   1 
ATOM   1031 C CA  . ASP A 1 130 ? -19.982 1.928   -6.031  1.00 78.28 ? 507 ASP A CA  1 
ATOM   1032 C C   . ASP A 1 130 ? -18.762 1.151   -5.546  1.00 77.27 ? 507 ASP A C   1 
ATOM   1033 O O   . ASP A 1 130 ? -18.424 1.187   -4.354  1.00 77.10 ? 507 ASP A O   1 
ATOM   1034 C CB  . ASP A 1 130 ? -19.669 3.428   -5.979  1.00 78.70 ? 507 ASP A CB  1 
ATOM   1035 C CG  . ASP A 1 130 ? -20.908 4.291   -6.067  1.00 90.00 ? 507 ASP A CG  1 
ATOM   1036 O OD1 . ASP A 1 130 ? -22.012 3.786   -5.759  1.00 86.30 ? 507 ASP A OD1 1 
ATOM   1037 O OD2 . ASP A 1 130 ? -20.766 5.488   -6.400  1.00 85.78 ? 507 ASP A OD2 1 
ATOM   1038 N N   . SER A 1 131 ? -18.119 0.430   -6.458  1.00 75.09 ? 508 SER A N   1 
ATOM   1039 C CA  . SER A 1 131 ? -16.982 -0.403  -6.092  1.00 71.83 ? 508 SER A CA  1 
ATOM   1040 C C   . SER A 1 131 ? -17.565 -1.476  -5.179  1.00 68.31 ? 508 SER A C   1 
ATOM   1041 O O   . SER A 1 131 ? -16.954 -1.841  -4.155  1.00 68.97 ? 508 SER A O   1 
ATOM   1042 C CB  . SER A 1 131 ? -15.909 0.390   -5.349  1.00 72.95 ? 508 SER A CB  1 
ATOM   1043 O OG  . SER A 1 131 ? -14.801 -0.444  -5.041  1.00 90.00 ? 508 SER A OG  1 
ATOM   1044 N N   . GLY A 1 132 ? -18.655 -2.076  -5.650  1.00 64.02 ? 509 GLY A N   1 
ATOM   1045 C CA  . GLY A 1 132 ? -19.322 -3.177  -4.976  1.00 58.45 ? 509 GLY A CA  1 
ATOM   1046 C C   . GLY A 1 132 ? -18.632 -4.346  -5.663  1.00 55.70 ? 509 GLY A C   1 
ATOM   1047 O O   . GLY A 1 132 ? -18.985 -5.512  -5.469  1.00 60.03 ? 509 GLY A O   1 
ATOM   1048 N N   . THR A 1 133 ? -17.638 -3.984  -6.482  1.00 46.59 ? 510 THR A N   1 
ATOM   1049 C CA  . THR A 1 133 ? -16.809 -4.904  -7.259  1.00 36.51 ? 510 THR A CA  1 
ATOM   1050 C C   . THR A 1 133 ? -15.631 -5.365  -6.394  1.00 33.25 ? 510 THR A C   1 
ATOM   1051 O O   . THR A 1 133 ? -14.994 -4.552  -5.720  1.00 30.98 ? 510 THR A O   1 
ATOM   1052 C CB  . THR A 1 133 ? -16.220 -4.170  -8.489  1.00 31.78 ? 510 THR A CB  1 
ATOM   1053 O OG1 . THR A 1 133 ? -17.022 -3.024  -8.786  1.00 32.79 ? 510 THR A OG1 1 
ATOM   1054 C CG2 . THR A 1 133 ? -16.188 -5.056  -9.694  1.00 27.92 ? 510 THR A CG2 1 
ATOM   1055 N N   . ASP A 1 134 ? -15.344 -6.664  -6.415  1.00 27.73 ? 511 ASP A N   1 
ATOM   1056 C CA  . ASP A 1 134 ? -14.241 -7.198  -5.637  1.00 24.07 ? 511 ASP A CA  1 
ATOM   1057 C C   . ASP A 1 134 ? -12.962 -7.025  -6.447  1.00 27.93 ? 511 ASP A C   1 
ATOM   1058 O O   . ASP A 1 134 ? -12.798 -7.594  -7.530  1.00 30.27 ? 511 ASP A O   1 
ATOM   1059 C CB  . ASP A 1 134 ? -14.492 -8.664  -5.263  1.00 22.73 ? 511 ASP A CB  1 
ATOM   1060 C CG  . ASP A 1 134 ? -13.335 -9.295  -4.488  1.00 40.68 ? 511 ASP A CG  1 
ATOM   1061 O OD1 . ASP A 1 134 ? -12.267 -8.663  -4.346  1.00 31.05 ? 511 ASP A OD1 1 
ATOM   1062 O OD2 . ASP A 1 134 ? -13.475 -10.470 -4.083  1.00 34.51 ? 511 ASP A OD2 1 
ATOM   1063 N N   . LEU A 1 135 ? -12.068 -6.198  -5.912  1.00 28.25 ? 512 LEU A N   1 
ATOM   1064 C CA  . LEU A 1 135 ? -10.800 -5.893  -6.555  1.00 21.75 ? 512 LEU A CA  1 
ATOM   1065 C C   . LEU A 1 135 ? -9.595  -6.274  -5.688  1.00 22.15 ? 512 LEU A C   1 
ATOM   1066 O O   . LEU A 1 135 ? -8.569  -5.584  -5.694  1.00 21.60 ? 512 LEU A O   1 
ATOM   1067 C CB  . LEU A 1 135 ? -10.754 -4.431  -7.004  1.00 17.60 ? 512 LEU A CB  1 
ATOM   1068 C CG  . LEU A 1 135 ? -11.823 -4.051  -8.035  1.00 21.51 ? 512 LEU A CG  1 
ATOM   1069 C CD1 . LEU A 1 135 ? -11.922 -2.553  -8.279  1.00 14.88 ? 512 LEU A CD1 1 
ATOM   1070 C CD2 . LEU A 1 135 ? -11.491 -4.763  -9.325  1.00 18.71 ? 512 LEU A CD2 1 
ATOM   1071 N N   . SER A 1 136 ? -9.722  -7.396  -4.976  1.00 22.84 ? 513 SER A N   1 
ATOM   1072 C CA  . SER A 1 136 ? -8.638  -7.950  -4.158  1.00 24.84 ? 513 SER A CA  1 
ATOM   1073 C C   . SER A 1 136 ? -7.698  -8.798  -5.069  1.00 28.25 ? 513 SER A C   1 
ATOM   1074 O O   . SER A 1 136 ? -7.937  -8.853  -6.281  1.00 32.64 ? 513 SER A O   1 
ATOM   1075 C CB  . SER A 1 136 ? -9.198  -8.741  -2.963  1.00 21.71 ? 513 SER A CB  1 
ATOM   1076 O OG  . SER A 1 136 ? -10.032 -9.811  -3.367  1.00 42.03 ? 513 SER A OG  1 
ATOM   1077 N N   . PHE A 1 137 ? -6.637  -9.408  -4.518  1.00 23.73 ? 514 PHE A N   1 
ATOM   1078 C CA  . PHE A 1 137 ? -5.651  -10.227 -5.274  1.00 27.50 ? 514 PHE A CA  1 
ATOM   1079 C C   . PHE A 1 137 ? -6.177  -11.021 -6.491  1.00 30.12 ? 514 PHE A C   1 
ATOM   1080 O O   . PHE A 1 137 ? -7.222  -11.635 -6.342  1.00 31.10 ? 514 PHE A O   1 
ATOM   1081 C CB  . PHE A 1 137 ? -5.075  -11.258 -4.294  1.00 32.57 ? 514 PHE A CB  1 
ATOM   1082 C CG  . PHE A 1 137 ? -3.595  -11.386 -4.383  1.00 36.04 ? 514 PHE A CG  1 
ATOM   1083 C CD1 . PHE A 1 137 ? -2.825  -10.278 -4.104  1.00 37.88 ? 514 PHE A CD1 1 
ATOM   1084 C CD2 . PHE A 1 137 ? -2.975  -12.563 -4.832  1.00 31.68 ? 514 PHE A CD2 1 
ATOM   1085 C CE1 . PHE A 1 137 ? -1.479  -10.327 -4.223  1.00 38.71 ? 514 PHE A CE1 1 
ATOM   1086 C CE2 . PHE A 1 137 ? -1.612  -12.624 -4.955  1.00 30.83 ? 514 PHE A CE2 1 
ATOM   1087 C CZ  . PHE A 1 137 ? -0.857  -11.502 -4.641  1.00 36.00 ? 514 PHE A CZ  1 
ATOM   1088 N N   . PRO A 1 138 ? -5.504  -11.141 -7.651  1.00 31.33 ? 515 PRO A N   1 
ATOM   1089 C CA  . PRO A 1 138 ? -4.245  -10.550 -8.113  1.00 29.80 ? 515 PRO A CA  1 
ATOM   1090 C C   . PRO A 1 138 ? -4.481  -9.172  -8.732  1.00 26.24 ? 515 PRO A C   1 
ATOM   1091 O O   . PRO A 1 138 ? -3.607  -8.650  -9.422  1.00 25.37 ? 515 PRO A O   1 
ATOM   1092 C CB  . PRO A 1 138 ? -3.845  -11.503 -9.260  1.00 34.44 ? 515 PRO A CB  1 
ATOM   1093 C CG  . PRO A 1 138 ? -5.137  -12.392 -9.545  1.00 31.85 ? 515 PRO A CG  1 
ATOM   1094 C CD  . PRO A 1 138 ? -5.759  -12.486 -8.202  1.00 29.93 ? 515 PRO A CD  1 
ATOM   1095 N N   . TRP A 1 139 ? -5.673  -8.607  -8.520  1.00 25.45 ? 516 TRP A N   1 
ATOM   1096 C CA  . TRP A 1 139 ? -6.012  -7.301  -9.102  1.00 23.59 ? 516 TRP A CA  1 
ATOM   1097 C C   . TRP A 1 139 ? -4.856  -6.291  -9.105  1.00 28.96 ? 516 TRP A C   1 
ATOM   1098 O O   . TRP A 1 139 ? -4.384  -5.889  -10.177 1.00 27.59 ? 516 TRP A O   1 
ATOM   1099 C CB  . TRP A 1 139 ? -7.278  -6.645  -8.520  1.00 17.41 ? 516 TRP A CB  1 
ATOM   1100 C CG  . TRP A 1 139 ? -7.756  -5.502  -9.430  1.00 14.87 ? 516 TRP A CG  1 
ATOM   1101 C CD1 . TRP A 1 139 ? -8.209  -5.631  -10.706 1.00 18.27 ? 516 TRP A CD1 1 
ATOM   1102 C CD2 . TRP A 1 139 ? -7.693  -4.082  -9.180  1.00 17.06 ? 516 TRP A CD2 1 
ATOM   1103 N NE1 . TRP A 1 139 ? -8.492  -4.408  -11.247 1.00 19.81 ? 516 TRP A NE1 1 
ATOM   1104 C CE2 . TRP A 1 139 ? -8.177  -3.436  -10.339 1.00 20.33 ? 516 TRP A CE2 1 
ATOM   1105 C CE3 . TRP A 1 139 ? -7.341  -3.302  -8.072  1.00 18.22 ? 516 TRP A CE3 1 
ATOM   1106 C CZ2 . TRP A 1 139 ? -8.286  -2.047  -10.435 1.00 22.31 ? 516 TRP A CZ2 1 
ATOM   1107 C CZ3 . TRP A 1 139 ? -7.471  -1.927  -8.157  1.00 20.99 ? 516 TRP A CZ3 1 
ATOM   1108 C CH2 . TRP A 1 139 ? -7.947  -1.312  -9.331  1.00 24.17 ? 516 TRP A CH2 1 
ATOM   1109 N N   . ILE A 1 140 ? -4.402  -5.906  -7.905  1.00 27.97 ? 517 ILE A N   1 
ATOM   1110 C CA  . ILE A 1 140 ? -3.319  -4.931  -7.742  1.00 23.62 ? 517 ILE A CA  1 
ATOM   1111 C C   . ILE A 1 140 ? -2.029  -5.273  -8.509  1.00 20.52 ? 517 ILE A C   1 
ATOM   1112 O O   . ILE A 1 140 ? -1.426  -4.410  -9.152  1.00 16.28 ? 517 ILE A O   1 
ATOM   1113 C CB  . ILE A 1 140 ? -3.051  -4.618  -6.237  1.00 26.21 ? 517 ILE A CB  1 
ATOM   1114 C CG1 . ILE A 1 140 ? -2.439  -3.228  -6.078  1.00 22.32 ? 517 ILE A CG1 1 
ATOM   1115 C CG2 . ILE A 1 140 ? -2.221  -5.707  -5.554  1.00 22.50 ? 517 ILE A CG2 1 
ATOM   1116 C CD1 . ILE A 1 140 ? -3.350  -2.126  -6.575  1.00 24.27 ? 517 ILE A CD1 1 
ATOM   1117 N N   . LEU A 1 141 ? -1.632  -6.540  -8.448  1.00 25.00 ? 518 LEU A N   1 
ATOM   1118 C CA  . LEU A 1 141 ? -0.441  -7.039  -9.130  1.00 27.09 ? 518 LEU A CA  1 
ATOM   1119 C C   . LEU A 1 141 ? -0.571  -6.754  -10.603 1.00 27.93 ? 518 LEU A C   1 
ATOM   1120 O O   . LEU A 1 141 ? 0.399   -6.449  -11.289 1.00 29.18 ? 518 LEU A O   1 
ATOM   1121 C CB  . LEU A 1 141 ? -0.314  -8.553  -8.934  1.00 27.60 ? 518 LEU A CB  1 
ATOM   1122 C CG  . LEU A 1 141 ? 0.467   -8.955  -7.677  1.00 34.72 ? 518 LEU A CG  1 
ATOM   1123 C CD1 . LEU A 1 141 ? -0.146  -8.276  -6.460  1.00 32.96 ? 518 LEU A CD1 1 
ATOM   1124 C CD2 . LEU A 1 141 ? 0.499   -10.456 -7.487  1.00 30.11 ? 518 LEU A CD2 1 
ATOM   1125 N N   . ASN A 1 142 ? -1.792  -6.855  -11.096 1.00 26.85 ? 519 ASN A N   1 
ATOM   1126 C CA  . ASN A 1 142 ? -2.016  -6.609  -12.503 1.00 22.42 ? 519 ASN A CA  1 
ATOM   1127 C C   . ASN A 1 142 ? -2.042  -5.139  -12.835 1.00 19.95 ? 519 ASN A C   1 
ATOM   1128 O O   . ASN A 1 142 ? -1.461  -4.719  -13.837 1.00 18.69 ? 519 ASN A O   1 
ATOM   1129 C CB  . ASN A 1 142 ? -3.230  -7.386  -13.006 1.00 21.10 ? 519 ASN A CB  1 
ATOM   1130 C CG  . ASN A 1 142 ? -3.011  -8.910  -12.921 1.00 34.11 ? 519 ASN A CG  1 
ATOM   1131 O OD1 . ASN A 1 142 ? -2.374  -9.505  -13.798 1.00 31.86 ? 519 ASN A OD1 1 
ATOM   1132 N ND2 . ASN A 1 142 ? -3.432  -9.511  -11.814 1.00 30.86 ? 519 ASN A ND2 1 
ATOM   1133 N N   . VAL A 1 143 ? -2.675  -4.342  -11.977 1.00 22.54 ? 520 VAL A N   1 
ATOM   1134 C CA  . VAL A 1 143 ? -2.719  -2.894  -12.209 1.00 24.75 ? 520 VAL A CA  1 
ATOM   1135 C C   . VAL A 1 143 ? -1.353  -2.197  -12.136 1.00 27.39 ? 520 VAL A C   1 
ATOM   1136 O O   . VAL A 1 143 ? -1.112  -1.260  -12.883 1.00 27.36 ? 520 VAL A O   1 
ATOM   1137 C CB  . VAL A 1 143 ? -3.844  -2.124  -11.425 1.00 20.74 ? 520 VAL A CB  1 
ATOM   1138 C CG1 . VAL A 1 143 ? -4.982  -3.037  -10.964 1.00 16.81 ? 520 VAL A CG1 1 
ATOM   1139 C CG2 . VAL A 1 143 ? -3.292  -1.312  -10.324 1.00 15.71 ? 520 VAL A CG2 1 
ATOM   1140 N N   . LEU A 1 144 ? -0.459  -2.665  -11.259 1.00 30.98 ? 521 LEU A N   1 
ATOM   1141 C CA  . LEU A 1 144 ? 0.877   -2.068  -11.139 1.00 31.50 ? 521 LEU A CA  1 
ATOM   1142 C C   . LEU A 1 144 ? 1.862   -2.902  -11.974 1.00 32.82 ? 521 LEU A C   1 
ATOM   1143 O O   . LEU A 1 144 ? 3.016   -2.530  -12.175 1.00 32.67 ? 521 LEU A O   1 
ATOM   1144 C CB  . LEU A 1 144 ? 1.367   -2.015  -9.675  1.00 30.33 ? 521 LEU A CB  1 
ATOM   1145 C CG  . LEU A 1 144 ? 0.562   -1.624  -8.429  1.00 22.42 ? 521 LEU A CG  1 
ATOM   1146 C CD1 . LEU A 1 144 ? 1.511   -1.252  -7.316  1.00 15.00 ? 521 LEU A CD1 1 
ATOM   1147 C CD2 . LEU A 1 144 ? -0.496  -0.540  -8.630  1.00 18.42 ? 521 LEU A CD2 1 
ATOM   1148 N N   . ASN A 1 145 ? 1.380   -4.040  -12.454 1.00 31.17 ? 522 ASN A N   1 
ATOM   1149 C CA  . ASN A 1 145 ? 2.190   -4.924  -13.252 1.00 27.63 ? 522 ASN A CA  1 
ATOM   1150 C C   . ASN A 1 145 ? 3.320   -5.442  -12.409 1.00 24.85 ? 522 ASN A C   1 
ATOM   1151 O O   . ASN A 1 145 ? 4.455   -5.490  -12.842 1.00 27.02 ? 522 ASN A O   1 
ATOM   1152 C CB  . ASN A 1 145 ? 2.754   -4.198  -14.466 1.00 30.03 ? 522 ASN A CB  1 
ATOM   1153 C CG  . ASN A 1 145 ? 3.316   -5.160  -15.498 1.00 86.53 ? 522 ASN A CG  1 
ATOM   1154 O OD1 . ASN A 1 145 ? 3.104   -6.367  -15.410 1.00 47.64 ? 522 ASN A OD1 1 
ATOM   1155 N ND2 . ASN A 1 145 ? 4.099   -4.641  -16.436 1.00 49.08 ? 522 ASN A ND2 1 
ATOM   1156 N N   . LEU A 1 146 ? 3.000   -5.848  -11.198 1.00 24.24 ? 523 LEU A N   1 
ATOM   1157 C CA  . LEU A 1 146 ? 4.008   -6.333  -10.289 1.00 25.55 ? 523 LEU A CA  1 
ATOM   1158 C C   . LEU A 1 146 ? 4.119   -7.868  -10.174 1.00 28.69 ? 523 LEU A C   1 
ATOM   1159 O O   . LEU A 1 146 ? 3.116   -8.573  -10.131 1.00 29.83 ? 523 LEU A O   1 
ATOM   1160 C CB  . LEU A 1 146 ? 3.825   -5.665  -8.920  1.00 21.56 ? 523 LEU A CB  1 
ATOM   1161 C CG  . LEU A 1 146 ? 4.782   -6.221  -7.882  1.00 9.99  ? 523 LEU A CG  1 
ATOM   1162 C CD1 . LEU A 1 146 ? 6.163   -5.515  -7.973  1.00 14.39 ? 523 LEU A CD1 1 
ATOM   1163 C CD2 . LEU A 1 146 ? 4.132   -6.047  -6.549  1.00 18.15 ? 523 LEU A CD2 1 
ATOM   1164 N N   . LYS A 1 147 ? 5.351   -8.379  -10.112 1.00 29.03 ? 524 LYS A N   1 
ATOM   1165 C CA  . LYS A 1 147 ? 5.587   -9.818  -10.007 1.00 25.72 ? 524 LYS A CA  1 
ATOM   1166 C C   . LYS A 1 147 ? 5.024   -10.370 -8.728  1.00 25.22 ? 524 LYS A C   1 
ATOM   1167 O O   . LYS A 1 147 ? 5.236   -9.819  -7.665  1.00 29.02 ? 524 LYS A O   1 
ATOM   1168 C CB  . LYS A 1 147 ? 7.076   -10.144 -10.061 1.00 24.73 ? 524 LYS A CB  1 
ATOM   1169 C CG  . LYS A 1 147 ? 7.582   -10.479 -11.431 1.00 16.12 ? 524 LYS A CG  1 
ATOM   1170 C CD  . LYS A 1 147 ? 8.914   -11.206 -11.342 1.00 66.50 ? 524 LYS A CD  1 
ATOM   1171 C CE  . LYS A 1 147 ? 10.026  -10.429 -12.035 1.00 90.00 ? 524 LYS A CE  1 
ATOM   1172 N NZ  . LYS A 1 147 ? 10.597  -9.330  -11.189 1.00 77.00 ? 524 LYS A NZ  1 
ATOM   1173 N N   . ALA A 1 148 ? 4.329   -11.486 -8.836  1.00 22.99 ? 525 ALA A N   1 
ATOM   1174 C CA  . ALA A 1 148 ? 3.728   -12.106 -7.689  1.00 22.26 ? 525 ALA A CA  1 
ATOM   1175 C C   . ALA A 1 148 ? 4.770   -12.380 -6.627  1.00 22.76 ? 525 ALA A C   1 
ATOM   1176 O O   . ALA A 1 148 ? 4.489   -12.270 -5.433  1.00 26.20 ? 525 ALA A O   1 
ATOM   1177 C CB  . ALA A 1 148 ? 3.033   -13.411 -8.103  1.00 22.86 ? 525 ALA A CB  1 
ATOM   1178 N N   . PHE A 1 149 ? 5.962   -12.778 -7.046  1.00 20.33 ? 526 PHE A N   1 
ATOM   1179 C CA  . PHE A 1 149 ? 6.978   -13.128 -6.062  1.00 19.78 ? 526 PHE A CA  1 
ATOM   1180 C C   . PHE A 1 149 ? 7.583   -11.923 -5.370  1.00 17.36 ? 526 PHE A C   1 
ATOM   1181 O O   . PHE A 1 149 ? 8.010   -12.009 -4.226  1.00 16.91 ? 526 PHE A O   1 
ATOM   1182 C CB  . PHE A 1 149 ? 8.040   -14.088 -6.628  1.00 21.47 ? 526 PHE A CB  1 
ATOM   1183 C CG  . PHE A 1 149 ? 8.829   -14.802 -5.561  1.00 17.03 ? 526 PHE A CG  1 
ATOM   1184 C CD1 . PHE A 1 149 ? 8.204   -15.687 -4.695  1.00 17.30 ? 526 PHE A CD1 1 
ATOM   1185 C CD2 . PHE A 1 149 ? 10.175  -14.553 -5.391  1.00 16.04 ? 526 PHE A CD2 1 
ATOM   1186 C CE1 . PHE A 1 149 ? 8.905   -16.333 -3.695  1.00 17.80 ? 526 PHE A CE1 1 
ATOM   1187 C CE2 . PHE A 1 149 ? 10.885  -15.205 -4.396  1.00 16.67 ? 526 PHE A CE2 1 
ATOM   1188 C CZ  . PHE A 1 149 ? 10.244  -16.094 -3.541  1.00 17.38 ? 526 PHE A CZ  1 
ATOM   1189 N N   . ASP A 1 150 ? 7.590   -10.802 -6.079  1.00 20.03 ? 527 ASP A N   1 
ATOM   1190 C CA  . ASP A 1 150 ? 8.090   -9.535  -5.559  1.00 23.09 ? 527 ASP A CA  1 
ATOM   1191 C C   . ASP A 1 150 ? 7.101   -9.068  -4.507  1.00 23.18 ? 527 ASP A C   1 
ATOM   1192 O O   . ASP A 1 150 ? 7.471   -8.723  -3.382  1.00 25.29 ? 527 ASP A O   1 
ATOM   1193 C CB  . ASP A 1 150 ? 8.178   -8.512  -6.693  1.00 23.54 ? 527 ASP A CB  1 
ATOM   1194 C CG  . ASP A 1 150 ? 9.392   -8.742  -7.580  1.00 24.16 ? 527 ASP A CG  1 
ATOM   1195 O OD1 . ASP A 1 150 ? 10.287  -9.503  -7.163  1.00 20.14 ? 527 ASP A OD1 1 
ATOM   1196 O OD2 . ASP A 1 150 ? 9.475   -8.130  -8.656  1.00 24.10 ? 527 ASP A OD2 1 
ATOM   1197 N N   . PHE A 1 151 ? 5.833   -9.096  -4.886  1.00 22.58 ? 528 PHE A N   1 
ATOM   1198 C CA  . PHE A 1 151 ? 4.756   -8.729  -4.001  1.00 22.59 ? 528 PHE A CA  1 
ATOM   1199 C C   . PHE A 1 151 ? 4.926   -9.546  -2.735  1.00 25.63 ? 528 PHE A C   1 
ATOM   1200 O O   . PHE A 1 151 ? 4.882   -9.020  -1.628  1.00 29.63 ? 528 PHE A O   1 
ATOM   1201 C CB  . PHE A 1 151 ? 3.406   -9.051  -4.663  1.00 22.05 ? 528 PHE A CB  1 
ATOM   1202 C CG  . PHE A 1 151 ? 2.216   -8.599  -3.863  1.00 18.25 ? 528 PHE A CG  1 
ATOM   1203 C CD1 . PHE A 1 151 ? 1.658   -9.416  -2.902  1.00 17.36 ? 528 PHE A CD1 1 
ATOM   1204 C CD2 . PHE A 1 151 ? 1.679   -7.342  -4.052  1.00 20.37 ? 528 PHE A CD2 1 
ATOM   1205 C CE1 . PHE A 1 151 ? 0.560   -9.006  -2.169  1.00 16.57 ? 528 PHE A CE1 1 
ATOM   1206 C CE2 . PHE A 1 151 ? 0.592   -6.926  -3.312  1.00 19.21 ? 528 PHE A CE2 1 
ATOM   1207 C CZ  . PHE A 1 151 ? 0.020   -7.780  -2.379  1.00 15.80 ? 528 PHE A CZ  1 
ATOM   1208 N N   . TYR A 1 152 ? 5.139   -10.839 -2.918  1.00 24.93 ? 529 TYR A N   1 
ATOM   1209 C CA  . TYR A 1 152 ? 5.328   -11.750 -1.809  1.00 22.98 ? 529 TYR A CA  1 
ATOM   1210 C C   . TYR A 1 152 ? 6.449   -11.306 -0.851  1.00 20.47 ? 529 TYR A C   1 
ATOM   1211 O O   . TYR A 1 152 ? 6.330   -11.425 0.376   1.00 18.95 ? 529 TYR A O   1 
ATOM   1212 C CB  . TYR A 1 152 ? 5.588   -13.170 -2.356  1.00 23.94 ? 529 TYR A CB  1 
ATOM   1213 C CG  . TYR A 1 152 ? 5.968   -14.181 -1.294  1.00 37.72 ? 529 TYR A CG  1 
ATOM   1214 C CD1 . TYR A 1 152 ? 7.245   -14.169 -0.729  1.00 37.43 ? 529 TYR A CD1 1 
ATOM   1215 C CD2 . TYR A 1 152 ? 5.059   -15.146 -0.858  1.00 40.22 ? 529 TYR A CD2 1 
ATOM   1216 C CE1 . TYR A 1 152 ? 7.606   -15.059 0.260   1.00 40.03 ? 529 TYR A CE1 1 
ATOM   1217 C CE2 . TYR A 1 152 ? 5.408   -16.058 0.139   1.00 44.24 ? 529 TYR A CE2 1 
ATOM   1218 C CZ  . TYR A 1 152 ? 6.688   -15.999 0.697   1.00 46.42 ? 529 TYR A CZ  1 
ATOM   1219 O OH  . TYR A 1 152 ? 7.069   -16.889 1.680   1.00 50.25 ? 529 TYR A OH  1 
ATOM   1220 N N   . LYS A 1 153 ? 7.547   -10.814 -1.409  1.00 21.66 ? 530 LYS A N   1 
ATOM   1221 C CA  . LYS A 1 153 ? 8.706   -10.407 -0.612  1.00 21.18 ? 530 LYS A CA  1 
ATOM   1222 C C   . LYS A 1 153 ? 8.476   -9.300  0.418   1.00 22.45 ? 530 LYS A C   1 
ATOM   1223 O O   . LYS A 1 153 ? 9.260   -9.134  1.352   1.00 20.05 ? 530 LYS A O   1 
ATOM   1224 C CB  . LYS A 1 153 ? 9.879   -10.060 -1.519  1.00 19.48 ? 530 LYS A CB  1 
ATOM   1225 C CG  . LYS A 1 153 ? 10.768  -11.255 -1.802  1.00 52.33 ? 530 LYS A CG  1 
ATOM   1226 C CD  . LYS A 1 153 ? 11.335  -11.205 -3.211  1.00 23.87 ? 530 LYS A CD  1 
ATOM   1227 C CE  . LYS A 1 153 ? 11.504  -9.773  -3.672  1.00 35.64 ? 530 LYS A CE  1 
ATOM   1228 N NZ  . LYS A 1 153 ? 11.961  -9.714  -5.093  1.00 54.19 ? 530 LYS A NZ  1 
ATOM   1229 N N   . VAL A 1 154 ? 7.407   -8.536  0.259   1.00 24.57 ? 531 VAL A N   1 
ATOM   1230 C CA  . VAL A 1 154 ? 7.146   -7.458  1.197   1.00 24.29 ? 531 VAL A CA  1 
ATOM   1231 C C   . VAL A 1 154 ? 6.142   -7.819  2.266   1.00 23.98 ? 531 VAL A C   1 
ATOM   1232 O O   . VAL A 1 154 ? 6.064   -7.162  3.287   1.00 28.73 ? 531 VAL A O   1 
ATOM   1233 C CB  . VAL A 1 154 ? 6.692   -6.190  0.494   1.00 23.77 ? 531 VAL A CB  1 
ATOM   1234 C CG1 . VAL A 1 154 ? 5.213   -6.252  0.254   1.00 9.34  ? 531 VAL A CG1 1 
ATOM   1235 C CG2 . VAL A 1 154 ? 7.069   -4.986  1.330   1.00 12.75 ? 531 VAL A CG2 1 
ATOM   1236 N N   . ILE A 1 155 ? 5.387   -8.882  2.047   1.00 24.15 ? 532 ILE A N   1 
ATOM   1237 C CA  . ILE A 1 155 ? 4.377   -9.263  3.006   1.00 23.61 ? 532 ILE A CA  1 
ATOM   1238 C C   . ILE A 1 155 ? 4.805   -9.334  4.457   1.00 26.19 ? 532 ILE A C   1 
ATOM   1239 O O   . ILE A 1 155 ? 4.375   -8.507  5.263   1.00 30.26 ? 532 ILE A O   1 
ATOM   1240 C CB  . ILE A 1 155 ? 3.591   -10.508 2.595   1.00 22.59 ? 532 ILE A CB  1 
ATOM   1241 C CG1 . ILE A 1 155 ? 3.042   -10.346 1.189   1.00 6.56  ? 532 ILE A CG1 1 
ATOM   1242 C CG2 . ILE A 1 155 ? 2.399   -10.721 3.545   1.00 9.89  ? 532 ILE A CG2 1 
ATOM   1243 C CD1 . ILE A 1 155 ? 2.216   -11.534 0.778   1.00 12.01 ? 532 ILE A CD1 1 
ATOM   1244 N N   . GLU A 1 156 ? 5.628   -10.323 4.794   1.00 25.57 ? 533 GLU A N   1 
ATOM   1245 C CA  . GLU A 1 156 ? 6.075   -10.535 6.174   1.00 23.49 ? 533 GLU A CA  1 
ATOM   1246 C C   . GLU A 1 156 ? 6.442   -9.282  6.977   1.00 20.10 ? 533 GLU A C   1 
ATOM   1247 O O   . GLU A 1 156 ? 5.979   -9.090  8.104   1.00 19.62 ? 533 GLU A O   1 
ATOM   1248 C CB  . GLU A 1 156 ? 7.204   -11.554 6.228   1.00 23.74 ? 533 GLU A CB  1 
ATOM   1249 C CG  . GLU A 1 156 ? 8.114   -11.368 7.425   1.00 62.08 ? 533 GLU A CG  1 
ATOM   1250 C CD  . GLU A 1 156 ? 9.183   -12.433 7.512   1.00 57.61 ? 533 GLU A CD  1 
ATOM   1251 O OE1 . GLU A 1 156 ? 8.833   -13.616 7.704   1.00 56.34 ? 533 GLU A OE1 1 
ATOM   1252 O OE2 . GLU A 1 156 ? 10.377  -12.078 7.429   1.00 58.88 ? 533 GLU A OE2 1 
ATOM   1253 N N   . SER A 1 157 ? 7.279   -8.444  6.375   1.00 19.49 ? 534 SER A N   1 
ATOM   1254 C CA  . SER A 1 157 ? 7.759   -7.198  6.973   1.00 17.18 ? 534 SER A CA  1 
ATOM   1255 C C   . SER A 1 157 ? 6.707   -6.101  7.004   1.00 17.31 ? 534 SER A C   1 
ATOM   1256 O O   . SER A 1 157 ? 6.742   -5.232  7.887   1.00 15.31 ? 534 SER A O   1 
ATOM   1257 C CB  . SER A 1 157 ? 9.001   -6.712  6.234   1.00 12.19 ? 534 SER A CB  1 
ATOM   1258 O OG  . SER A 1 157 ? 10.098  -7.538  6.575   1.00 33.50 ? 534 SER A OG  1 
ATOM   1259 N N   . PHE A 1 158 ? 5.792   -6.138  6.030   1.00 14.45 ? 535 PHE A N   1 
ATOM   1260 C CA  . PHE A 1 158 ? 4.690   -5.187  5.986   1.00 15.41 ? 535 PHE A CA  1 
ATOM   1261 C C   . PHE A 1 158 ? 3.820   -5.471  7.224   1.00 19.58 ? 535 PHE A C   1 
ATOM   1262 O O   . PHE A 1 158 ? 3.383   -4.562  7.959   1.00 18.77 ? 535 PHE A O   1 
ATOM   1263 C CB  . PHE A 1 158 ? 3.864   -5.400  4.727   1.00 10.43 ? 535 PHE A CB  1 
ATOM   1264 C CG  . PHE A 1 158 ? 2.719   -4.446  4.602   1.00 12.49 ? 535 PHE A CG  1 
ATOM   1265 C CD1 . PHE A 1 158 ? 1.556   -4.643  5.313   1.00 11.61 ? 535 PHE A CD1 1 
ATOM   1266 C CD2 . PHE A 1 158 ? 2.811   -3.340  3.795   1.00 12.91 ? 535 PHE A CD2 1 
ATOM   1267 C CE1 . PHE A 1 158 ? 0.506   -3.783  5.180   1.00 10.69 ? 535 PHE A CE1 1 
ATOM   1268 C CE2 . PHE A 1 158 ? 1.755   -2.464  3.684   1.00 14.01 ? 535 PHE A CE2 1 
ATOM   1269 C CZ  . PHE A 1 158 ? 0.613   -2.683  4.389   1.00 10.70 ? 535 PHE A CZ  1 
ATOM   1270 N N   . ILE A 1 159 ? 3.623   -6.759  7.476   1.00 20.70 ? 536 ILE A N   1 
ATOM   1271 C CA  . ILE A 1 159 ? 2.869   -7.185  8.628   1.00 20.03 ? 536 ILE A CA  1 
ATOM   1272 C C   . ILE A 1 159 ? 3.628   -6.840  9.903   1.00 20.49 ? 536 ILE A C   1 
ATOM   1273 O O   . ILE A 1 159 ? 3.049   -6.356  10.866  1.00 25.01 ? 536 ILE A O   1 
ATOM   1274 C CB  . ILE A 1 159 ? 2.551   -8.680  8.578   1.00 18.54 ? 536 ILE A CB  1 
ATOM   1275 C CG1 . ILE A 1 159 ? 1.642   -8.964  7.403   1.00 12.01 ? 536 ILE A CG1 1 
ATOM   1276 C CG2 . ILE A 1 159 ? 1.798   -9.106  9.828   1.00 13.36 ? 536 ILE A CG2 1 
ATOM   1277 C CD1 . ILE A 1 159 ? 1.031   -10.317 7.486   1.00 17.83 ? 536 ILE A CD1 1 
ATOM   1278 N N   . LYS A 1 160 ? 4.925   -7.081  9.918   1.00 18.57 ? 537 LYS A N   1 
ATOM   1279 C CA  . LYS A 1 160 ? 5.697   -6.757  11.107  1.00 21.39 ? 537 LYS A CA  1 
ATOM   1280 C C   . LYS A 1 160 ? 5.669   -5.238  11.304  1.00 23.65 ? 537 LYS A C   1 
ATOM   1281 O O   . LYS A 1 160 ? 5.621   -4.734  12.422  1.00 24.23 ? 537 LYS A O   1 
ATOM   1282 C CB  . LYS A 1 160 ? 7.142   -7.255  10.961  1.00 24.95 ? 537 LYS A CB  1 
ATOM   1283 C CG  . LYS A 1 160 ? 7.391   -8.666  11.524  1.00 90.00 ? 537 LYS A CG  1 
ATOM   1284 C CD  . LYS A 1 160 ? 7.581   -9.708  10.415  1.00 50.39 ? 537 LYS A CD  1 
ATOM   1285 C CE  . LYS A 1 160 ? 6.740   -10.983 10.664  1.00 77.83 ? 537 LYS A CE  1 
ATOM   1286 N NZ  . LYS A 1 160 ? 5.355   -10.934 10.090  1.00 27.52 ? 537 LYS A NZ  1 
ATOM   1287 N N   . ALA A 1 161 ? 5.684   -4.504  10.199  1.00 24.85 ? 538 ALA A N   1 
ATOM   1288 C CA  . ALA A 1 161 ? 5.688   -3.062  10.273  1.00 20.97 ? 538 ALA A CA  1 
ATOM   1289 C C   . ALA A 1 161 ? 4.340   -2.418  10.609  1.00 23.29 ? 538 ALA A C   1 
ATOM   1290 O O   . ALA A 1 161 ? 4.316   -1.322  11.135  1.00 24.94 ? 538 ALA A O   1 
ATOM   1291 C CB  . ALA A 1 161 ? 6.295   -2.469  9.019   1.00 14.78 ? 538 ALA A CB  1 
ATOM   1292 N N   . GLU A 1 162 ? 3.226   -3.090  10.325  1.00 23.49 ? 539 GLU A N   1 
ATOM   1293 C CA  . GLU A 1 162 ? 1.911   -2.507  10.603  1.00 22.26 ? 539 GLU A CA  1 
ATOM   1294 C C   . GLU A 1 162 ? 1.098   -3.160  11.762  1.00 22.50 ? 539 GLU A C   1 
ATOM   1295 O O   . GLU A 1 162 ? 0.278   -4.067  11.573  1.00 23.87 ? 539 GLU A O   1 
ATOM   1296 C CB  . GLU A 1 162 ? 1.133   -2.344  9.284   1.00 22.96 ? 539 GLU A CB  1 
ATOM   1297 C CG  . GLU A 1 162 ? -0.168  -1.508  9.325   1.00 12.26 ? 539 GLU A CG  1 
ATOM   1298 C CD  . GLU A 1 162 ? -0.109  -0.359  10.290  1.00 19.13 ? 539 GLU A CD  1 
ATOM   1299 O OE1 . GLU A 1 162 ? 0.334   0.733   9.877   1.00 33.73 ? 539 GLU A OE1 1 
ATOM   1300 O OE2 . GLU A 1 162 ? -0.564  -0.529  11.443  1.00 31.26 ? 539 GLU A OE2 1 
ATOM   1301 N N   . GLY A 1 163 ? 1.335   -2.681  12.975  1.00 20.78 ? 540 GLY A N   1 
ATOM   1302 C CA  . GLY A 1 163 ? 0.672   -3.235  14.139  1.00 20.35 ? 540 GLY A CA  1 
ATOM   1303 C C   . GLY A 1 163 ? -0.840  -3.043  14.206  1.00 22.93 ? 540 GLY A C   1 
ATOM   1304 O O   . GLY A 1 163 ? -1.531  -3.797  14.911  1.00 22.52 ? 540 GLY A O   1 
ATOM   1305 N N   . ASN A 1 164 ? -1.363  -2.034  13.510  1.00 21.80 ? 541 ASN A N   1 
ATOM   1306 C CA  . ASN A 1 164 ? -2.800  -1.786  13.566  1.00 21.08 ? 541 ASN A CA  1 
ATOM   1307 C C   . ASN A 1 164 ? -3.540  -2.576  12.524  1.00 23.27 ? 541 ASN A C   1 
ATOM   1308 O O   . ASN A 1 164 ? -4.711  -2.326  12.261  1.00 25.26 ? 541 ASN A O   1 
ATOM   1309 C CB  . ASN A 1 164 ? -3.143  -0.294  13.505  1.00 20.01 ? 541 ASN A CB  1 
ATOM   1310 C CG  . ASN A 1 164 ? -2.791  0.433   14.799  1.00 33.82 ? 541 ASN A CG  1 
ATOM   1311 O OD1 . ASN A 1 164 ? -3.346  0.144   15.868  1.00 31.09 ? 541 ASN A OD1 1 
ATOM   1312 N ND2 . ASN A 1 164 ? -1.765  1.258   14.735  1.00 27.56 ? 541 ASN A ND2 1 
ATOM   1313 N N   . LEU A 1 165 ? -2.846  -3.553  11.952  1.00 24.87 ? 542 LEU A N   1 
ATOM   1314 C CA  . LEU A 1 165 ? -3.431  -4.439  10.953  1.00 23.34 ? 542 LEU A CA  1 
ATOM   1315 C C   . LEU A 1 165 ? -4.395  -5.390  11.655  1.00 24.24 ? 542 LEU A C   1 
ATOM   1316 O O   . LEU A 1 165 ? -4.038  -6.001  12.654  1.00 27.05 ? 542 LEU A O   1 
ATOM   1317 C CB  . LEU A 1 165 ? -2.316  -5.249  10.295  1.00 19.69 ? 542 LEU A CB  1 
ATOM   1318 C CG  . LEU A 1 165 ? -2.182  -5.323  8.774   1.00 14.92 ? 542 LEU A CG  1 
ATOM   1319 C CD1 . LEU A 1 165 ? -2.389  -4.013  8.063   1.00 3.03  ? 542 LEU A CD1 1 
ATOM   1320 C CD2 . LEU A 1 165 ? -0.814  -5.828  8.499   1.00 8.66  ? 542 LEU A CD2 1 
ATOM   1321 N N   . THR A 1 166 ? -5.618  -5.518  11.153  1.00 22.62 ? 543 THR A N   1 
ATOM   1322 C CA  . THR A 1 166 ? -6.559  -6.442  11.785  1.00 24.55 ? 543 THR A CA  1 
ATOM   1323 C C   . THR A 1 166 ? -6.161  -7.884  11.529  1.00 26.93 ? 543 THR A C   1 
ATOM   1324 O O   . THR A 1 166 ? -5.410  -8.175  10.586  1.00 27.12 ? 543 THR A O   1 
ATOM   1325 C CB  . THR A 1 166 ? -8.024  -6.268  11.304  1.00 23.63 ? 543 THR A CB  1 
ATOM   1326 O OG1 . THR A 1 166 ? -8.181  -6.792  9.970   1.00 20.86 ? 543 THR A OG1 1 
ATOM   1327 C CG2 . THR A 1 166 ? -8.434  -4.820  11.368  1.00 21.87 ? 543 THR A CG2 1 
ATOM   1328 N N   . ARG A 1 167 ? -6.691  -8.783  12.362  1.00 29.24 ? 544 ARG A N   1 
ATOM   1329 C CA  . ARG A 1 167 ? -6.431  -10.215 12.238  1.00 27.96 ? 544 ARG A CA  1 
ATOM   1330 C C   . ARG A 1 167 ? -6.982  -10.771 10.910  1.00 26.04 ? 544 ARG A C   1 
ATOM   1331 O O   . ARG A 1 167 ? -6.395  -11.679 10.330  1.00 23.32 ? 544 ARG A O   1 
ATOM   1332 C CB  . ARG A 1 167 ? -6.965  -10.996 13.451  1.00 26.93 ? 544 ARG A CB  1 
ATOM   1333 C CG  . ARG A 1 167 ? -6.489  -12.455 13.478  1.00 49.48 ? 544 ARG A CG  1 
ATOM   1334 C CD  . ARG A 1 167 ? -4.956  -12.514 13.523  1.00 38.09 ? 544 ARG A CD  1 
ATOM   1335 N NE  . ARG A 1 167 ? -4.356  -13.691 12.876  1.00 38.19 ? 544 ARG A NE  1 
ATOM   1336 C CZ  . ARG A 1 167 ? -4.740  -14.955 13.049  1.00 38.97 ? 544 ARG A CZ  1 
ATOM   1337 N NH1 . ARG A 1 167 ? -5.765  -15.246 13.832  1.00 39.50 ? 544 ARG A NH1 1 
ATOM   1338 N NH2 . ARG A 1 167 ? -4.108  -15.936 12.421  1.00 40.32 ? 544 ARG A NH2 1 
ATOM   1339 N N   . GLU A 1 168 ? -8.084  -10.194 10.424  1.00 27.76 ? 545 GLU A N   1 
ATOM   1340 C CA  . GLU A 1 168 ? -8.674  -10.606 9.150   1.00 28.19 ? 545 GLU A CA  1 
ATOM   1341 C C   . GLU A 1 168 ? -7.802  -10.107 7.997   1.00 27.28 ? 545 GLU A C   1 
ATOM   1342 O O   . GLU A 1 168 ? -7.700  -10.775 6.962   1.00 26.05 ? 545 GLU A O   1 
ATOM   1343 C CB  . GLU A 1 168 ? -10.108 -10.088 8.984   1.00 27.72 ? 545 GLU A CB  1 
ATOM   1344 C CG  . GLU A 1 168 ? -10.878 -10.751 7.831   1.00 67.01 ? 545 GLU A CG  1 
ATOM   1345 C CD  . GLU A 1 168 ? -12.171 -10.009 7.439   1.00 90.00 ? 545 GLU A CD  1 
ATOM   1346 O OE1 . GLU A 1 168 ? -12.777 -9.336  8.306   1.00 83.33 ? 545 GLU A OE1 1 
ATOM   1347 O OE2 . GLU A 1 168 ? -12.613 -10.143 6.272   1.00 82.44 ? 545 GLU A OE2 1 
ATOM   1348 N N   . MET A 1 169 ? -7.178  -8.938  8.175   1.00 24.15 ? 546 MET A N   1 
ATOM   1349 C CA  . MET A 1 169 ? -6.292  -8.405  7.149   1.00 22.35 ? 546 MET A CA  1 
ATOM   1350 C C   . MET A 1 169 ? -4.996  -9.216  7.158   1.00 25.41 ? 546 MET A C   1 
ATOM   1351 O O   . MET A 1 169 ? -4.452  -9.527  6.108   1.00 26.45 ? 546 MET A O   1 
ATOM   1352 C CB  . MET A 1 169 ? -6.011  -6.925  7.359   1.00 23.79 ? 546 MET A CB  1 
ATOM   1353 C CG  . MET A 1 169 ? -5.747  -6.138  6.067   1.00 32.04 ? 546 MET A CG  1 
ATOM   1354 S SD  . MET A 1 169 ? -6.219  -6.887  4.425   1.00 35.90 ? 546 MET A SD  1 
ATOM   1355 C CE  . MET A 1 169 ? -7.937  -6.468  4.287   1.00 23.51 ? 546 MET A CE  1 
ATOM   1356 N N   . ILE A 1 170 ? -4.526  -9.595  8.342   1.00 26.34 ? 547 ILE A N   1 
ATOM   1357 C CA  . ILE A 1 170 ? -3.314  -10.411 8.440   1.00 26.53 ? 547 ILE A CA  1 
ATOM   1358 C C   . ILE A 1 170 ? -3.527  -11.773 7.788   1.00 25.33 ? 547 ILE A C   1 
ATOM   1359 O O   . ILE A 1 170 ? -2.646  -12.301 7.121   1.00 26.99 ? 547 ILE A O   1 
ATOM   1360 C CB  . ILE A 1 170 ? -2.862  -10.615 9.901   1.00 24.62 ? 547 ILE A CB  1 
ATOM   1361 C CG1 . ILE A 1 170 ? -2.151  -9.346  10.383  1.00 14.08 ? 547 ILE A CG1 1 
ATOM   1362 C CG2 . ILE A 1 170 ? -1.967  -11.855 9.999   1.00 9.88  ? 547 ILE A CG2 1 
ATOM   1363 C CD1 . ILE A 1 170 ? -1.949  -9.210  11.873  1.00 23.92 ? 547 ILE A CD1 1 
ATOM   1364 N N   . LYS A 1 171 ? -4.707  -12.341 7.976   1.00 24.23 ? 548 LYS A N   1 
ATOM   1365 C CA  . LYS A 1 171 ? -5.005  -13.622 7.367   1.00 21.39 ? 548 LYS A CA  1 
ATOM   1366 C C   . LYS A 1 171 ? -5.171  -13.507 5.853   1.00 21.29 ? 548 LYS A C   1 
ATOM   1367 O O   . LYS A 1 171 ? -4.949  -14.475 5.151   1.00 23.21 ? 548 LYS A O   1 
ATOM   1368 C CB  . LYS A 1 171 ? -6.235  -14.230 8.011   1.00 21.39 ? 548 LYS A CB  1 
ATOM   1369 C CG  . LYS A 1 171 ? -6.038  -14.515 9.488   1.00 6.72  ? 548 LYS A CG  1 
ATOM   1370 C CD  . LYS A 1 171 ? -6.367  -15.974 9.801   1.00 34.13 ? 548 LYS A CD  1 
ATOM   1371 C CE  . LYS A 1 171 ? -7.822  -16.074 10.108  1.00 53.85 ? 548 LYS A CE  1 
ATOM   1372 N NZ  . LYS A 1 171 ? -8.356  -14.677 10.178  1.00 31.92 ? 548 LYS A NZ  1 
ATOM   1373 N N   . HIS A 1 172 ? -5.537  -12.317 5.362   1.00 22.67 ? 549 HIS A N   1 
ATOM   1374 C CA  . HIS A 1 172 ? -5.719  -12.054 3.927   1.00 18.95 ? 549 HIS A CA  1 
ATOM   1375 C C   . HIS A 1 172 ? -4.370  -12.056 3.254   1.00 20.06 ? 549 HIS A C   1 
ATOM   1376 O O   . HIS A 1 172 ? -4.142  -12.788 2.286   1.00 21.46 ? 549 HIS A O   1 
ATOM   1377 C CB  . HIS A 1 172 ? -6.384  -10.679 3.687   1.00 15.39 ? 549 HIS A CB  1 
ATOM   1378 C CG  . HIS A 1 172 ? -6.521  -10.315 2.239   1.00 14.82 ? 549 HIS A CG  1 
ATOM   1379 N ND1 . HIS A 1 172 ? -7.194  -11.105 1.330   1.00 14.26 ? 549 HIS A ND1 1 
ATOM   1380 C CD2 . HIS A 1 172 ? -6.083  -9.237  1.543   1.00 16.20 ? 549 HIS A CD2 1 
ATOM   1381 C CE1 . HIS A 1 172 ? -7.170  -10.531 0.142   1.00 13.40 ? 549 HIS A CE1 1 
ATOM   1382 N NE2 . HIS A 1 172 ? -6.497  -9.397  0.240   1.00 12.85 ? 549 HIS A NE2 1 
ATOM   1383 N N   . LEU A 1 173 ? -3.475  -11.223 3.780   1.00 20.63 ? 550 LEU A N   1 
ATOM   1384 C CA  . LEU A 1 173 ? -2.113  -11.112 3.260   1.00 21.11 ? 550 LEU A CA  1 
ATOM   1385 C C   . LEU A 1 173 ? -1.371  -12.447 3.321   1.00 18.81 ? 550 LEU A C   1 
ATOM   1386 O O   . LEU A 1 173 ? -0.606  -12.769 2.427   1.00 20.60 ? 550 LEU A O   1 
ATOM   1387 C CB  . LEU A 1 173 ? -1.341  -10.022 3.994   1.00 21.84 ? 550 LEU A CB  1 
ATOM   1388 C CG  . LEU A 1 173 ? -1.926  -8.613  3.916   1.00 15.75 ? 550 LEU A CG  1 
ATOM   1389 C CD1 . LEU A 1 173 ? -1.103  -7.686  4.772   1.00 8.73  ? 550 LEU A CD1 1 
ATOM   1390 C CD2 . LEU A 1 173 ? -1.985  -8.114  2.469   1.00 7.61  ? 550 LEU A CD2 1 
ATOM   1391 N N   . GLU A 1 174 ? -1.631  -13.232 4.358   1.00 18.42 ? 551 GLU A N   1 
ATOM   1392 C CA  . GLU A 1 174 ? -1.039  -14.557 4.493   1.00 17.83 ? 551 GLU A CA  1 
ATOM   1393 C C   . GLU A 1 174 ? -1.677  -15.490 3.444   1.00 19.38 ? 551 GLU A C   1 
ATOM   1394 O O   . GLU A 1 174 ? -1.057  -16.435 2.961   1.00 20.51 ? 551 GLU A O   1 
ATOM   1395 C CB  . GLU A 1 174 ? -1.348  -15.109 5.875   1.00 19.11 ? 551 GLU A CB  1 
ATOM   1396 C CG  . GLU A 1 174 ? -0.601  -14.461 7.013   1.00 26.94 ? 551 GLU A CG  1 
ATOM   1397 C CD  . GLU A 1 174 ? -0.939  -15.120 8.330   1.00 36.38 ? 551 GLU A CD  1 
ATOM   1398 O OE1 . GLU A 1 174 ? -1.964  -15.845 8.402   1.00 34.59 ? 551 GLU A OE1 1 
ATOM   1399 O OE2 . GLU A 1 174 ? -0.143  -14.952 9.271   1.00 35.94 ? 551 GLU A OE2 1 
ATOM   1400 N N   . ARG A 1 175 ? -2.925  -15.216 3.098   1.00 19.34 ? 552 ARG A N   1 
ATOM   1401 C CA  . ARG A 1 175 ? -3.615  -15.995 2.087   1.00 24.19 ? 552 ARG A CA  1 
ATOM   1402 C C   . ARG A 1 175 ? -3.007  -15.689 0.718   1.00 24.27 ? 552 ARG A C   1 
ATOM   1403 O O   . ARG A 1 175 ? -2.747  -16.605 -0.061  1.00 29.62 ? 552 ARG A O   1 
ATOM   1404 C CB  . ARG A 1 175 ? -5.100  -15.659 2.069   1.00 27.08 ? 552 ARG A CB  1 
ATOM   1405 C CG  . ARG A 1 175 ? -5.996  -16.842 1.820   1.00 40.73 ? 552 ARG A CG  1 
ATOM   1406 C CD  . ARG A 1 175 ? -5.665  -17.590 0.528   1.00 57.27 ? 552 ARG A CD  1 
ATOM   1407 N NE  . ARG A 1 175 ? -6.500  -18.784 0.407   1.00 56.73 ? 552 ARG A NE  1 
ATOM   1408 C CZ  . ARG A 1 175 ? -6.031  -20.011 0.207   1.00 57.49 ? 552 ARG A CZ  1 
ATOM   1409 N NH1 . ARG A 1 175 ? -4.722  -20.217 0.074   1.00 56.61 ? 552 ARG A NH1 1 
ATOM   1410 N NH2 . ARG A 1 175 ? -6.874  -21.034 0.132   1.00 58.36 ? 552 ARG A NH2 1 
ATOM   1411 N N   . CYS A 1 176 ? -2.774  -14.412 0.420   1.00 18.94 ? 553 CYS A N   1 
ATOM   1412 C CA  . CYS A 1 176 ? -2.149  -14.042 -0.862  1.00 19.25 ? 553 CYS A CA  1 
ATOM   1413 C C   . CYS A 1 176 ? -0.807  -14.740 -0.951  1.00 18.50 ? 553 CYS A C   1 
ATOM   1414 O O   . CYS A 1 176 ? -0.401  -15.203 -2.011  1.00 20.64 ? 553 CYS A O   1 
ATOM   1415 C CB  . CYS A 1 176 ? -1.918  -12.529 -0.967  1.00 21.65 ? 553 CYS A CB  1 
ATOM   1416 S SG  . CYS A 1 176 ? -3.414  -11.510 -0.850  1.00 20.34 ? 553 CYS A SG  1 
ATOM   1417 N N   . GLU A 1 177 ? -0.114  -14.783 0.179   1.00 19.94 ? 554 GLU A N   1 
ATOM   1418 C CA  . GLU A 1 177 ? 1.174   -15.455 0.288   1.00 23.60 ? 554 GLU A CA  1 
ATOM   1419 C C   . GLU A 1 177 ? 1.034   -16.939 -0.100  1.00 23.45 ? 554 GLU A C   1 
ATOM   1420 O O   . GLU A 1 177 ? 1.773   -17.450 -0.941  1.00 22.94 ? 554 GLU A O   1 
ATOM   1421 C CB  . GLU A 1 177 ? 1.679   -15.342 1.729   1.00 25.64 ? 554 GLU A CB  1 
ATOM   1422 C CG  . GLU A 1 177 ? 3.153   -14.973 1.839   1.00 21.08 ? 554 GLU A CG  1 
ATOM   1423 C CD  . GLU A 1 177 ? 3.565   -14.604 3.242   1.00 58.99 ? 554 GLU A CD  1 
ATOM   1424 O OE1 . GLU A 1 177 ? 2.690   -14.586 4.140   1.00 46.57 ? 554 GLU A OE1 1 
ATOM   1425 O OE2 . GLU A 1 177 ? 4.764   -14.296 3.435   1.00 47.29 ? 554 GLU A OE2 1 
ATOM   1426 N N   . HIS A 1 178 ? 0.072   -17.621 0.517   1.00 21.54 ? 555 HIS A N   1 
ATOM   1427 C CA  . HIS A 1 178 ? -0.177  -19.016 0.227   1.00 19.23 ? 555 HIS A CA  1 
ATOM   1428 C C   . HIS A 1 178 ? -0.445  -19.230 -1.242  1.00 23.68 ? 555 HIS A C   1 
ATOM   1429 O O   . HIS A 1 178 ? 0.080   -20.162 -1.843  1.00 24.74 ? 555 HIS A O   1 
ATOM   1430 C CB  . HIS A 1 178 ? -1.381  -19.546 1.023   1.00 19.71 ? 555 HIS A CB  1 
ATOM   1431 C CG  . HIS A 1 178 ? -1.544  -21.030 0.916   1.00 41.47 ? 555 HIS A CG  1 
ATOM   1432 N ND1 . HIS A 1 178 ? -2.461  -21.619 0.073   1.00 42.19 ? 555 HIS A ND1 1 
ATOM   1433 C CD2 . HIS A 1 178 ? -0.856  -22.047 1.493   1.00 41.56 ? 555 HIS A CD2 1 
ATOM   1434 C CE1 . HIS A 1 178 ? -2.357  -22.934 0.164   1.00 42.63 ? 555 HIS A CE1 1 
ATOM   1435 N NE2 . HIS A 1 178 ? -1.391  -23.221 1.020   1.00 40.38 ? 555 HIS A NE2 1 
ATOM   1436 N N   . ARG A 1 179 ? -1.293  -18.376 -1.807  1.00 26.33 ? 556 ARG A N   1 
ATOM   1437 C CA  . ARG A 1 179 ? -1.662  -18.456 -3.213  1.00 25.88 ? 556 ARG A CA  1 
ATOM   1438 C C   . ARG A 1 179 ? -0.475  -18.242 -4.123  1.00 29.18 ? 556 ARG A C   1 
ATOM   1439 O O   . ARG A 1 179 ? -0.278  -18.991 -5.076  1.00 34.48 ? 556 ARG A O   1 
ATOM   1440 C CB  . ARG A 1 179 ? -2.780  -17.468 -3.544  1.00 25.64 ? 556 ARG A CB  1 
ATOM   1441 C CG  . ARG A 1 179 ? -3.851  -17.404 -2.466  1.00 24.96 ? 556 ARG A CG  1 
ATOM   1442 C CD  . ARG A 1 179 ? -5.239  -17.505 -3.032  1.00 48.43 ? 556 ARG A CD  1 
ATOM   1443 N NE  . ARG A 1 179 ? -5.552  -16.428 -3.963  1.00 49.52 ? 556 ARG A NE  1 
ATOM   1444 C CZ  . ARG A 1 179 ? -6.786  -16.158 -4.377  1.00 49.89 ? 556 ARG A CZ  1 
ATOM   1445 N NH1 . ARG A 1 179 ? -7.794  -16.879 -3.916  1.00 51.32 ? 556 ARG A NH1 1 
ATOM   1446 N NH2 . ARG A 1 179 ? -7.017  -15.182 -5.246  1.00 49.41 ? 556 ARG A NH2 1 
ATOM   1447 N N   . ILE A 1 180 ? 0.334   -17.230 -3.844  1.00 29.18 ? 557 ILE A N   1 
ATOM   1448 C CA  . ILE A 1 180 ? 1.507   -17.012 -4.684  1.00 26.92 ? 557 ILE A CA  1 
ATOM   1449 C C   . ILE A 1 180 ? 2.434   -18.210 -4.566  1.00 26.02 ? 557 ILE A C   1 
ATOM   1450 O O   . ILE A 1 180 ? 3.083   -18.582 -5.535  1.00 27.42 ? 557 ILE A O   1 
ATOM   1451 C CB  . ILE A 1 180 ? 2.281   -15.737 -4.323  1.00 27.39 ? 557 ILE A CB  1 
ATOM   1452 C CG1 . ILE A 1 180 ? 1.462   -14.490 -4.711  1.00 27.70 ? 557 ILE A CG1 1 
ATOM   1453 C CG2 . ILE A 1 180 ? 3.667   -15.750 -5.021  1.00 26.84 ? 557 ILE A CG2 1 
ATOM   1454 C CD1 . ILE A 1 180 ? 1.646   -13.277 -3.783  1.00 41.42 ? 557 ILE A CD1 1 
ATOM   1455 N N   . MET A 1 181 ? 2.477   -18.821 -3.382  1.00 24.42 ? 558 MET A N   1 
ATOM   1456 C CA  . MET A 1 181 ? 3.321   -19.981 -3.160  1.00 26.74 ? 558 MET A CA  1 
ATOM   1457 C C   . MET A 1 181 ? 2.945   -21.103 -4.109  1.00 26.98 ? 558 MET A C   1 
ATOM   1458 O O   . MET A 1 181 ? 3.791   -21.633 -4.836  1.00 23.14 ? 558 MET A O   1 
ATOM   1459 C CB  . MET A 1 181 ? 3.206   -20.479 -1.727  1.00 31.30 ? 558 MET A CB  1 
ATOM   1460 C CG  . MET A 1 181 ? 3.989   -21.777 -1.437  1.00 35.53 ? 558 MET A CG  1 
ATOM   1461 S SD  . MET A 1 181 ? 3.028   -23.305 -1.676  1.00 40.95 ? 558 MET A SD  1 
ATOM   1462 C CE  . MET A 1 181 ? 1.622   -23.088 -0.430  1.00 25.93 ? 558 MET A CE  1 
ATOM   1463 N N   . GLU A 1 182 ? 1.670   -21.477 -4.086  1.00 31.39 ? 559 GLU A N   1 
ATOM   1464 C CA  . GLU A 1 182 ? 1.185   -22.560 -4.938  1.00 33.73 ? 559 GLU A CA  1 
ATOM   1465 C C   . GLU A 1 182 ? 1.262   -22.204 -6.416  1.00 38.06 ? 559 GLU A C   1 
ATOM   1466 O O   . GLU A 1 182 ? 1.262   -23.078 -7.270  1.00 42.82 ? 559 GLU A O   1 
ATOM   1467 C CB  . GLU A 1 182 ? -0.203  -23.031 -4.501  1.00 29.92 ? 559 GLU A CB  1 
ATOM   1468 C CG  . GLU A 1 182 ? -0.323  -23.155 -2.969  1.00 53.31 ? 559 GLU A CG  1 
ATOM   1469 C CD  . GLU A 1 182 ? -1.257  -24.260 -2.497  1.00 90.00 ? 559 GLU A CD  1 
ATOM   1470 O OE1 . GLU A 1 182 ? -2.488  -24.022 -2.484  1.00 66.49 ? 559 GLU A OE1 1 
ATOM   1471 O OE2 . GLU A 1 182 ? -0.752  -25.296 -1.996  1.00 65.77 ? 559 GLU A OE2 1 
ATOM   1472 N N   . SER A 1 183 ? 1.388   -20.921 -6.721  1.00 37.78 ? 560 SER A N   1 
ATOM   1473 C CA  . SER A 1 183 ? 1.519   -20.507 -8.105  1.00 39.38 ? 560 SER A CA  1 
ATOM   1474 C C   . SER A 1 183 ? 2.996   -20.630 -8.504  1.00 45.64 ? 560 SER A C   1 
ATOM   1475 O O   . SER A 1 183 ? 3.355   -20.481 -9.675  1.00 47.10 ? 560 SER A O   1 
ATOM   1476 C CB  . SER A 1 183 ? 1.023   -19.065 -8.282  1.00 36.03 ? 560 SER A CB  1 
ATOM   1477 O OG  . SER A 1 183 ? 2.107   -18.142 -8.343  1.00 38.10 ? 560 SER A OG  1 
ATOM   1478 N N   . LEU A 1 184 ? 3.852   -20.889 -7.518  1.00 48.93 ? 561 LEU A N   1 
ATOM   1479 C CA  . LEU A 1 184 ? 5.286   -21.015 -7.764  1.00 53.38 ? 561 LEU A CA  1 
ATOM   1480 C C   . LEU A 1 184 ? 5.603   -22.438 -8.130  1.00 58.67 ? 561 LEU A C   1 
ATOM   1481 O O   . LEU A 1 184 ? 6.309   -22.703 -9.102  1.00 58.89 ? 561 LEU A O   1 
ATOM   1482 C CB  . LEU A 1 184 ? 6.098   -20.716 -6.489  1.00 52.97 ? 561 LEU A CB  1 
ATOM   1483 C CG  . LEU A 1 184 ? 6.235   -19.342 -5.822  1.00 69.34 ? 561 LEU A CG  1 
ATOM   1484 C CD1 . LEU A 1 184 ? 7.526   -19.277 -5.040  1.00 42.78 ? 561 LEU A CD1 1 
ATOM   1485 C CD2 . LEU A 1 184 ? 6.143   -18.172 -6.785  1.00 42.35 ? 561 LEU A CD2 1 
ATOM   1486 N N   . ALA A 1 185 ? 5.106   -23.354 -7.309  1.00 64.95 ? 562 ALA A N   1 
ATOM   1487 C CA  . ALA A 1 185 ? 5.427   -24.749 -7.503  1.00 70.49 ? 562 ALA A CA  1 
ATOM   1488 C C   . ALA A 1 185 ? 4.409   -25.742 -6.962  1.00 72.87 ? 562 ALA A C   1 
ATOM   1489 O O   . ALA A 1 185 ? 3.676   -25.378 -6.002  1.00 72.71 ? 562 ALA A O   1 
ATOM   1490 C CB  . ALA A 1 185 ? 6.770   -25.001 -6.895  1.00 74.39 ? 562 ALA A CB  1 
ATOM   1491 O OXT . ALA A 1 185 ? 4.465   -26.894 -7.456  1.00 74.02 ? 562 ALA A OXT 1 
HETATM 1492 O O   . HOH B 2 .   ? 6.826   -12.356 2.814   1.00 19.26 ? 1   HOH A O   1 
HETATM 1493 O O   . HOH B 2 .   ? -10.160 -8.871  -8.567  1.00 25.80 ? 2   HOH A O   1 
HETATM 1494 O O   . HOH B 2 .   ? 3.203   1.302   10.048  1.00 41.61 ? 3   HOH A O   1 
HETATM 1495 O O   . HOH B 2 .   ? -6.106  -5.434  -13.042 1.00 22.81 ? 4   HOH A O   1 
HETATM 1496 O O   . HOH B 2 .   ? 4.142   14.831  -7.116  1.00 41.24 ? 5   HOH A O   1 
HETATM 1497 O O   . HOH B 2 .   ? 1.779   -1.003  -14.465 1.00 40.63 ? 6   HOH A O   1 
HETATM 1498 O O   . HOH B 2 .   ? 12.467  5.627   -5.140  1.00 16.25 ? 7   HOH A O   1 
HETATM 1499 O O   . HOH B 2 .   ? -10.291 9.589   10.990  1.00 30.55 ? 8   HOH A O   1 
HETATM 1500 O O   . HOH B 2 .   ? -9.961  -2.419  14.585  1.00 46.48 ? 9   HOH A O   1 
HETATM 1501 O O   . HOH B 2 .   ? -1.726  10.785  -9.785  1.00 24.67 ? 10  HOH A O   1 
HETATM 1502 O O   . HOH B 2 .   ? 12.973  2.947   16.880  1.00 31.02 ? 11  HOH A O   1 
HETATM 1503 O O   . HOH B 2 .   ? 1.159   -8.274  -14.011 1.00 41.71 ? 12  HOH A O   1 
HETATM 1504 O O   . HOH B 2 .   ? 6.193   -14.588 -9.411  1.00 31.98 ? 13  HOH A O   1 
HETATM 1505 O O   . HOH B 2 .   ? -5.775  -6.148  -5.541  1.00 15.16 ? 14  HOH A O   1 
HETATM 1506 O O   . HOH B 2 .   ? 18.305  8.810   8.250   1.00 31.19 ? 15  HOH A O   1 
HETATM 1507 O O   . HOH B 2 .   ? 19.353  -7.834  12.323  1.00 46.02 ? 16  HOH A O   1 
HETATM 1508 O O   . HOH B 2 .   ? -1.944  10.376  -7.104  1.00 38.67 ? 17  HOH A O   1 
HETATM 1509 O O   . HOH B 2 .   ? 7.279   5.794   -5.049  1.00 10.88 ? 18  HOH A O   1 
HETATM 1510 O O   . HOH B 2 .   ? -10.744 -13.659 8.770   1.00 46.37 ? 19  HOH A O   1 
HETATM 1511 O O   . HOH B 2 .   ? 17.683  14.332  7.711   1.00 31.75 ? 20  HOH A O   1 
HETATM 1512 O O   . HOH B 2 .   ? 4.712   9.685   6.414   1.00 20.29 ? 21  HOH A O   1 
HETATM 1513 O O   . HOH B 2 .   ? -5.681  8.715   -17.179 1.00 49.92 ? 22  HOH A O   1 
HETATM 1514 O O   . HOH B 2 .   ? 10.849  13.054  -11.671 1.00 22.65 ? 23  HOH A O   1 
HETATM 1515 O O   . HOH B 2 .   ? -5.512  -2.118  15.940  1.00 42.27 ? 24  HOH A O   1 
HETATM 1516 O O   . HOH B 2 .   ? 5.042   5.389   10.726  1.00 23.33 ? 25  HOH A O   1 
HETATM 1517 O O   . HOH B 2 .   ? 17.131  -3.023  4.406   1.00 39.95 ? 26  HOH A O   1 
HETATM 1518 O O   . HOH B 2 .   ? 9.069   -9.324  3.819   1.00 8.88  ? 27  HOH A O   1 
HETATM 1519 O O   . HOH B 2 .   ? 8.699   -2.926  11.572  1.00 42.14 ? 28  HOH A O   1 
HETATM 1520 O O   . HOH B 2 .   ? 3.106   11.973  -2.657  1.00 29.99 ? 29  HOH A O   1 
HETATM 1521 O O   . HOH B 2 .   ? 0.684   -6.538  11.932  1.00 24.60 ? 30  HOH A O   1 
HETATM 1522 O O   . HOH B 2 .   ? -10.433 3.373   -17.876 1.00 24.45 ? 31  HOH A O   1 
HETATM 1523 O O   . HOH B 2 .   ? 0.242   11.902  -6.359  1.00 42.91 ? 32  HOH A O   1 
HETATM 1524 O O   . HOH B 2 .   ? -10.855 -9.189  11.861  1.00 35.33 ? 33  HOH A O   1 
HETATM 1525 O O   . HOH B 2 .   ? 9.363   -4.484  9.195   1.00 24.64 ? 34  HOH A O   1 
HETATM 1526 O O   . HOH B 2 .   ? -2.096  13.294  -9.505  1.00 39.52 ? 35  HOH A O   1 
HETATM 1527 O O   . HOH B 2 .   ? -1.605  -6.637  14.158  1.00 43.56 ? 36  HOH A O   1 
HETATM 1528 O O   . HOH B 2 .   ? 3.416   -12.674 -11.648 1.00 35.34 ? 37  HOH A O   1 
HETATM 1529 O O   . HOH B 2 .   ? 19.969  14.644  -0.132  1.00 56.85 ? 38  HOH A O   1 
HETATM 1530 O O   . HOH B 2 .   ? 11.425  2.864   -13.160 1.00 33.67 ? 39  HOH A O   1 
HETATM 1531 O O   . HOH B 2 .   ? 15.297  3.625   14.780  1.00 30.92 ? 40  HOH A O   1 
HETATM 1532 O O   . HOH B 2 .   ? -4.317  -17.268 6.069   1.00 34.95 ? 41  HOH A O   1 
HETATM 1533 O O   . HOH B 2 .   ? 18.556  1.318   -5.560  1.00 39.74 ? 43  HOH A O   1 
HETATM 1534 O O   . HOH B 2 .   ? 9.702   7.629   -10.231 1.00 21.19 ? 44  HOH A O   1 
HETATM 1535 O O   . HOH B 2 .   ? -20.728 -1.195  15.597  1.00 36.38 ? 45  HOH A O   1 
HETATM 1536 O O   . HOH B 2 .   ? 21.312  15.553  5.030   1.00 34.56 ? 46  HOH A O   1 
HETATM 1537 O O   . HOH B 2 .   ? -4.229  -20.298 2.920   1.00 51.19 ? 47  HOH A O   1 
HETATM 1538 O O   . HOH B 2 .   ? 3.203   12.036  -5.592  1.00 24.10 ? 48  HOH A O   1 
HETATM 1539 O O   . HOH B 2 .   ? 22.106  1.906   1.139   1.00 31.00 ? 49  HOH A O   1 
HETATM 1540 O O   . HOH B 2 .   ? 0.405   8.556   5.509   1.00 26.83 ? 50  HOH A O   1 
HETATM 1541 O O   . HOH B 2 .   ? 1.159   -4.603  -17.978 1.00 50.62 ? 51  HOH A O   1 
HETATM 1542 O O   . HOH B 2 .   ? 13.630  -4.542  -3.317  1.00 33.50 ? 52  HOH A O   1 
HETATM 1543 O O   . HOH B 2 .   ? 0.418   14.511  -15.374 1.00 32.31 ? 53  HOH A O   1 
HETATM 1544 O O   . HOH B 2 .   ? -1.562  -10.935 -11.614 1.00 45.49 ? 54  HOH A O   1 
HETATM 1545 O O   . HOH B 2 .   ? 14.790  10.840  -6.471  1.00 33.67 ? 55  HOH A O   1 
HETATM 1546 O O   . HOH B 2 .   ? -9.778  -7.937  5.782   1.00 54.81 ? 56  HOH A O   1 
HETATM 1547 O O   . HOH B 2 .   ? 22.399  4.803   -3.501  1.00 50.40 ? 57  HOH A O   1 
HETATM 1548 O O   . HOH B 2 .   ? 19.764  0.962   1.645   1.00 26.14 ? 58  HOH A O   1 
HETATM 1549 O O   . HOH B 2 .   ? 4.740   -2.033  14.205  1.00 26.28 ? 59  HOH A O   1 
HETATM 1550 O O   . HOH B 2 .   ? 2.583   11.719  6.232   1.00 43.82 ? 60  HOH A O   1 
HETATM 1551 O O   . HOH B 2 .   ? -6.543  -3.657  8.482   1.00 26.31 ? 61  HOH A O   1 
HETATM 1552 O O   . HOH B 2 .   ? 3.985   3.634   11.712  1.00 51.01 ? 62  HOH A O   1 
HETATM 1553 O O   . HOH B 2 .   ? -3.612  10.279  10.934  1.00 32.95 ? 63  HOH A O   1 
HETATM 1554 O O   . HOH B 2 .   ? 21.406  5.717   13.910  1.00 27.33 ? 64  HOH A O   1 
HETATM 1555 O O   . HOH B 2 .   ? 17.846  -2.971  -1.408  1.00 27.79 ? 65  HOH A O   1 
HETATM 1556 O O   . HOH B 2 .   ? 20.544  13.657  -4.889  1.00 42.75 ? 66  HOH A O   1 
HETATM 1557 O O   . HOH B 2 .   ? -23.847 -0.555  18.266  1.00 31.77 ? 67  HOH A O   1 
HETATM 1558 O O   . HOH B 2 .   ? 15.372  0.122   -8.801  1.00 26.18 ? 68  HOH A O   1 
HETATM 1559 O O   . HOH B 2 .   ? -7.283  -2.029  12.698  1.00 42.06 ? 69  HOH A O   1 
HETATM 1560 O O   . HOH B 2 .   ? -5.791  9.907   -5.591  1.00 36.66 ? 70  HOH A O   1 
HETATM 1561 O O   . HOH B 2 .   ? 8.068   -6.855  -10.094 1.00 30.89 ? 71  HOH A O   1 
HETATM 1562 O O   . HOH B 2 .   ? -8.634  -11.952 -3.484  1.00 38.30 ? 72  HOH A O   1 
HETATM 1563 O O   . HOH B 2 .   ? 8.915   1.130   13.078  1.00 46.74 ? 73  HOH A O   1 
HETATM 1564 O O   . HOH B 2 .   ? 2.880   -3.591  16.080  1.00 45.07 ? 74  HOH A O   1 
HETATM 1565 O O   . HOH B 2 .   ? 18.770  -2.111  -5.496  1.00 37.44 ? 75  HOH A O   1 
HETATM 1566 O O   . HOH B 2 .   ? 14.241  -4.635  13.978  1.00 44.32 ? 76  HOH A O   1 
HETATM 1567 O O   . HOH B 2 .   ? 2.829   -0.424  13.910  1.00 34.95 ? 77  HOH A O   1 
# 
